data_3UZB
#
_entry.id   3UZB
#
_cell.length_a   56.110
_cell.length_b   172.580
_cell.length_c   80.080
_cell.angle_alpha   90.00
_cell.angle_beta   108.19
_cell.angle_gamma   90.00
#
_symmetry.space_group_name_H-M   'P 1 21 1'
#
loop_
_entity.id
_entity.type
_entity.pdbx_description
1 polymer 'Branched-chain-amino-acid aminotransferase'
2 non-polymer "PYRIDOXAL-5'-PHOSPHATE"
3 non-polymer '2-OXO-4-METHYLPENTANOIC ACID'
4 water water
#
_entity_poly.entity_id   1
_entity_poly.type   'polypeptide(L)'
_entity_poly.pdbx_seq_one_letter_code
;MRLTILGMTAHDSRPEQAKKLADIDWSTLGFSYIRTDLRYLAHWKDGEWDAGTLTEDNQIHLAEGSTALHYGQQCFEGLK
AYRCADGSINLFRPDQNAARMRMSCRRLLMPELSDEQFIDACLQVVRANEHFLPPYGTGGSLYLRPFVIGVGDNIGVRTA
PEFIFSVFCVPVGPYFKGGLTPTNFITSDYDRAAPHGTGAAKVGGNYAASLLPGYEAKKRDFADVIYLDPATHTTIEEAG
AANFFAITQDGQKFVTPQSPSILPSITKYSLLWLAEHRLGLEVEEGDIRIDELGKFSEAGACGTAAVITPIGGIQHGDDF
HVFYSESEPGPVTRRLYDELVGIQYGDKEAPEGWIVKV
;
_entity_poly.pdbx_strand_id   A,B,C,D
#
loop_
_chem_comp.id
_chem_comp.type
_chem_comp.name
_chem_comp.formula
COI non-polymer '2-OXO-4-METHYLPENTANOIC ACID' 'C6 H10 O3'
PLP non-polymer PYRIDOXAL-5'-PHOSPHATE 'C8 H10 N O6 P'
#
# COMPACT_ATOMS: atom_id res chain seq x y z
N ILE A 24 -15.36 13.14 42.51
CA ILE A 24 -16.20 14.10 43.29
C ILE A 24 -15.58 15.49 43.33
N ASP A 25 -14.30 15.56 43.68
CA ASP A 25 -13.61 16.85 43.75
C ASP A 25 -12.68 17.02 42.57
N TRP A 26 -13.12 17.77 41.59
CA TRP A 26 -12.37 18.02 40.37
C TRP A 26 -11.10 18.82 40.61
N SER A 27 -10.95 19.36 41.83
CA SER A 27 -9.78 20.15 42.17
C SER A 27 -8.53 19.29 42.04
N THR A 28 -8.43 18.30 42.92
CA THR A 28 -7.29 17.38 42.96
C THR A 28 -7.41 16.23 41.98
N LEU A 29 -8.15 16.42 40.90
CA LEU A 29 -8.32 15.35 39.92
C LEU A 29 -7.09 15.18 39.03
N GLY A 30 -6.58 13.96 38.94
CA GLY A 30 -5.43 13.71 38.10
C GLY A 30 -5.76 12.67 37.04
N PHE A 31 -4.74 12.12 36.38
CA PHE A 31 -4.99 11.10 35.37
C PHE A 31 -4.81 9.71 35.99
N SER A 32 -5.62 9.43 36.99
CA SER A 32 -5.59 8.17 37.68
C SER A 32 -6.90 7.47 37.37
N TYR A 33 -7.03 6.22 37.81
CA TYR A 33 -8.24 5.45 37.56
C TYR A 33 -9.30 5.74 38.61
N ILE A 34 -10.57 5.64 38.20
CA ILE A 34 -11.73 5.83 39.07
C ILE A 34 -12.88 4.98 38.52
N ARG A 35 -13.58 4.25 39.38
CA ARG A 35 -14.66 3.41 38.91
C ARG A 35 -15.94 4.16 38.70
N THR A 36 -16.36 4.18 37.44
CA THR A 36 -17.58 4.86 37.06
C THR A 36 -18.73 3.87 36.92
N ASP A 37 -19.92 4.32 37.29
CA ASP A 37 -21.14 3.53 37.24
C ASP A 37 -21.25 2.41 36.20
N LEU A 38 -21.32 2.79 34.93
CA LEU A 38 -21.49 1.81 33.88
C LEU A 38 -20.52 1.90 32.72
N ARG A 39 -20.34 0.78 32.03
CA ARG A 39 -19.47 0.72 30.88
C ARG A 39 -20.15 -0.14 29.82
N TYR A 40 -19.73 0.05 28.56
CA TYR A 40 -20.26 -0.68 27.42
C TYR A 40 -19.43 -1.95 27.17
N LEU A 41 -20.11 -3.03 26.81
CA LEU A 41 -19.45 -4.30 26.55
C LEU A 41 -20.10 -5.04 25.38
N ALA A 42 -19.29 -5.75 24.58
CA ALA A 42 -19.80 -6.50 23.45
C ALA A 42 -18.82 -7.60 23.03
N HIS A 43 -19.38 -8.72 22.57
CA HIS A 43 -18.59 -9.90 22.13
C HIS A 43 -18.68 -10.16 20.62
N TRP A 44 -17.61 -10.72 20.07
CA TRP A 44 -17.54 -11.08 18.64
C TRP A 44 -17.15 -12.55 18.65
N LYS A 45 -18.10 -13.38 18.23
CA LYS A 45 -17.90 -14.81 18.20
C LYS A 45 -18.60 -15.32 16.96
N ASP A 46 -18.00 -16.30 16.29
CA ASP A 46 -18.60 -16.85 15.09
C ASP A 46 -18.83 -15.83 13.95
N GLY A 47 -17.88 -14.91 13.78
CA GLY A 47 -17.98 -13.93 12.71
C GLY A 47 -18.70 -12.61 12.90
N GLU A 48 -19.11 -12.26 14.12
CA GLU A 48 -19.83 -10.99 14.28
C GLU A 48 -19.96 -10.47 15.70
N TRP A 49 -20.20 -9.15 15.80
CA TRP A 49 -20.38 -8.49 17.10
C TRP A 49 -21.84 -8.51 17.56
N ASP A 50 -22.06 -8.70 18.85
CA ASP A 50 -23.40 -8.71 19.39
C ASP A 50 -23.87 -7.26 19.38
N ALA A 51 -25.14 -7.02 19.72
CA ALA A 51 -25.68 -5.67 19.71
C ALA A 51 -24.89 -4.73 20.62
N GLY A 52 -24.45 -5.27 21.75
CA GLY A 52 -23.70 -4.50 22.71
C GLY A 52 -24.60 -4.02 23.83
N THR A 53 -24.05 -3.92 25.04
CA THR A 53 -24.85 -3.48 26.17
C THR A 53 -24.02 -2.86 27.28
N LEU A 54 -24.67 -2.05 28.11
CA LEU A 54 -23.99 -1.43 29.23
C LEU A 54 -24.09 -2.38 30.43
N THR A 55 -22.97 -2.59 31.11
CA THR A 55 -22.91 -3.46 32.27
C THR A 55 -22.24 -2.71 33.41
N GLU A 56 -22.11 -3.36 34.57
CA GLU A 56 -21.50 -2.74 35.74
C GLU A 56 -20.33 -3.57 36.26
N ASP A 57 -20.10 -4.72 35.63
CA ASP A 57 -19.06 -5.67 36.02
C ASP A 57 -17.66 -5.20 36.41
N ASN A 58 -17.11 -4.20 35.72
CA ASN A 58 -15.79 -3.66 36.06
C ASN A 58 -14.63 -4.63 35.80
N GLN A 59 -14.90 -5.92 35.95
CA GLN A 59 -13.89 -6.94 35.75
C GLN A 59 -14.12 -7.55 34.38
N ILE A 60 -13.05 -8.02 33.74
CA ILE A 60 -13.16 -8.66 32.45
C ILE A 60 -12.93 -10.15 32.67
N HIS A 61 -13.62 -11.00 31.93
CA HIS A 61 -13.47 -12.43 32.08
C HIS A 61 -13.03 -13.07 30.77
N LEU A 62 -11.90 -13.75 30.78
CA LEU A 62 -11.42 -14.38 29.55
C LEU A 62 -10.63 -15.64 29.84
N ALA A 63 -10.57 -16.53 28.83
CA ALA A 63 -9.85 -17.79 28.96
C ALA A 63 -8.44 -17.62 29.50
N GLU A 64 -7.91 -18.68 30.09
CA GLU A 64 -6.56 -18.62 30.64
C GLU A 64 -5.56 -18.72 29.50
N GLY A 65 -6.05 -18.97 28.29
CA GLY A 65 -5.17 -19.10 27.15
C GLY A 65 -5.33 -17.97 26.15
N SER A 66 -6.25 -17.05 26.46
CA SER A 66 -6.54 -15.89 25.63
C SER A 66 -5.35 -15.25 24.95
N THR A 67 -5.50 -14.98 23.67
CA THR A 67 -4.46 -14.35 22.89
C THR A 67 -4.19 -12.94 23.42
N ALA A 68 -5.16 -12.37 24.12
CA ALA A 68 -5.02 -11.05 24.67
C ALA A 68 -3.96 -11.04 25.76
N LEU A 69 -3.81 -12.17 26.43
CA LEU A 69 -2.87 -12.28 27.52
C LEU A 69 -1.48 -12.79 27.14
N HIS A 70 -1.42 -13.79 26.25
CA HIS A 70 -0.11 -14.34 25.89
C HIS A 70 0.60 -13.69 24.73
N TYR A 71 -0.06 -13.65 23.59
CA TYR A 71 0.53 -13.09 22.39
C TYR A 71 0.40 -11.59 22.19
N GLY A 72 -0.14 -10.91 23.19
CA GLY A 72 -0.28 -9.47 23.13
C GLY A 72 -1.20 -8.94 22.07
N GLN A 73 -2.29 -9.67 21.80
CA GLN A 73 -3.23 -9.20 20.79
C GLN A 73 -4.25 -8.29 21.49
N GLN A 74 -3.90 -7.02 21.49
CA GLN A 74 -4.72 -6.00 22.11
C GLN A 74 -4.48 -4.68 21.37
N CYS A 75 -5.46 -3.78 21.43
CA CYS A 75 -5.38 -2.46 20.77
C CYS A 75 -6.36 -1.57 21.52
N PHE A 76 -6.26 -0.26 21.35
CA PHE A 76 -7.15 0.63 22.08
C PHE A 76 -7.06 2.08 21.64
N GLU A 77 -7.95 2.89 22.19
CA GLU A 77 -8.01 4.30 21.88
C GLU A 77 -8.09 5.15 23.15
N GLY A 78 -8.06 6.46 22.95
CA GLY A 78 -8.15 7.41 24.04
C GLY A 78 -8.76 8.68 23.47
N LEU A 79 -10.00 8.96 23.86
CA LEU A 79 -10.69 10.15 23.37
C LEU A 79 -11.33 10.80 24.58
N LYS A 80 -11.72 12.07 24.47
CA LYS A 80 -12.36 12.73 25.61
C LYS A 80 -13.73 13.33 25.33
N ALA A 81 -14.35 13.78 26.40
CA ALA A 81 -15.67 14.39 26.38
C ALA A 81 -15.53 15.55 27.34
N TYR A 82 -15.99 16.72 26.92
CA TYR A 82 -15.87 17.92 27.74
C TYR A 82 -17.21 18.60 27.96
N ARG A 83 -17.30 19.37 29.04
CA ARG A 83 -18.55 20.07 29.33
C ARG A 83 -18.40 21.55 29.00
N CYS A 84 -19.32 22.07 28.19
CA CYS A 84 -19.28 23.47 27.77
C CYS A 84 -19.94 24.38 28.79
N ALA A 85 -19.79 25.68 28.57
CA ALA A 85 -20.37 26.68 29.45
C ALA A 85 -21.83 26.88 29.08
N ASP A 86 -22.30 26.19 28.05
CA ASP A 86 -23.70 26.31 27.62
C ASP A 86 -24.55 25.22 28.23
N GLY A 87 -23.90 24.09 28.54
CA GLY A 87 -24.60 22.96 29.13
C GLY A 87 -24.38 21.72 28.30
N SER A 88 -24.10 21.93 27.01
CA SER A 88 -23.88 20.83 26.07
C SER A 88 -22.57 20.08 26.36
N ILE A 89 -22.48 18.87 25.83
CA ILE A 89 -21.31 18.05 26.02
C ILE A 89 -20.62 17.87 24.67
N ASN A 90 -19.31 18.06 24.64
CA ASN A 90 -18.55 17.93 23.41
C ASN A 90 -17.73 16.66 23.29
N LEU A 91 -17.64 16.16 22.07
CA LEU A 91 -16.85 14.97 21.77
C LEU A 91 -15.87 15.47 20.67
N PHE A 92 -14.57 15.28 20.88
CA PHE A 92 -13.56 15.78 19.93
C PHE A 92 -13.10 14.80 18.86
N ARG A 93 -13.69 14.94 17.68
CA ARG A 93 -13.37 14.13 16.51
C ARG A 93 -13.44 12.61 16.74
N PRO A 94 -14.57 12.13 17.30
CA PRO A 94 -14.70 10.69 17.54
C PRO A 94 -14.42 9.88 16.28
N ASP A 95 -14.88 10.40 15.15
CA ASP A 95 -14.72 9.75 13.88
C ASP A 95 -13.27 9.38 13.52
N GLN A 96 -12.32 10.14 14.05
CA GLN A 96 -10.90 9.89 13.78
C GLN A 96 -10.36 8.75 14.64
N ASN A 97 -10.97 8.59 15.82
CA ASN A 97 -10.57 7.55 16.74
C ASN A 97 -11.07 6.22 16.20
N ALA A 98 -12.36 6.17 15.86
CA ALA A 98 -12.96 4.96 15.30
C ALA A 98 -12.13 4.55 14.09
N ALA A 99 -11.85 5.52 13.26
CA ALA A 99 -11.06 5.31 12.07
C ALA A 99 -9.74 4.57 12.33
N ARG A 100 -8.91 5.16 13.17
CA ARG A 100 -7.58 4.63 13.51
C ARG A 100 -7.56 3.25 14.16
N MET A 101 -8.56 2.95 14.98
CA MET A 101 -8.60 1.66 15.65
C MET A 101 -8.76 0.57 14.61
N ARG A 102 -9.52 0.87 13.57
CA ARG A 102 -9.75 -0.05 12.48
C ARG A 102 -8.37 -0.42 11.95
N MET A 103 -7.46 0.56 12.00
CA MET A 103 -6.08 0.40 11.54
C MET A 103 -5.31 -0.52 12.48
N SER A 104 -5.52 -0.32 13.79
CA SER A 104 -4.88 -1.16 14.80
C SER A 104 -5.43 -2.56 14.60
N CYS A 105 -6.75 -2.71 14.74
CA CYS A 105 -7.41 -3.99 14.59
C CYS A 105 -6.84 -4.80 13.42
N ARG A 106 -6.59 -4.12 12.30
CA ARG A 106 -6.05 -4.80 11.13
C ARG A 106 -4.72 -5.41 11.45
N ARG A 107 -3.77 -4.54 11.82
CA ARG A 107 -2.41 -4.96 12.12
C ARG A 107 -2.29 -6.19 13.01
N LEU A 108 -3.35 -6.50 13.75
CA LEU A 108 -3.31 -7.65 14.65
C LEU A 108 -4.41 -8.69 14.38
N LEU A 109 -4.84 -8.75 13.12
CA LEU A 109 -5.88 -9.69 12.68
C LEU A 109 -7.02 -9.72 13.66
N MET A 110 -7.61 -8.56 13.89
CA MET A 110 -8.74 -8.43 14.81
C MET A 110 -9.92 -7.84 14.07
N PRO A 111 -11.14 -8.27 14.41
CA PRO A 111 -12.31 -7.70 13.72
C PRO A 111 -12.41 -6.22 14.00
N GLU A 112 -12.77 -5.44 12.98
CA GLU A 112 -12.90 -3.98 13.11
C GLU A 112 -14.31 -3.58 13.51
N LEU A 113 -14.48 -2.34 13.95
CA LEU A 113 -15.79 -1.86 14.33
C LEU A 113 -16.12 -0.61 13.53
N SER A 114 -17.38 -0.51 13.11
CA SER A 114 -17.85 0.61 12.31
C SER A 114 -17.91 1.88 13.14
N ASP A 115 -18.04 3.04 12.49
CA ASP A 115 -18.13 4.30 13.21
C ASP A 115 -19.46 4.40 13.95
N GLU A 116 -20.33 3.44 13.68
CA GLU A 116 -21.63 3.39 14.32
C GLU A 116 -21.51 2.72 15.69
N GLN A 117 -21.00 1.49 15.70
CA GLN A 117 -20.85 0.75 16.94
C GLN A 117 -19.90 1.46 17.90
N PHE A 118 -19.01 2.28 17.35
CA PHE A 118 -18.02 3.00 18.14
C PHE A 118 -18.59 4.25 18.79
N ILE A 119 -18.88 5.25 17.98
CA ILE A 119 -19.44 6.49 18.48
C ILE A 119 -20.60 6.14 19.41
N ASP A 120 -21.41 5.17 18.99
CA ASP A 120 -22.57 4.75 19.78
C ASP A 120 -22.12 4.29 21.17
N ALA A 121 -21.12 3.42 21.20
CA ALA A 121 -20.60 2.95 22.47
C ALA A 121 -20.29 4.19 23.30
N CYS A 122 -19.29 4.97 22.89
CA CYS A 122 -18.87 6.18 23.57
C CYS A 122 -20.03 7.02 24.08
N LEU A 123 -21.08 7.12 23.28
CA LEU A 123 -22.24 7.91 23.68
C LEU A 123 -23.02 7.25 24.80
N GLN A 124 -23.16 5.92 24.76
CA GLN A 124 -23.88 5.22 25.80
C GLN A 124 -23.06 5.32 27.09
N VAL A 125 -21.75 5.14 26.96
CA VAL A 125 -20.84 5.20 28.12
C VAL A 125 -20.59 6.59 28.70
N VAL A 126 -21.08 7.63 28.03
CA VAL A 126 -20.93 8.99 28.55
C VAL A 126 -22.29 9.34 29.15
N ARG A 127 -23.35 9.11 28.39
CA ARG A 127 -24.71 9.39 28.85
C ARG A 127 -25.02 8.73 30.18
N ALA A 128 -24.63 7.47 30.31
CA ALA A 128 -24.87 6.76 31.55
C ALA A 128 -24.03 7.32 32.69
N ASN A 129 -22.77 7.66 32.40
CA ASN A 129 -21.85 8.20 33.39
C ASN A 129 -21.75 9.72 33.37
N GLU A 130 -22.73 10.38 32.75
CA GLU A 130 -22.69 11.83 32.64
C GLU A 130 -22.42 12.57 33.94
N HIS A 131 -22.87 12.02 35.06
CA HIS A 131 -22.61 12.69 36.33
C HIS A 131 -21.13 12.68 36.72
N PHE A 132 -20.31 11.92 35.98
CA PHE A 132 -18.87 11.85 36.25
C PHE A 132 -18.07 12.81 35.38
N LEU A 133 -18.78 13.61 34.59
CA LEU A 133 -18.13 14.57 33.70
C LEU A 133 -17.79 15.84 34.46
N PRO A 134 -16.52 16.25 34.47
CA PRO A 134 -16.16 17.49 35.18
C PRO A 134 -16.91 18.68 34.58
N PRO A 135 -17.48 19.54 35.42
CA PRO A 135 -18.23 20.71 34.94
C PRO A 135 -17.32 21.82 34.43
N TYR A 136 -17.81 22.57 33.43
CA TYR A 136 -17.03 23.68 32.87
C TYR A 136 -16.37 24.45 34.00
N GLY A 137 -15.20 25.01 33.74
CA GLY A 137 -14.51 25.73 34.80
C GLY A 137 -13.25 24.97 35.08
N THR A 138 -13.29 24.07 36.05
CA THR A 138 -12.13 23.24 36.37
C THR A 138 -11.77 22.52 35.09
N GLY A 139 -10.49 22.43 34.79
CA GLY A 139 -10.04 21.80 33.55
C GLY A 139 -10.27 20.31 33.37
N GLY A 140 -11.28 19.76 34.04
CA GLY A 140 -11.57 18.35 33.93
C GLY A 140 -12.19 17.91 32.62
N SER A 141 -12.28 16.61 32.43
CA SER A 141 -12.86 16.04 31.22
C SER A 141 -13.15 14.58 31.52
N LEU A 142 -14.04 13.98 30.74
CA LEU A 142 -14.38 12.57 30.92
C LEU A 142 -13.64 11.74 29.89
N TYR A 143 -12.60 11.04 30.32
CA TYR A 143 -11.79 10.21 29.43
C TYR A 143 -12.47 8.90 29.06
N LEU A 144 -12.35 8.51 27.79
CA LEU A 144 -12.94 7.27 27.31
C LEU A 144 -11.86 6.34 26.77
N ARG A 145 -11.81 5.14 27.33
CA ARG A 145 -10.80 4.17 26.93
C ARG A 145 -11.42 2.97 26.25
N PRO A 146 -11.62 3.06 24.93
CA PRO A 146 -12.20 1.95 24.18
C PRO A 146 -11.07 0.94 23.91
N PHE A 147 -11.31 -0.34 24.18
CA PHE A 147 -10.27 -1.33 23.92
C PHE A 147 -10.79 -2.66 23.37
N VAL A 148 -9.92 -3.31 22.60
CA VAL A 148 -10.23 -4.60 21.96
C VAL A 148 -9.15 -5.63 22.25
N ILE A 149 -9.56 -6.78 22.75
CA ILE A 149 -8.62 -7.85 23.08
C ILE A 149 -9.12 -9.20 22.60
N GLY A 150 -8.19 -10.04 22.16
CA GLY A 150 -8.55 -11.36 21.68
C GLY A 150 -8.71 -12.29 22.87
N VAL A 151 -9.78 -13.07 22.89
CA VAL A 151 -10.05 -13.99 23.98
C VAL A 151 -10.03 -15.44 23.52
N GLY A 152 -10.90 -16.25 24.12
CA GLY A 152 -11.00 -17.66 23.77
C GLY A 152 -9.90 -18.62 24.18
N ASP A 153 -10.24 -19.90 24.28
CA ASP A 153 -9.28 -20.95 24.65
C ASP A 153 -8.24 -21.09 23.55
N ASN A 154 -6.97 -21.19 23.93
CA ASN A 154 -5.93 -21.30 22.91
C ASN A 154 -4.53 -21.43 23.51
N ILE A 155 -3.56 -21.69 22.65
CA ILE A 155 -2.16 -21.86 23.05
C ILE A 155 -1.21 -21.44 21.96
N GLY A 156 -1.62 -21.62 20.72
CA GLY A 156 -0.76 -21.27 19.61
C GLY A 156 -0.67 -19.79 19.26
N VAL A 157 0.19 -19.46 18.31
CA VAL A 157 0.39 -18.09 17.85
C VAL A 157 -0.44 -17.82 16.58
N ARG A 158 -1.74 -17.63 16.77
CA ARG A 158 -2.68 -17.35 15.70
C ARG A 158 -3.47 -16.13 16.17
N THR A 159 -4.59 -15.82 15.53
CA THR A 159 -5.39 -14.69 15.99
C THR A 159 -6.19 -15.20 17.18
N ALA A 160 -7.46 -15.52 16.97
CA ALA A 160 -8.27 -16.04 18.04
C ALA A 160 -9.70 -16.26 17.58
N PRO A 161 -10.41 -17.18 18.25
CA PRO A 161 -11.80 -17.47 17.91
C PRO A 161 -12.77 -16.38 18.33
N GLU A 162 -12.42 -15.62 19.37
CA GLU A 162 -13.32 -14.57 19.84
C GLU A 162 -12.65 -13.28 20.29
N PHE A 163 -13.46 -12.24 20.44
CA PHE A 163 -12.97 -10.92 20.85
C PHE A 163 -13.98 -10.16 21.73
N ILE A 164 -13.49 -9.18 22.46
CA ILE A 164 -14.32 -8.35 23.31
C ILE A 164 -13.98 -6.91 23.02
N PHE A 165 -15.01 -6.08 22.86
CA PHE A 165 -14.83 -4.66 22.63
C PHE A 165 -15.51 -3.94 23.78
N SER A 166 -14.73 -3.21 24.57
CA SER A 166 -15.27 -2.52 25.73
C SER A 166 -14.93 -1.03 25.74
N VAL A 167 -15.78 -0.24 26.36
CA VAL A 167 -15.54 1.20 26.46
C VAL A 167 -15.83 1.71 27.87
N PHE A 168 -14.79 2.11 28.59
CA PHE A 168 -14.99 2.63 29.92
C PHE A 168 -14.39 4.03 30.05
N CYS A 169 -14.94 4.79 30.99
CA CYS A 169 -14.53 6.16 31.24
C CYS A 169 -14.10 6.45 32.68
N VAL A 170 -13.37 7.55 32.85
CA VAL A 170 -12.93 7.99 34.16
C VAL A 170 -12.72 9.50 34.17
N PRO A 171 -13.16 10.17 35.24
CA PRO A 171 -12.97 11.61 35.32
C PRO A 171 -11.48 11.86 35.43
N VAL A 172 -10.95 12.74 34.60
CA VAL A 172 -9.53 13.01 34.63
C VAL A 172 -9.19 14.46 34.31
N GLY A 173 -8.14 14.95 34.96
CA GLY A 173 -7.69 16.32 34.72
C GLY A 173 -6.50 16.22 33.79
N PRO A 174 -5.37 16.87 34.12
CA PRO A 174 -4.15 16.84 33.30
C PRO A 174 -3.36 15.55 33.46
N TYR A 175 -2.66 15.11 32.42
CA TYR A 175 -1.88 13.88 32.50
C TYR A 175 -0.57 14.17 33.21
N PHE A 176 0.33 14.89 32.55
CA PHE A 176 1.59 15.25 33.16
C PHE A 176 1.98 16.66 32.79
N LYS A 177 1.22 17.62 33.33
CA LYS A 177 1.45 19.04 33.07
C LYS A 177 0.97 19.88 34.24
N GLY A 178 -0.21 20.47 34.07
CA GLY A 178 -0.80 21.32 35.08
C GLY A 178 -1.46 22.52 34.40
N GLY A 179 -0.99 23.72 34.72
CA GLY A 179 -1.53 24.92 34.11
C GLY A 179 -0.63 25.37 32.97
N LEU A 180 -0.74 24.70 31.84
CA LEU A 180 0.09 24.98 30.66
C LEU A 180 1.58 25.15 30.99
N THR A 181 1.95 24.83 32.22
CA THR A 181 3.33 24.94 32.64
C THR A 181 4.16 23.90 31.91
N PRO A 182 5.40 24.26 31.52
CA PRO A 182 6.27 23.32 30.81
C PRO A 182 6.79 22.16 31.65
N THR A 183 7.61 21.31 31.02
CA THR A 183 8.19 20.14 31.66
C THR A 183 9.34 19.62 30.79
N ASN A 184 10.27 18.86 31.39
CA ASN A 184 11.44 18.37 30.66
C ASN A 184 11.38 16.92 30.15
N PHE A 185 12.23 16.62 29.16
CA PHE A 185 12.28 15.28 28.58
C PHE A 185 13.71 14.80 28.36
N ILE A 186 13.90 13.47 28.40
CA ILE A 186 15.23 12.88 28.22
C ILE A 186 15.22 11.74 27.20
N THR A 187 16.28 11.61 26.40
CA THR A 187 16.32 10.53 25.41
C THR A 187 16.77 9.22 26.00
N SER A 188 16.50 8.16 25.25
CA SER A 188 16.83 6.81 25.68
C SER A 188 17.72 6.13 24.66
N ASP A 189 18.21 4.95 25.00
CA ASP A 189 19.03 4.19 24.07
C ASP A 189 18.07 3.12 23.54
N TYR A 190 17.11 2.77 24.39
CA TYR A 190 16.10 1.78 24.07
C TYR A 190 15.20 2.29 22.96
N ASP A 191 14.58 1.36 22.25
CA ASP A 191 13.66 1.67 21.18
C ASP A 191 12.30 1.16 21.66
N ARG A 192 11.26 1.98 21.57
CA ARG A 192 9.91 1.58 22.01
C ARG A 192 9.03 1.04 20.87
N ALA A 193 9.57 1.11 19.65
CA ALA A 193 8.87 0.64 18.46
C ALA A 193 9.92 0.37 17.39
N ALA A 194 9.67 -0.63 16.57
CA ALA A 194 10.62 -0.99 15.52
C ALA A 194 10.38 -0.22 14.24
N PRO A 195 11.38 -0.21 13.33
CA PRO A 195 11.25 0.50 12.05
C PRO A 195 10.02 0.01 11.30
N HIS A 196 9.94 -1.30 11.11
CA HIS A 196 8.81 -1.90 10.40
C HIS A 196 7.97 -2.71 11.39
N GLY A 197 7.40 -2.01 12.37
CA GLY A 197 6.59 -2.67 13.37
C GLY A 197 5.24 -2.00 13.61
N THR A 198 4.68 -2.29 14.77
CA THR A 198 3.39 -1.76 15.16
C THR A 198 3.48 -0.38 15.83
N GLY A 199 4.63 0.27 15.70
CA GLY A 199 4.83 1.58 16.31
C GLY A 199 3.76 2.61 16.01
N ALA A 200 3.19 2.53 14.80
CA ALA A 200 2.14 3.46 14.36
C ALA A 200 0.72 3.00 14.68
N ALA A 201 0.58 1.99 15.54
CA ALA A 201 -0.74 1.48 15.94
C ALA A 201 -0.90 1.53 17.44
N LYS A 202 -2.07 1.90 17.93
CA LYS A 202 -2.21 1.97 19.38
C LYS A 202 -2.44 0.59 20.00
N VAL A 203 -1.46 -0.30 19.84
CA VAL A 203 -1.53 -1.66 20.36
C VAL A 203 -0.62 -1.81 21.58
N GLY A 204 -1.14 -2.41 22.65
CA GLY A 204 -0.38 -2.57 23.87
C GLY A 204 1.08 -2.98 23.79
N GLY A 205 1.48 -3.57 22.67
CA GLY A 205 2.85 -4.01 22.54
C GLY A 205 3.85 -2.89 22.77
N ASN A 206 3.69 -1.85 21.96
CA ASN A 206 4.57 -0.67 21.99
C ASN A 206 4.81 -0.13 23.37
N TYR A 207 3.72 0.06 24.11
CA TYR A 207 3.81 0.59 25.46
C TYR A 207 4.58 -0.31 26.42
N ALA A 208 4.37 -1.62 26.30
CA ALA A 208 5.08 -2.58 27.15
C ALA A 208 6.57 -2.32 27.06
N ALA A 209 7.04 -1.98 25.87
CA ALA A 209 8.46 -1.72 25.67
C ALA A 209 8.88 -0.34 26.17
N SER A 210 7.91 0.51 26.51
CA SER A 210 8.27 1.84 27.00
C SER A 210 8.40 1.89 28.53
N LEU A 211 7.70 1.00 29.23
CA LEU A 211 7.74 0.99 30.68
C LEU A 211 9.11 1.13 31.32
N LEU A 212 10.07 0.33 30.86
CA LEU A 212 11.40 0.35 31.44
C LEU A 212 12.07 1.68 31.20
N PRO A 213 12.40 1.99 29.93
CA PRO A 213 13.06 3.27 29.63
C PRO A 213 12.30 4.48 30.16
N GLY A 214 10.98 4.34 30.28
CA GLY A 214 10.15 5.43 30.77
C GLY A 214 10.26 5.56 32.28
N TYR A 215 10.41 4.43 32.98
CA TYR A 215 10.54 4.45 34.42
C TYR A 215 11.89 5.05 34.75
N GLU A 216 12.93 4.58 34.06
CA GLU A 216 14.29 5.08 34.27
C GLU A 216 14.25 6.59 34.08
N ALA A 217 13.52 7.01 33.05
CA ALA A 217 13.37 8.42 32.73
C ALA A 217 12.66 9.19 33.86
N LYS A 218 11.80 8.52 34.62
CA LYS A 218 11.10 9.18 35.71
C LYS A 218 11.97 9.29 36.97
N LYS A 219 12.82 8.30 37.21
CA LYS A 219 13.69 8.31 38.39
C LYS A 219 14.62 9.51 38.39
N ARG A 220 14.75 10.15 37.23
CA ARG A 220 15.61 11.32 37.08
C ARG A 220 14.78 12.62 36.99
N ASP A 221 13.61 12.62 37.61
CA ASP A 221 12.71 13.77 37.61
C ASP A 221 12.46 14.35 36.24
N PHE A 222 12.21 13.50 35.25
CA PHE A 222 11.92 13.93 33.90
C PHE A 222 10.45 13.71 33.65
N ALA A 223 9.94 14.20 32.53
CA ALA A 223 8.53 14.03 32.21
C ALA A 223 8.35 12.63 31.67
N ASP A 224 9.19 12.29 30.70
CA ASP A 224 9.13 10.99 30.07
C ASP A 224 10.39 10.74 29.28
N VAL A 225 10.23 10.10 28.13
CA VAL A 225 11.36 9.78 27.27
C VAL A 225 10.97 10.00 25.81
N ILE A 226 11.83 10.68 25.08
CA ILE A 226 11.61 10.93 23.66
C ILE A 226 12.42 9.90 22.90
N TYR A 227 11.73 9.00 22.21
CA TYR A 227 12.46 7.97 21.49
C TYR A 227 12.92 8.45 20.12
N LEU A 228 14.09 8.00 19.70
CA LEU A 228 14.64 8.37 18.41
C LEU A 228 14.44 7.21 17.46
N ASP A 229 14.61 7.46 16.16
CA ASP A 229 14.44 6.41 15.16
C ASP A 229 15.14 5.11 15.57
N PRO A 230 14.38 4.00 15.60
CA PRO A 230 14.86 2.68 15.99
C PRO A 230 16.27 2.33 15.53
N ALA A 231 16.52 2.54 14.23
CA ALA A 231 17.79 2.24 13.56
C ALA A 231 18.99 3.09 14.00
N THR A 232 19.07 4.29 13.45
CA THR A 232 20.16 5.19 13.79
C THR A 232 19.61 6.38 14.57
N HIS A 233 19.37 6.17 15.86
CA HIS A 233 18.83 7.20 16.72
C HIS A 233 19.38 8.61 16.42
N THR A 234 18.91 9.25 15.35
CA THR A 234 19.40 10.60 15.00
C THR A 234 18.31 11.67 14.88
N THR A 235 17.06 11.24 14.81
CA THR A 235 15.97 12.19 14.69
C THR A 235 14.81 11.79 15.61
N ILE A 236 14.07 12.79 16.07
CA ILE A 236 12.93 12.61 16.99
C ILE A 236 11.70 11.87 16.44
N GLU A 237 11.08 11.06 17.29
CA GLU A 237 9.88 10.28 16.95
C GLU A 237 8.65 10.84 17.66
N GLU A 238 8.57 10.54 18.96
CA GLU A 238 7.46 10.97 19.80
C GLU A 238 7.83 10.66 21.24
N ALA A 239 6.83 10.53 22.10
CA ALA A 239 7.12 10.28 23.50
C ALA A 239 6.39 9.10 24.16
N GLY A 240 6.11 8.06 23.40
CA GLY A 240 5.41 6.91 23.97
C GLY A 240 4.19 7.31 24.75
N ALA A 241 3.83 8.59 24.71
CA ALA A 241 2.67 9.14 25.42
C ALA A 241 2.04 10.27 24.62
N ALA A 242 2.81 10.86 23.72
CA ALA A 242 2.34 11.97 22.88
C ALA A 242 3.29 12.19 21.71
N ASN A 243 2.91 13.06 20.77
CA ASN A 243 3.78 13.35 19.63
C ASN A 243 4.69 14.52 19.99
N PHE A 244 5.60 14.86 19.09
CA PHE A 244 6.54 15.95 19.32
C PHE A 244 6.33 17.00 18.26
N PHE A 245 6.59 18.26 18.60
CA PHE A 245 6.46 19.33 17.63
C PHE A 245 7.19 20.58 18.12
N ALA A 246 7.96 21.20 17.23
CA ALA A 246 8.73 22.38 17.57
C ALA A 246 8.38 23.51 16.63
N ILE A 247 9.03 24.64 16.87
CA ILE A 247 8.80 25.87 16.12
C ILE A 247 10.11 26.56 15.76
N THR A 248 10.24 26.97 14.51
CA THR A 248 11.44 27.65 14.04
C THR A 248 11.71 28.95 14.81
N GLN A 249 12.97 29.29 14.99
CA GLN A 249 13.38 30.50 15.73
C GLN A 249 12.61 31.75 15.33
N ASP A 250 12.35 31.92 14.04
CA ASP A 250 11.59 33.07 13.59
C ASP A 250 10.12 32.80 13.80
N GLY A 251 9.82 31.94 14.77
CA GLY A 251 8.45 31.58 15.08
C GLY A 251 7.42 31.62 13.94
N GLN A 252 7.80 31.11 12.77
CA GLN A 252 6.91 31.13 11.61
C GLN A 252 6.44 29.75 11.16
N LYS A 253 7.23 28.72 11.43
CA LYS A 253 6.89 27.37 11.01
C LYS A 253 6.64 26.39 12.14
N PHE A 254 5.59 25.59 11.97
CA PHE A 254 5.21 24.56 12.93
C PHE A 254 5.76 23.25 12.37
N VAL A 255 6.41 22.44 13.21
CA VAL A 255 6.98 21.19 12.71
C VAL A 255 6.80 19.94 13.57
N THR A 256 6.48 18.82 12.92
CA THR A 256 6.32 17.53 13.61
C THR A 256 7.14 16.51 12.83
N PRO A 257 7.79 15.57 13.54
CA PRO A 257 8.54 14.63 12.71
C PRO A 257 7.62 13.65 12.00
N GLN A 258 8.04 13.20 10.82
CA GLN A 258 7.29 12.25 10.03
C GLN A 258 8.10 10.95 10.06
N SER A 259 7.44 9.85 10.37
CA SER A 259 8.11 8.56 10.45
C SER A 259 7.07 7.46 10.54
N PRO A 260 7.27 6.36 9.81
CA PRO A 260 6.30 5.26 9.84
C PRO A 260 6.10 4.66 11.22
N SER A 261 7.11 4.83 12.09
CA SER A 261 7.13 4.31 13.46
C SER A 261 6.35 5.08 14.54
N ILE A 262 5.95 6.33 14.28
CA ILE A 262 5.22 7.09 15.29
C ILE A 262 3.72 6.96 15.13
N LEU A 263 3.01 6.94 16.24
CA LEU A 263 1.56 6.84 16.21
C LEU A 263 1.00 8.13 15.63
N PRO A 264 0.12 8.03 14.63
CA PRO A 264 -0.48 9.21 14.02
C PRO A 264 -1.56 9.80 14.92
N SER A 265 -1.15 10.78 15.72
CA SER A 265 -2.00 11.47 16.68
C SER A 265 -3.15 12.30 16.09
N ILE A 266 -4.33 12.23 16.69
CA ILE A 266 -5.47 13.01 16.20
C ILE A 266 -5.11 14.46 16.53
N THR A 267 -4.53 14.66 17.72
CA THR A 267 -4.11 15.99 18.18
C THR A 267 -3.04 16.62 17.29
N LYS A 268 -2.02 15.85 16.91
CA LYS A 268 -0.98 16.37 16.04
C LYS A 268 -1.67 16.88 14.78
N TYR A 269 -2.23 15.95 14.00
CA TYR A 269 -2.92 16.30 12.77
C TYR A 269 -3.89 17.46 12.97
N SER A 270 -4.47 17.57 14.17
CA SER A 270 -5.39 18.67 14.46
C SER A 270 -4.57 19.94 14.66
N LEU A 271 -3.65 19.93 15.61
CA LEU A 271 -2.79 21.09 15.83
C LEU A 271 -2.21 21.55 14.50
N LEU A 272 -1.72 20.59 13.73
CA LEU A 272 -1.12 20.86 12.43
C LEU A 272 -2.15 21.49 11.51
N TRP A 273 -3.42 21.41 11.89
CA TRP A 273 -4.45 22.01 11.06
C TRP A 273 -4.61 23.47 11.43
N LEU A 274 -5.05 23.74 12.65
CA LEU A 274 -5.21 25.11 13.10
C LEU A 274 -3.94 25.91 12.78
N ALA A 275 -2.79 25.27 12.98
CA ALA A 275 -1.49 25.87 12.73
C ALA A 275 -1.43 26.55 11.36
N GLU A 276 -2.14 25.97 10.39
CA GLU A 276 -2.15 26.51 9.04
C GLU A 276 -3.31 27.47 8.72
N HIS A 277 -4.51 27.17 9.20
CA HIS A 277 -5.67 28.01 8.90
C HIS A 277 -6.15 28.97 9.98
N ARG A 278 -5.63 28.84 11.18
CA ARG A 278 -6.13 29.73 12.21
C ARG A 278 -5.04 30.60 12.82
N LEU A 279 -3.81 30.12 12.79
CA LEU A 279 -2.71 30.88 13.36
C LEU A 279 -1.79 31.43 12.27
N GLY A 280 -2.07 31.03 11.03
CA GLY A 280 -1.31 31.50 9.89
C GLY A 280 0.15 31.16 9.86
N LEU A 281 0.48 29.90 10.13
CA LEU A 281 1.87 29.47 10.16
C LEU A 281 2.26 28.48 9.06
N GLU A 282 3.53 28.52 8.64
CA GLU A 282 4.00 27.58 7.63
C GLU A 282 3.94 26.26 8.39
N VAL A 283 3.74 25.17 7.68
CA VAL A 283 3.67 23.88 8.31
C VAL A 283 4.58 22.89 7.61
N GLU A 284 5.26 22.02 8.36
CA GLU A 284 6.14 21.05 7.74
C GLU A 284 6.25 19.73 8.49
N GLU A 285 5.99 18.62 7.79
CA GLU A 285 6.10 17.28 8.39
C GLU A 285 7.38 16.69 7.82
N GLY A 286 8.40 16.52 8.65
CA GLY A 286 9.65 15.98 8.16
C GLY A 286 10.64 15.69 9.26
N ASP A 287 11.88 15.36 8.91
CA ASP A 287 12.86 15.03 9.94
C ASP A 287 13.37 16.15 10.83
N ILE A 288 13.72 15.76 12.05
CA ILE A 288 14.25 16.68 13.06
C ILE A 288 15.43 16.00 13.76
N ARG A 289 16.62 16.55 13.59
CA ARG A 289 17.80 15.96 14.22
C ARG A 289 17.99 16.44 15.66
N ILE A 290 18.35 15.53 16.56
CA ILE A 290 18.60 15.94 17.95
C ILE A 290 19.87 16.78 17.87
N ASP A 291 20.54 16.69 16.72
CA ASP A 291 21.77 17.44 16.46
C ASP A 291 21.46 18.90 16.17
N GLU A 292 20.20 19.24 15.97
CA GLU A 292 19.82 20.62 15.63
C GLU A 292 18.61 21.18 16.37
N LEU A 293 18.62 21.10 17.69
CA LEU A 293 17.53 21.60 18.51
C LEU A 293 17.46 23.13 18.51
N GLY A 294 18.62 23.77 18.41
CA GLY A 294 18.69 25.22 18.40
C GLY A 294 18.15 25.84 17.12
N LYS A 295 17.32 25.08 16.43
CA LYS A 295 16.73 25.54 15.17
C LYS A 295 15.30 25.97 15.50
N PHE A 296 14.84 25.55 16.68
CA PHE A 296 13.50 25.86 17.13
C PHE A 296 13.53 26.76 18.33
N SER A 297 12.53 27.62 18.44
CA SER A 297 12.43 28.59 19.53
C SER A 297 11.69 28.07 20.75
N GLU A 298 10.76 27.15 20.52
CA GLU A 298 9.98 26.56 21.59
C GLU A 298 9.44 25.22 21.08
N ALA A 299 9.31 24.24 21.97
CA ALA A 299 8.82 22.93 21.55
C ALA A 299 7.93 22.29 22.61
N GLY A 300 7.06 21.37 22.18
CA GLY A 300 6.16 20.69 23.09
C GLY A 300 5.71 19.34 22.56
N ALA A 301 4.93 18.62 23.35
CA ALA A 301 4.39 17.30 22.98
C ALA A 301 2.88 17.44 22.95
N CYS A 302 2.19 16.59 22.20
CA CYS A 302 0.76 16.73 22.13
C CYS A 302 -0.01 15.42 22.17
N GLY A 303 -1.28 15.51 22.60
CA GLY A 303 -2.13 14.34 22.69
C GLY A 303 -3.49 14.61 23.32
N THR A 304 -4.32 13.58 23.47
CA THR A 304 -5.62 13.79 24.06
C THR A 304 -5.40 14.12 25.53
N ALA A 305 -4.67 13.26 26.23
CA ALA A 305 -4.42 13.50 27.64
C ALA A 305 -3.25 14.43 27.76
N ALA A 306 -2.41 14.45 26.73
CA ALA A 306 -1.24 15.32 26.70
C ALA A 306 -1.66 16.78 26.51
N VAL A 307 -2.55 17.03 25.56
CA VAL A 307 -3.08 18.37 25.28
C VAL A 307 -1.98 19.41 25.23
N ILE A 308 -1.18 19.42 24.17
CA ILE A 308 -0.05 20.35 24.09
C ILE A 308 0.56 20.65 25.47
N THR A 309 1.74 20.08 25.71
CA THR A 309 2.46 20.25 26.95
C THR A 309 3.79 20.90 26.66
N PRO A 310 3.95 22.14 27.11
CA PRO A 310 5.21 22.84 26.87
C PRO A 310 6.40 21.97 27.23
N ILE A 311 7.40 21.95 26.35
CA ILE A 311 8.60 21.16 26.59
C ILE A 311 9.75 22.06 27.02
N GLY A 312 10.04 22.08 28.31
CA GLY A 312 11.12 22.89 28.85
C GLY A 312 12.45 22.58 28.21
N GLY A 313 12.99 21.41 28.50
CA GLY A 313 14.26 21.06 27.90
C GLY A 313 14.36 19.59 27.48
N ILE A 314 15.46 19.25 26.84
CA ILE A 314 15.67 17.89 26.41
C ILE A 314 17.10 17.43 26.71
N GLN A 315 17.21 16.35 27.48
CA GLN A 315 18.51 15.80 27.83
C GLN A 315 18.90 14.71 26.85
N HIS A 316 20.06 14.86 26.24
CA HIS A 316 20.58 13.89 25.29
C HIS A 316 22.01 13.58 25.72
N GLY A 317 22.15 13.08 26.93
CA GLY A 317 23.47 12.78 27.46
C GLY A 317 24.02 14.03 28.10
N ASP A 318 25.27 14.35 27.80
CA ASP A 318 25.92 15.55 28.34
C ASP A 318 25.33 16.76 27.61
N ASP A 319 24.03 17.00 27.78
CA ASP A 319 23.40 18.12 27.09
C ASP A 319 21.91 18.34 27.43
N PHE A 320 21.63 19.42 28.16
CA PHE A 320 20.25 19.79 28.50
C PHE A 320 19.96 20.99 27.61
N HIS A 321 18.99 20.87 26.70
CA HIS A 321 18.70 21.96 25.80
C HIS A 321 17.35 22.65 26.03
N VAL A 322 17.39 23.92 26.43
CA VAL A 322 16.18 24.68 26.70
C VAL A 322 15.80 25.65 25.61
N PHE A 323 14.66 25.42 24.97
CA PHE A 323 14.17 26.28 23.89
C PHE A 323 13.82 27.68 24.41
N TYR A 324 12.59 27.84 24.90
CA TYR A 324 12.15 29.12 25.44
C TYR A 324 12.47 29.18 26.94
N SER A 325 11.43 29.18 27.76
CA SER A 325 11.62 29.22 29.21
C SER A 325 11.46 27.81 29.77
N GLU A 326 11.95 27.60 30.98
CA GLU A 326 11.81 26.29 31.60
C GLU A 326 10.68 26.39 32.62
N SER A 327 10.18 27.61 32.83
CA SER A 327 9.11 27.87 33.78
C SER A 327 7.87 28.42 33.10
N GLU A 328 8.01 28.92 31.88
CA GLU A 328 6.87 29.46 31.15
C GLU A 328 6.80 28.92 29.74
N PRO A 329 5.64 29.02 29.08
CA PRO A 329 5.46 28.54 27.72
C PRO A 329 5.77 29.64 26.72
N GLY A 330 6.09 29.25 25.48
CA GLY A 330 6.36 30.24 24.47
C GLY A 330 5.03 30.81 24.02
N PRO A 331 5.01 31.91 23.29
CA PRO A 331 3.77 32.53 22.82
C PRO A 331 3.04 31.67 21.77
N VAL A 332 3.80 31.02 20.89
CA VAL A 332 3.21 30.19 19.86
C VAL A 332 2.59 28.95 20.50
N THR A 333 3.26 28.41 21.51
CA THR A 333 2.78 27.24 22.22
C THR A 333 1.48 27.56 22.92
N ARG A 334 1.35 28.80 23.37
CA ARG A 334 0.14 29.23 24.06
C ARG A 334 -0.99 29.50 23.09
N ARG A 335 -0.68 30.02 21.90
CA ARG A 335 -1.71 30.28 20.92
C ARG A 335 -2.31 28.99 20.42
N LEU A 336 -1.45 27.99 20.23
CA LEU A 336 -1.88 26.68 19.77
C LEU A 336 -2.76 26.04 20.85
N TYR A 337 -2.44 26.36 22.10
CA TYR A 337 -3.21 25.83 23.22
C TYR A 337 -4.58 26.45 23.30
N ASP A 338 -4.63 27.77 23.52
CA ASP A 338 -5.90 28.50 23.67
C ASP A 338 -6.90 28.31 22.55
N GLU A 339 -6.40 28.02 21.35
CA GLU A 339 -7.26 27.81 20.20
C GLU A 339 -7.80 26.38 20.28
N LEU A 340 -6.90 25.40 20.33
CA LEU A 340 -7.29 24.00 20.39
C LEU A 340 -8.27 23.75 21.52
N VAL A 341 -7.86 24.10 22.73
CA VAL A 341 -8.69 23.91 23.91
C VAL A 341 -10.03 24.62 23.85
N GLY A 342 -10.08 25.74 23.12
CA GLY A 342 -11.34 26.46 23.03
C GLY A 342 -12.37 25.62 22.31
N ILE A 343 -11.95 25.06 21.17
CA ILE A 343 -12.81 24.22 20.36
C ILE A 343 -13.40 23.12 21.21
N GLN A 344 -12.54 22.48 22.00
CA GLN A 344 -12.95 21.39 22.89
C GLN A 344 -14.04 21.78 23.88
N TYR A 345 -13.88 22.92 24.53
CA TYR A 345 -14.88 23.34 25.50
C TYR A 345 -15.94 24.30 24.97
N GLY A 346 -15.93 24.51 23.66
CA GLY A 346 -16.93 25.36 23.06
C GLY A 346 -16.76 26.85 23.36
N ASP A 347 -15.52 27.31 23.42
CA ASP A 347 -15.27 28.73 23.65
C ASP A 347 -14.95 29.41 22.34
N LYS A 348 -14.45 28.62 21.40
CA LYS A 348 -14.08 29.12 20.07
C LYS A 348 -14.68 28.25 18.96
N GLU A 349 -15.47 28.87 18.09
CA GLU A 349 -16.08 28.17 16.97
C GLU A 349 -15.17 27.04 16.51
N ALA A 350 -15.75 25.86 16.35
CA ALA A 350 -14.98 24.69 15.91
C ALA A 350 -15.20 24.39 14.43
N PRO A 351 -14.14 23.96 13.74
CA PRO A 351 -14.26 23.63 12.32
C PRO A 351 -15.48 22.73 12.15
N GLU A 352 -16.11 22.77 10.99
CA GLU A 352 -17.26 21.90 10.78
C GLU A 352 -16.74 20.47 10.74
N GLY A 353 -17.54 19.51 11.17
CA GLY A 353 -17.09 18.12 11.15
C GLY A 353 -16.45 17.61 12.43
N TRP A 354 -15.72 18.46 13.13
CA TRP A 354 -15.10 18.05 14.39
C TRP A 354 -16.21 18.22 15.43
N ILE A 355 -15.96 17.77 16.64
CA ILE A 355 -16.92 17.91 17.74
C ILE A 355 -18.37 17.49 17.46
N VAL A 356 -18.80 16.49 18.21
CA VAL A 356 -20.13 15.91 18.14
C VAL A 356 -20.86 16.28 19.43
N LYS A 357 -22.04 16.86 19.31
CA LYS A 357 -22.78 17.25 20.50
C LYS A 357 -23.39 16.06 21.22
N VAL A 358 -23.65 16.25 22.50
CA VAL A 358 -24.24 15.21 23.32
C VAL A 358 -25.06 15.88 24.44
N ILE B 24 -9.90 -40.13 24.55
CA ILE B 24 -8.56 -39.68 25.01
C ILE B 24 -7.42 -40.33 24.20
N ASP B 25 -7.45 -40.16 22.87
CA ASP B 25 -6.42 -40.73 21.99
C ASP B 25 -5.22 -39.84 21.72
N TRP B 26 -4.03 -40.34 22.04
CA TRP B 26 -2.78 -39.60 21.89
C TRP B 26 -2.17 -39.69 20.50
N SER B 27 -2.48 -40.74 19.76
CA SER B 27 -1.94 -40.89 18.41
C SER B 27 -2.31 -39.66 17.59
N THR B 28 -3.47 -39.10 17.88
CA THR B 28 -3.96 -37.91 17.20
C THR B 28 -3.95 -36.76 18.20
N LEU B 29 -2.82 -36.06 18.26
CA LEU B 29 -2.67 -34.94 19.19
C LEU B 29 -1.67 -33.90 18.67
N GLY B 30 -2.11 -32.65 18.64
CA GLY B 30 -1.26 -31.58 18.17
C GLY B 30 -1.29 -30.39 19.09
N PHE B 31 -0.70 -29.28 18.67
CA PHE B 31 -0.69 -28.08 19.48
C PHE B 31 -2.05 -27.38 19.57
N SER B 32 -2.96 -27.97 20.34
CA SER B 32 -4.31 -27.46 20.53
C SER B 32 -4.58 -27.40 22.02
N TYR B 33 -5.44 -26.47 22.42
CA TYR B 33 -5.79 -26.33 23.83
C TYR B 33 -6.82 -27.37 24.21
N ILE B 34 -6.51 -28.06 25.30
CA ILE B 34 -7.34 -29.09 25.88
C ILE B 34 -7.39 -28.59 27.32
N ARG B 35 -8.56 -28.63 27.95
CA ARG B 35 -8.65 -28.16 29.32
C ARG B 35 -8.16 -29.21 30.33
N THR B 36 -6.95 -29.02 30.89
CA THR B 36 -6.44 -29.96 31.88
C THR B 36 -7.28 -29.87 33.16
N ASP B 37 -6.86 -30.57 34.21
CA ASP B 37 -7.59 -30.56 35.47
C ASP B 37 -7.33 -29.41 36.43
N LEU B 38 -6.07 -29.11 36.71
CA LEU B 38 -5.77 -28.01 37.64
C LEU B 38 -4.69 -27.04 37.22
N ARG B 39 -4.79 -25.79 37.69
CA ARG B 39 -3.80 -24.75 37.39
C ARG B 39 -3.23 -24.12 38.67
N TYR B 40 -2.02 -23.60 38.56
CA TYR B 40 -1.36 -22.91 39.67
C TYR B 40 -1.82 -21.44 39.61
N LEU B 41 -2.08 -20.84 40.76
CA LEU B 41 -2.53 -19.47 40.77
C LEU B 41 -2.03 -18.67 41.97
N ALA B 42 -0.96 -17.91 41.74
CA ALA B 42 -0.36 -17.09 42.77
C ALA B 42 -0.51 -15.60 42.45
N HIS B 43 -0.69 -14.79 43.49
CA HIS B 43 -0.85 -13.35 43.31
C HIS B 43 0.42 -12.66 43.79
N TRP B 44 0.39 -11.33 43.78
CA TRP B 44 1.52 -10.53 44.25
C TRP B 44 0.87 -9.21 44.60
N LYS B 45 0.97 -8.85 45.87
CA LYS B 45 0.37 -7.63 46.36
C LYS B 45 1.26 -7.11 47.47
N ASP B 46 1.42 -5.80 47.53
CA ASP B 46 2.23 -5.16 48.55
C ASP B 46 3.62 -5.77 48.65
N GLY B 47 4.31 -5.81 47.52
CA GLY B 47 5.68 -6.33 47.47
C GLY B 47 5.95 -7.80 47.62
N GLU B 48 4.91 -8.63 47.71
CA GLU B 48 5.11 -10.05 47.90
C GLU B 48 4.21 -10.96 47.08
N TRP B 49 4.69 -12.17 46.82
CA TRP B 49 3.92 -13.17 46.08
C TRP B 49 3.11 -14.04 47.04
N ASP B 50 1.91 -14.39 46.62
CA ASP B 50 1.05 -15.24 47.43
C ASP B 50 1.72 -16.61 47.57
N ALA B 51 1.05 -17.51 48.29
CA ALA B 51 1.57 -18.85 48.47
C ALA B 51 1.45 -19.57 47.14
N GLY B 52 0.25 -19.55 46.58
CA GLY B 52 0.04 -20.21 45.31
C GLY B 52 -0.59 -21.59 45.46
N THR B 53 -1.89 -21.66 45.24
CA THR B 53 -2.63 -22.91 45.33
C THR B 53 -2.94 -23.36 43.90
N LEU B 54 -3.79 -24.38 43.77
CA LEU B 54 -4.20 -24.88 42.46
C LEU B 54 -5.70 -24.71 42.38
N THR B 55 -6.22 -24.63 41.16
CA THR B 55 -7.67 -24.47 40.98
C THR B 55 -8.09 -24.94 39.59
N GLU B 56 -9.37 -24.82 39.29
CA GLU B 56 -9.84 -25.24 37.99
C GLU B 56 -10.80 -24.21 37.46
N ASP B 57 -10.27 -23.08 36.99
CA ASP B 57 -11.16 -22.04 36.49
C ASP B 57 -10.80 -21.57 35.08
N ASN B 58 -9.61 -21.92 34.61
CA ASN B 58 -9.11 -21.48 33.30
C ASN B 58 -9.80 -20.23 32.70
N GLN B 59 -10.27 -19.37 33.60
CA GLN B 59 -10.93 -18.11 33.28
C GLN B 59 -10.30 -17.05 34.19
N ILE B 60 -9.18 -16.44 33.77
CA ILE B 60 -8.54 -15.41 34.60
C ILE B 60 -9.55 -14.29 34.83
N HIS B 61 -9.40 -13.55 35.93
CA HIS B 61 -10.31 -12.47 36.25
C HIS B 61 -9.59 -11.16 36.58
N LEU B 62 -9.45 -10.32 35.57
CA LEU B 62 -8.76 -9.03 35.66
C LEU B 62 -9.67 -7.86 35.97
N ALA B 63 -9.08 -6.66 35.88
CA ALA B 63 -9.77 -5.40 36.10
C ALA B 63 -9.77 -4.73 34.74
N GLU B 64 -10.89 -4.14 34.34
CA GLU B 64 -10.93 -3.50 33.02
C GLU B 64 -9.67 -2.69 32.77
N GLY B 65 -9.19 -1.99 33.80
CA GLY B 65 -8.01 -1.18 33.64
C GLY B 65 -6.71 -1.96 33.63
N SER B 66 -6.80 -3.28 33.68
CA SER B 66 -5.58 -4.10 33.71
C SER B 66 -4.50 -3.66 32.75
N THR B 67 -3.31 -3.58 33.29
CA THR B 67 -2.12 -3.18 32.56
C THR B 67 -1.81 -4.25 31.53
N ALA B 68 -2.19 -5.49 31.85
CA ALA B 68 -1.94 -6.63 30.97
C ALA B 68 -2.83 -6.64 29.73
N LEU B 69 -3.95 -5.93 29.81
CA LEU B 69 -4.87 -5.83 28.67
C LEU B 69 -4.53 -4.65 27.76
N HIS B 70 -3.96 -3.60 28.30
CA HIS B 70 -3.68 -2.44 27.47
C HIS B 70 -2.24 -2.14 27.12
N TYR B 71 -1.32 -2.41 28.04
CA TYR B 71 0.08 -2.10 27.77
C TYR B 71 1.03 -3.26 27.57
N GLY B 72 0.48 -4.43 27.25
CA GLY B 72 1.31 -5.61 27.02
C GLY B 72 2.28 -5.95 28.14
N GLN B 73 1.86 -5.69 29.38
CA GLN B 73 2.68 -6.02 30.52
C GLN B 73 2.37 -7.50 30.70
N GLN B 74 3.22 -8.33 30.09
CA GLN B 74 3.01 -9.75 30.14
C GLN B 74 4.15 -10.52 29.47
N CYS B 75 4.45 -11.68 30.04
CA CYS B 75 5.49 -12.56 29.53
C CYS B 75 5.07 -13.98 29.90
N PHE B 76 5.71 -14.96 29.26
CA PHE B 76 5.36 -16.32 29.55
C PHE B 76 6.53 -17.24 29.24
N GLU B 77 6.35 -18.52 29.57
CA GLU B 77 7.36 -19.52 29.34
C GLU B 77 6.78 -20.69 28.56
N GLY B 78 7.67 -21.62 28.19
CA GLY B 78 7.27 -22.79 27.45
C GLY B 78 8.23 -23.93 27.74
N LEU B 79 7.72 -24.98 28.38
CA LEU B 79 8.52 -26.14 28.71
C LEU B 79 7.63 -27.38 28.71
N LYS B 80 8.23 -28.53 28.45
CA LYS B 80 7.50 -29.79 28.39
C LYS B 80 7.88 -30.80 29.46
N ALA B 81 6.93 -31.67 29.79
CA ALA B 81 7.16 -32.75 30.74
C ALA B 81 6.92 -34.02 29.94
N TYR B 82 7.88 -34.93 29.96
CA TYR B 82 7.77 -36.16 29.18
C TYR B 82 7.82 -37.45 30.02
N ARG B 83 7.18 -38.52 29.53
CA ARG B 83 7.22 -39.78 30.26
C ARG B 83 8.17 -40.76 29.60
N CYS B 84 9.06 -41.32 30.41
CA CYS B 84 10.05 -42.27 29.94
C CYS B 84 9.52 -43.69 29.72
N ALA B 85 10.47 -44.57 29.35
CA ALA B 85 10.17 -45.96 29.09
C ALA B 85 10.02 -46.68 30.44
N ASP B 86 11.03 -46.51 31.29
CA ASP B 86 11.07 -47.13 32.62
C ASP B 86 9.94 -46.70 33.54
N GLY B 87 9.35 -45.52 33.30
CA GLY B 87 8.25 -45.08 34.14
C GLY B 87 8.34 -43.67 34.71
N SER B 88 9.55 -43.15 34.83
CA SER B 88 9.73 -41.81 35.36
C SER B 88 9.21 -40.70 34.44
N ILE B 89 8.98 -39.53 35.02
CA ILE B 89 8.52 -38.37 34.28
C ILE B 89 9.67 -37.37 34.26
N ASN B 90 9.99 -36.88 33.07
CA ASN B 90 11.09 -35.93 32.90
C ASN B 90 10.65 -34.49 32.64
N LEU B 91 11.21 -33.55 33.40
CA LEU B 91 10.94 -32.12 33.22
C LEU B 91 12.28 -31.60 32.66
N PHE B 92 12.24 -30.99 31.48
CA PHE B 92 13.46 -30.53 30.83
C PHE B 92 13.93 -29.11 31.16
N ARG B 93 15.18 -29.02 31.59
CA ARG B 93 15.84 -27.76 31.97
C ARG B 93 14.91 -26.66 32.49
N PRO B 94 14.05 -26.99 33.45
CA PRO B 94 13.11 -26.00 34.02
C PRO B 94 13.82 -24.85 34.68
N ASP B 95 15.09 -25.05 35.01
CA ASP B 95 15.84 -24.01 35.69
C ASP B 95 16.13 -22.85 34.76
N GLN B 96 16.32 -23.17 33.48
CA GLN B 96 16.60 -22.18 32.46
C GLN B 96 15.35 -21.34 32.20
N ASN B 97 14.20 -21.99 32.07
CA ASN B 97 12.94 -21.31 31.82
C ASN B 97 12.69 -20.32 32.95
N ALA B 98 13.01 -20.75 34.16
CA ALA B 98 12.82 -19.95 35.36
C ALA B 98 13.66 -18.68 35.27
N ALA B 99 14.93 -18.86 34.92
CA ALA B 99 15.84 -17.73 34.79
C ALA B 99 15.36 -16.79 33.67
N ARG B 100 15.11 -17.36 32.49
CA ARG B 100 14.64 -16.55 31.37
C ARG B 100 13.41 -15.74 31.73
N MET B 101 12.42 -16.39 32.33
CA MET B 101 11.22 -15.63 32.69
C MET B 101 11.54 -14.56 33.73
N ARG B 102 12.76 -14.56 34.23
CA ARG B 102 13.13 -13.52 35.18
C ARG B 102 13.55 -12.34 34.31
N MET B 103 14.43 -12.61 33.34
CA MET B 103 14.89 -11.60 32.43
C MET B 103 13.67 -10.92 31.83
N SER B 104 12.69 -11.73 31.47
CA SER B 104 11.48 -11.20 30.87
C SER B 104 10.85 -10.17 31.79
N CYS B 105 10.35 -10.63 32.93
CA CYS B 105 9.72 -9.73 33.90
C CYS B 105 10.56 -8.48 34.13
N ARG B 106 11.87 -8.66 34.23
CA ARG B 106 12.75 -7.52 34.44
C ARG B 106 12.56 -6.44 33.37
N ARG B 107 12.58 -6.84 32.10
CA ARG B 107 12.43 -5.89 30.98
C ARG B 107 11.14 -5.08 30.96
N LEU B 108 10.08 -5.65 31.54
CA LEU B 108 8.80 -4.96 31.58
C LEU B 108 8.38 -4.46 32.96
N LEU B 109 9.32 -4.43 33.90
CA LEU B 109 9.05 -3.95 35.25
C LEU B 109 8.06 -4.83 36.03
N MET B 110 8.19 -6.15 35.92
CA MET B 110 7.30 -7.06 36.65
C MET B 110 8.04 -7.88 37.69
N PRO B 111 7.45 -8.04 38.88
CA PRO B 111 8.11 -8.82 39.94
C PRO B 111 8.51 -10.21 39.44
N GLU B 112 9.71 -10.65 39.80
CA GLU B 112 10.24 -11.94 39.36
C GLU B 112 10.12 -13.11 40.35
N LEU B 113 9.78 -14.28 39.81
CA LEU B 113 9.63 -15.48 40.62
C LEU B 113 10.96 -16.25 40.58
N SER B 114 11.42 -16.67 41.75
CA SER B 114 12.68 -17.42 41.88
C SER B 114 12.51 -18.87 41.42
N ASP B 115 13.63 -19.56 41.22
CA ASP B 115 13.60 -20.96 40.77
C ASP B 115 12.73 -21.82 41.68
N GLU B 116 12.72 -21.47 42.96
CA GLU B 116 11.93 -22.18 43.95
C GLU B 116 10.47 -22.15 43.51
N GLN B 117 9.83 -21.01 43.73
CA GLN B 117 8.43 -20.80 43.38
C GLN B 117 8.13 -21.28 41.97
N PHE B 118 9.01 -20.93 41.02
CA PHE B 118 8.83 -21.32 39.65
C PHE B 118 8.84 -22.82 39.45
N ILE B 119 10.04 -23.41 39.42
CA ILE B 119 10.18 -24.85 39.24
C ILE B 119 9.13 -25.66 40.03
N ASP B 120 8.78 -25.19 41.23
CA ASP B 120 7.78 -25.88 42.02
C ASP B 120 6.43 -25.79 41.31
N ALA B 121 6.01 -24.57 40.99
CA ALA B 121 4.73 -24.33 40.32
C ALA B 121 4.49 -25.33 39.19
N CYS B 122 5.53 -25.55 38.39
CA CYS B 122 5.43 -26.50 37.30
C CYS B 122 5.05 -27.85 37.88
N LEU B 123 6.02 -28.49 38.53
CA LEU B 123 5.82 -29.80 39.15
C LEU B 123 4.40 -30.01 39.62
N GLN B 124 3.96 -29.16 40.54
CA GLN B 124 2.62 -29.25 41.06
C GLN B 124 1.64 -29.52 39.93
N VAL B 125 1.66 -28.69 38.90
CA VAL B 125 0.76 -28.84 37.76
C VAL B 125 1.00 -30.16 37.04
N VAL B 126 2.26 -30.53 36.92
CA VAL B 126 2.63 -31.77 36.27
C VAL B 126 1.94 -32.94 36.97
N ARG B 127 2.12 -33.05 38.27
CA ARG B 127 1.49 -34.13 39.00
C ARG B 127 0.00 -34.09 38.84
N ALA B 128 -0.63 -33.14 39.51
CA ALA B 128 -2.08 -32.98 39.48
C ALA B 128 -2.72 -33.42 38.16
N ASN B 129 -2.07 -33.07 37.06
CA ASN B 129 -2.58 -33.41 35.74
C ASN B 129 -1.73 -34.52 35.11
N GLU B 130 -1.37 -35.52 35.90
CA GLU B 130 -0.53 -36.61 35.40
C GLU B 130 -1.22 -37.56 34.41
N HIS B 131 -2.54 -37.65 34.47
CA HIS B 131 -3.24 -38.53 33.53
C HIS B 131 -3.30 -37.92 32.14
N PHE B 132 -3.07 -36.61 32.05
CA PHE B 132 -3.07 -35.91 30.78
C PHE B 132 -1.72 -35.93 30.12
N LEU B 133 -0.79 -36.63 30.76
CA LEU B 133 0.56 -36.75 30.24
C LEU B 133 0.50 -37.88 29.23
N PRO B 134 0.96 -37.64 28.00
CA PRO B 134 0.93 -38.69 26.99
C PRO B 134 1.73 -39.94 27.40
N PRO B 135 1.25 -41.13 27.03
CA PRO B 135 1.97 -42.35 27.38
C PRO B 135 3.27 -42.39 26.59
N TYR B 136 4.16 -43.33 26.91
CA TYR B 136 5.41 -43.45 26.18
C TYR B 136 5.16 -44.23 24.91
N GLY B 137 5.86 -43.87 23.84
CA GLY B 137 5.69 -44.58 22.58
C GLY B 137 4.77 -43.80 21.66
N THR B 138 4.23 -42.72 22.18
CA THR B 138 3.35 -41.90 21.38
C THR B 138 4.09 -40.65 20.90
N GLY B 139 5.24 -40.38 21.49
CA GLY B 139 6.00 -39.20 21.10
C GLY B 139 5.22 -37.95 21.45
N GLY B 140 4.39 -38.07 22.49
CA GLY B 140 3.60 -36.96 22.95
C GLY B 140 4.28 -36.33 24.14
N SER B 141 3.67 -35.30 24.71
CA SER B 141 4.27 -34.63 25.85
C SER B 141 3.26 -33.72 26.51
N LEU B 142 3.55 -33.32 27.75
CA LEU B 142 2.64 -32.45 28.48
C LEU B 142 3.24 -31.03 28.48
N TYR B 143 2.62 -30.15 27.69
CA TYR B 143 3.09 -28.77 27.56
C TYR B 143 2.73 -27.94 28.79
N LEU B 144 3.70 -27.15 29.27
CA LEU B 144 3.48 -26.29 30.43
C LEU B 144 3.54 -24.84 29.97
N ARG B 145 2.61 -24.02 30.46
CA ARG B 145 2.57 -22.60 30.09
C ARG B 145 2.51 -21.67 31.29
N PRO B 146 3.68 -21.28 31.82
CA PRO B 146 3.83 -20.37 32.97
C PRO B 146 3.81 -18.94 32.41
N PHE B 147 3.07 -18.03 33.05
CA PHE B 147 3.01 -16.66 32.55
C PHE B 147 2.65 -15.64 33.61
N VAL B 148 3.25 -14.46 33.53
CA VAL B 148 2.96 -13.40 34.50
C VAL B 148 2.32 -12.18 33.82
N ILE B 149 1.24 -11.67 34.39
CA ILE B 149 0.55 -10.50 33.84
C ILE B 149 0.22 -9.44 34.89
N GLY B 150 0.28 -8.18 34.48
CA GLY B 150 -0.04 -7.08 35.38
C GLY B 150 -1.55 -6.90 35.48
N VAL B 151 -2.05 -6.86 36.71
CA VAL B 151 -3.47 -6.74 36.94
C VAL B 151 -3.80 -5.60 37.89
N GLY B 152 -5.07 -5.52 38.28
CA GLY B 152 -5.49 -4.47 39.18
C GLY B 152 -5.68 -3.15 38.44
N ASP B 153 -6.56 -2.29 38.96
CA ASP B 153 -6.85 -0.99 38.35
C ASP B 153 -5.64 -0.12 37.93
N ASN B 154 -5.80 0.57 36.80
CA ASN B 154 -4.81 1.48 36.21
C ASN B 154 -5.40 2.28 35.05
N ILE B 155 -4.56 3.02 34.34
CA ILE B 155 -4.96 3.83 33.18
C ILE B 155 -3.71 4.34 32.50
N GLY B 156 -3.16 5.43 33.00
CA GLY B 156 -1.94 5.98 32.43
C GLY B 156 -0.88 4.90 32.29
N VAL B 157 0.03 5.08 31.34
CA VAL B 157 1.09 4.11 31.09
C VAL B 157 2.12 4.03 32.24
N ARG B 158 2.02 2.94 33.01
CA ARG B 158 2.93 2.67 34.12
C ARG B 158 2.72 1.23 34.56
N THR B 159 3.71 0.63 35.21
CA THR B 159 3.58 -0.75 35.69
C THR B 159 2.34 -0.94 36.56
N ALA B 160 1.73 -2.13 36.46
CA ALA B 160 0.52 -2.39 37.21
C ALA B 160 0.79 -2.40 38.71
N PRO B 161 -0.27 -2.23 39.52
CA PRO B 161 -0.18 -2.22 40.98
C PRO B 161 -0.02 -3.61 41.58
N GLU B 162 -0.69 -4.59 40.97
CA GLU B 162 -0.65 -5.98 41.44
C GLU B 162 -0.31 -6.93 40.29
N PHE B 163 0.14 -8.14 40.63
CA PHE B 163 0.51 -9.09 39.59
C PHE B 163 0.05 -10.53 39.76
N ILE B 164 -0.30 -11.15 38.64
CA ILE B 164 -0.74 -12.55 38.59
C ILE B 164 0.34 -13.42 37.93
N PHE B 165 0.44 -14.65 38.38
CA PHE B 165 1.38 -15.62 37.85
C PHE B 165 0.61 -16.92 37.85
N SER B 166 0.57 -17.59 36.71
CA SER B 166 -0.17 -18.84 36.66
C SER B 166 0.51 -19.86 35.77
N VAL B 167 0.11 -21.11 35.95
CA VAL B 167 0.63 -22.21 35.17
C VAL B 167 -0.44 -23.25 34.92
N PHE B 168 -0.62 -23.58 33.65
CA PHE B 168 -1.55 -24.61 33.26
C PHE B 168 -0.78 -25.48 32.26
N CYS B 169 -1.34 -26.65 31.94
CA CYS B 169 -0.68 -27.57 31.02
C CYS B 169 -1.66 -28.16 30.00
N VAL B 170 -1.10 -28.76 28.96
CA VAL B 170 -1.92 -29.34 27.93
C VAL B 170 -1.03 -30.32 27.17
N PRO B 171 -1.60 -31.48 26.78
CA PRO B 171 -0.84 -32.49 26.03
C PRO B 171 -0.65 -32.03 24.58
N VAL B 172 0.44 -32.45 23.95
CA VAL B 172 0.70 -32.06 22.57
C VAL B 172 1.59 -33.04 21.83
N GLY B 173 1.35 -33.18 20.52
CA GLY B 173 2.16 -34.05 19.70
C GLY B 173 3.34 -33.17 19.33
N PRO B 174 3.63 -32.96 18.03
CA PRO B 174 4.75 -32.10 17.65
C PRO B 174 4.19 -30.70 17.31
N TYR B 175 4.86 -29.96 16.42
CA TYR B 175 4.38 -28.62 16.04
C TYR B 175 4.03 -28.59 14.55
N PHE B 176 4.49 -27.57 13.82
CA PHE B 176 4.20 -27.48 12.39
C PHE B 176 5.05 -28.49 11.61
N LYS B 177 4.85 -29.77 11.91
CA LYS B 177 5.62 -30.81 11.26
C LYS B 177 5.12 -32.23 11.54
N GLY B 178 5.83 -32.93 12.42
CA GLY B 178 5.48 -34.30 12.73
C GLY B 178 6.56 -35.11 12.05
N GLY B 179 7.40 -35.76 12.84
CA GLY B 179 8.49 -36.53 12.27
C GLY B 179 9.53 -35.49 11.91
N LEU B 180 10.49 -35.82 11.06
CA LEU B 180 11.46 -34.80 10.71
C LEU B 180 11.25 -34.24 9.32
N THR B 181 10.20 -34.68 8.64
CA THR B 181 9.93 -34.13 7.32
C THR B 181 10.04 -32.60 7.45
N PRO B 182 10.81 -31.94 6.57
CA PRO B 182 10.99 -30.49 6.59
C PRO B 182 9.80 -29.62 6.21
N THR B 183 10.09 -28.32 6.08
CA THR B 183 9.10 -27.30 5.72
C THR B 183 9.86 -26.06 5.20
N ASN B 184 9.14 -25.12 4.62
CA ASN B 184 9.77 -23.91 4.08
C ASN B 184 9.40 -22.63 4.84
N PHE B 185 10.29 -21.63 4.76
CA PHE B 185 10.09 -20.34 5.42
C PHE B 185 10.33 -19.19 4.45
N ILE B 186 9.66 -18.06 4.70
CA ILE B 186 9.80 -16.87 3.87
C ILE B 186 10.26 -15.67 4.68
N THR B 187 11.06 -14.82 4.05
CA THR B 187 11.59 -13.62 4.69
C THR B 187 10.47 -12.63 4.84
N SER B 188 10.72 -11.56 5.57
CA SER B 188 9.72 -10.52 5.79
C SER B 188 10.30 -9.12 5.69
N ASP B 189 9.42 -8.16 5.42
CA ASP B 189 9.84 -6.78 5.34
C ASP B 189 9.51 -6.21 6.70
N TYR B 190 8.52 -6.82 7.36
CA TYR B 190 8.12 -6.39 8.69
C TYR B 190 9.19 -6.84 9.68
N ASP B 191 9.07 -6.36 10.90
CA ASP B 191 10.01 -6.69 11.94
C ASP B 191 9.22 -6.98 13.20
N ARG B 192 9.58 -8.06 13.89
CA ARG B 192 8.87 -8.47 15.12
C ARG B 192 9.38 -7.78 16.37
N ALA B 193 10.51 -7.10 16.25
CA ALA B 193 11.10 -6.38 17.35
C ALA B 193 12.15 -5.40 16.85
N ALA B 194 12.21 -4.25 17.51
CA ALA B 194 13.15 -3.18 17.18
C ALA B 194 14.54 -3.58 17.64
N PRO B 195 15.58 -2.93 17.08
CA PRO B 195 16.95 -3.26 17.46
C PRO B 195 17.11 -3.32 18.98
N HIS B 196 16.65 -2.29 19.66
CA HIS B 196 16.77 -2.22 21.11
C HIS B 196 15.41 -2.30 21.80
N GLY B 197 14.49 -3.07 21.22
CA GLY B 197 13.15 -3.24 21.78
C GLY B 197 13.05 -4.33 22.82
N THR B 198 12.13 -5.28 22.62
CA THR B 198 11.94 -6.38 23.57
C THR B 198 12.00 -7.75 22.88
N GLY B 199 12.85 -7.87 21.87
CA GLY B 199 12.97 -9.12 21.15
C GLY B 199 13.55 -10.25 21.98
N ALA B 200 14.49 -9.90 22.85
CA ALA B 200 15.15 -10.88 23.70
C ALA B 200 14.29 -11.45 24.83
N ALA B 201 13.18 -10.79 25.13
CA ALA B 201 12.30 -11.26 26.21
C ALA B 201 11.08 -11.89 25.60
N LYS B 202 10.52 -12.88 26.31
CA LYS B 202 9.33 -13.56 25.85
C LYS B 202 8.12 -12.78 26.36
N VAL B 203 7.73 -11.73 25.62
CA VAL B 203 6.59 -10.88 26.01
C VAL B 203 5.56 -10.71 24.87
N GLY B 204 4.30 -10.63 25.25
CA GLY B 204 3.22 -10.51 24.29
C GLY B 204 3.39 -9.64 23.05
N GLY B 205 3.96 -8.45 23.21
CA GLY B 205 4.15 -7.55 22.08
C GLY B 205 4.86 -8.24 20.95
N ASN B 206 5.91 -8.96 21.31
CA ASN B 206 6.72 -9.74 20.36
C ASN B 206 5.84 -10.46 19.36
N TYR B 207 4.90 -11.21 19.89
CA TYR B 207 3.99 -12.01 19.08
C TYR B 207 2.87 -11.25 18.42
N ALA B 208 2.37 -10.22 19.08
CA ALA B 208 1.31 -9.39 18.51
C ALA B 208 1.76 -8.97 17.10
N ALA B 209 3.05 -8.67 16.98
CA ALA B 209 3.65 -8.23 15.73
C ALA B 209 4.10 -9.37 14.79
N SER B 210 4.34 -10.57 15.31
CA SER B 210 4.74 -11.68 14.44
C SER B 210 3.49 -12.41 13.99
N LEU B 211 2.37 -11.75 14.22
CA LEU B 211 1.04 -12.23 13.90
C LEU B 211 0.71 -12.03 12.42
N LEU B 212 0.83 -10.78 11.98
CA LEU B 212 0.52 -10.38 10.61
C LEU B 212 1.39 -11.08 9.57
N PRO B 213 2.71 -10.86 9.62
CA PRO B 213 3.59 -11.51 8.64
C PRO B 213 3.43 -13.02 8.66
N GLY B 214 2.90 -13.54 9.75
CA GLY B 214 2.66 -14.98 9.84
C GLY B 214 1.53 -15.26 8.87
N TYR B 215 0.33 -14.86 9.24
CA TYR B 215 -0.88 -15.01 8.43
C TYR B 215 -0.48 -14.94 6.95
N GLU B 216 0.29 -13.91 6.61
CA GLU B 216 0.77 -13.70 5.24
C GLU B 216 1.47 -14.95 4.71
N ALA B 217 2.60 -15.26 5.31
CA ALA B 217 3.39 -16.42 4.91
C ALA B 217 2.58 -17.71 4.80
N LYS B 218 1.89 -18.08 5.88
CA LYS B 218 1.09 -19.30 5.92
C LYS B 218 0.03 -19.31 4.82
N LYS B 219 -0.39 -18.13 4.40
CA LYS B 219 -1.39 -17.98 3.35
C LYS B 219 -0.83 -18.51 2.03
N ARG B 220 0.49 -18.43 1.87
CA ARG B 220 1.13 -18.87 0.65
C ARG B 220 1.87 -20.18 0.83
N ASP B 221 1.46 -20.90 1.87
CA ASP B 221 2.00 -22.22 2.19
C ASP B 221 3.43 -22.33 2.70
N PHE B 222 3.79 -21.39 3.58
CA PHE B 222 5.10 -21.38 4.23
C PHE B 222 4.80 -21.69 5.70
N ALA B 223 5.68 -22.45 6.36
CA ALA B 223 5.44 -22.81 7.76
C ALA B 223 5.28 -21.59 8.64
N ASP B 224 6.08 -20.57 8.34
CA ASP B 224 6.06 -19.31 9.08
C ASP B 224 7.14 -18.44 8.43
N VAL B 225 7.13 -17.16 8.74
CA VAL B 225 8.11 -16.24 8.19
C VAL B 225 9.38 -16.22 9.06
N ILE B 226 10.54 -15.94 8.45
CA ILE B 226 11.79 -15.87 9.18
C ILE B 226 12.29 -14.43 9.15
N TYR B 227 12.12 -13.72 10.27
CA TYR B 227 12.53 -12.33 10.38
C TYR B 227 14.03 -12.15 10.18
N LEU B 228 14.41 -11.06 9.53
CA LEU B 228 15.81 -10.79 9.25
C LEU B 228 16.57 -9.87 10.16
N ASP B 229 16.19 -8.61 10.20
CA ASP B 229 16.98 -7.68 11.01
C ASP B 229 16.42 -6.27 11.05
N PRO B 230 15.83 -5.89 12.18
CA PRO B 230 15.22 -4.58 12.39
C PRO B 230 15.73 -3.43 11.50
N ALA B 231 16.88 -2.87 11.85
CA ALA B 231 17.48 -1.76 11.11
C ALA B 231 17.77 -2.03 9.64
N THR B 232 18.55 -3.07 9.38
CA THR B 232 18.91 -3.46 8.01
C THR B 232 18.83 -4.96 7.82
N HIS B 233 17.81 -5.40 7.09
CA HIS B 233 17.56 -6.81 6.87
C HIS B 233 18.61 -7.57 6.07
N THR B 234 19.85 -7.57 6.56
CA THR B 234 20.92 -8.30 5.89
C THR B 234 21.19 -9.65 6.54
N THR B 235 21.04 -9.69 7.87
CA THR B 235 21.28 -10.93 8.61
C THR B 235 19.98 -11.60 9.10
N ILE B 236 20.09 -12.82 9.62
CA ILE B 236 18.95 -13.60 10.11
C ILE B 236 18.77 -13.56 11.63
N GLU B 237 17.53 -13.36 12.08
CA GLU B 237 17.24 -13.31 13.50
C GLU B 237 16.76 -14.67 13.99
N GLU B 238 15.49 -14.97 13.73
CA GLU B 238 14.87 -16.22 14.12
C GLU B 238 13.55 -16.32 13.36
N ALA B 239 12.75 -17.32 13.69
CA ALA B 239 11.47 -17.50 13.00
C ALA B 239 10.31 -17.14 13.94
N GLY B 240 9.11 -17.62 13.63
CA GLY B 240 7.98 -17.30 14.48
C GLY B 240 8.24 -17.58 15.95
N ALA B 241 8.44 -18.86 16.27
CA ALA B 241 8.70 -19.27 17.64
C ALA B 241 9.78 -20.34 17.61
N ALA B 242 10.95 -19.96 17.10
CA ALA B 242 12.06 -20.89 17.03
C ALA B 242 13.30 -20.13 16.60
N ASN B 243 14.46 -20.61 17.02
CA ASN B 243 15.72 -19.96 16.63
C ASN B 243 16.11 -20.56 15.30
N PHE B 244 17.19 -20.05 14.72
CA PHE B 244 17.66 -20.57 13.45
C PHE B 244 19.05 -21.12 13.67
N PHE B 245 19.37 -22.19 12.96
CA PHE B 245 20.69 -22.80 13.06
C PHE B 245 20.95 -23.47 11.72
N ALA B 246 22.23 -23.61 11.38
CA ALA B 246 22.59 -24.24 10.13
C ALA B 246 23.91 -24.95 10.24
N ILE B 247 24.21 -25.77 9.23
CA ILE B 247 25.45 -26.52 9.19
C ILE B 247 26.11 -26.01 7.93
N THR B 248 27.37 -25.64 8.03
CA THR B 248 28.07 -25.15 6.87
C THR B 248 28.14 -26.27 5.86
N GLN B 249 28.64 -25.98 4.67
CA GLN B 249 28.72 -27.00 3.65
C GLN B 249 29.53 -28.24 4.03
N ASP B 250 30.71 -28.09 4.62
CA ASP B 250 31.49 -29.27 4.99
C ASP B 250 30.89 -30.06 6.16
N GLY B 251 29.67 -29.72 6.55
CA GLY B 251 29.03 -30.43 7.65
C GLY B 251 29.90 -30.56 8.89
N GLN B 252 30.86 -29.66 9.05
CA GLN B 252 31.76 -29.69 10.20
C GLN B 252 31.56 -28.58 11.24
N LYS B 253 30.76 -27.55 10.93
CA LYS B 253 30.54 -26.48 11.89
C LYS B 253 29.09 -26.12 12.11
N PHE B 254 28.79 -25.69 13.34
CA PHE B 254 27.46 -25.31 13.76
C PHE B 254 27.42 -23.79 13.90
N VAL B 255 26.50 -23.14 13.18
CA VAL B 255 26.40 -21.67 13.24
C VAL B 255 24.99 -21.16 13.53
N THR B 256 24.87 -20.35 14.59
CA THR B 256 23.57 -19.80 14.96
C THR B 256 23.67 -18.29 15.15
N PRO B 257 22.67 -17.54 14.68
CA PRO B 257 22.67 -16.07 14.80
C PRO B 257 22.77 -15.55 16.23
N GLN B 258 23.45 -14.42 16.38
CA GLN B 258 23.65 -13.78 17.67
C GLN B 258 23.38 -12.27 17.58
N SER B 259 22.25 -11.83 18.16
CA SER B 259 21.88 -10.43 18.12
C SER B 259 21.11 -10.00 19.37
N PRO B 260 21.32 -8.75 19.81
CA PRO B 260 20.66 -8.20 20.98
C PRO B 260 19.15 -7.98 20.78
N SER B 261 18.53 -8.79 19.95
CA SER B 261 17.11 -8.60 19.74
C SER B 261 16.36 -9.87 19.44
N ILE B 262 17.06 -11.01 19.45
CA ILE B 262 16.40 -12.29 19.20
C ILE B 262 16.30 -13.03 20.52
N LEU B 263 15.14 -13.62 20.79
CA LEU B 263 14.92 -14.35 22.03
C LEU B 263 15.92 -15.49 22.22
N PRO B 264 16.61 -15.52 23.38
CA PRO B 264 17.59 -16.56 23.69
C PRO B 264 16.96 -17.92 23.91
N SER B 265 16.76 -18.67 22.83
CA SER B 265 16.17 -19.99 22.89
C SER B 265 17.00 -20.91 23.76
N ILE B 266 16.33 -21.66 24.62
CA ILE B 266 17.04 -22.59 25.48
C ILE B 266 17.49 -23.70 24.55
N THR B 267 16.55 -24.22 23.75
CA THR B 267 16.87 -25.30 22.81
C THR B 267 18.16 -25.01 22.06
N LYS B 268 18.13 -24.00 21.19
CA LYS B 268 19.31 -23.63 20.43
C LYS B 268 20.54 -23.75 21.31
N TYR B 269 20.48 -23.17 22.50
CA TYR B 269 21.60 -23.21 23.43
C TYR B 269 22.01 -24.63 23.78
N SER B 270 21.02 -25.52 23.86
CA SER B 270 21.28 -26.91 24.15
C SER B 270 21.91 -27.60 22.94
N LEU B 271 21.31 -27.48 21.76
CA LEU B 271 21.92 -28.10 20.59
C LEU B 271 23.35 -27.60 20.49
N LEU B 272 23.50 -26.30 20.67
CA LEU B 272 24.80 -25.63 20.61
C LEU B 272 25.77 -26.27 21.59
N TRP B 273 25.26 -27.04 22.53
CA TRP B 273 26.11 -27.71 23.52
C TRP B 273 26.43 -29.12 23.03
N LEU B 274 25.42 -29.81 22.52
CA LEU B 274 25.59 -31.17 22.00
C LEU B 274 26.51 -31.14 20.79
N ALA B 275 26.13 -30.35 19.80
CA ALA B 275 26.89 -30.22 18.57
C ALA B 275 28.39 -30.26 18.81
N GLU B 276 28.81 -29.60 19.88
CA GLU B 276 30.21 -29.48 20.26
C GLU B 276 30.83 -30.69 20.97
N HIS B 277 30.05 -31.36 21.80
CA HIS B 277 30.55 -32.50 22.55
C HIS B 277 30.11 -33.85 22.02
N ARG B 278 28.85 -34.19 22.28
CA ARG B 278 28.28 -35.44 21.83
C ARG B 278 28.52 -35.67 20.34
N LEU B 279 28.40 -34.61 19.55
CA LEU B 279 28.59 -34.74 18.10
C LEU B 279 29.97 -34.37 17.53
N GLY B 280 30.76 -33.60 18.26
CA GLY B 280 32.09 -33.26 17.79
C GLY B 280 32.29 -31.99 16.98
N LEU B 281 31.22 -31.51 16.33
CA LEU B 281 31.31 -30.30 15.52
C LEU B 281 31.90 -29.06 16.21
N GLU B 282 32.27 -28.06 15.40
CA GLU B 282 32.78 -26.79 15.90
C GLU B 282 31.59 -25.80 15.91
N VAL B 283 31.56 -24.92 16.89
CA VAL B 283 30.45 -24.00 17.02
C VAL B 283 30.76 -22.54 16.73
N GLU B 284 29.73 -21.75 16.47
CA GLU B 284 29.91 -20.32 16.23
C GLU B 284 28.63 -19.51 16.25
N GLU B 285 28.58 -18.56 17.18
CA GLU B 285 27.43 -17.67 17.27
C GLU B 285 27.96 -16.39 16.62
N GLY B 286 27.32 -15.95 15.55
CA GLY B 286 27.74 -14.75 14.87
C GLY B 286 26.63 -14.29 13.95
N ASP B 287 26.98 -13.86 12.75
CA ASP B 287 25.96 -13.42 11.80
C ASP B 287 25.84 -14.39 10.62
N ILE B 288 24.77 -14.22 9.85
CA ILE B 288 24.49 -15.04 8.66
C ILE B 288 23.71 -14.14 7.67
N ARG B 289 24.29 -13.90 6.50
CA ARG B 289 23.62 -13.07 5.51
C ARG B 289 22.72 -13.91 4.60
N ILE B 290 21.47 -13.49 4.42
CA ILE B 290 20.57 -14.23 3.54
C ILE B 290 21.24 -14.39 2.18
N ASP B 291 22.21 -13.50 1.90
CA ASP B 291 22.97 -13.50 0.64
C ASP B 291 23.75 -14.81 0.62
N GLU B 292 24.78 -14.86 1.46
CA GLU B 292 25.62 -16.03 1.60
C GLU B 292 24.70 -17.05 2.27
N LEU B 293 23.79 -17.64 1.50
CA LEU B 293 22.87 -18.61 2.06
C LEU B 293 23.30 -20.03 1.71
N GLY B 294 23.77 -20.22 0.49
CA GLY B 294 24.23 -21.53 0.09
C GLY B 294 25.62 -21.74 0.64
N LYS B 295 25.85 -21.23 1.84
CA LYS B 295 27.13 -21.38 2.47
C LYS B 295 26.96 -22.44 3.55
N PHE B 296 25.85 -23.18 3.48
CA PHE B 296 25.56 -24.23 4.45
C PHE B 296 24.97 -25.48 3.81
N SER B 297 25.31 -26.64 4.36
CA SER B 297 24.81 -27.91 3.84
C SER B 297 23.36 -28.16 4.25
N GLU B 298 22.99 -27.73 5.46
CA GLU B 298 21.63 -27.90 5.96
C GLU B 298 21.31 -26.88 7.03
N ALA B 299 20.04 -26.74 7.37
CA ALA B 299 19.62 -25.79 8.39
C ALA B 299 18.23 -26.11 8.94
N GLY B 300 17.82 -25.37 9.96
CA GLY B 300 16.53 -25.62 10.54
C GLY B 300 16.26 -24.69 11.70
N ALA B 301 15.09 -24.86 12.31
CA ALA B 301 14.70 -24.04 13.44
C ALA B 301 14.39 -24.86 14.70
N CYS B 302 15.13 -24.57 15.77
CA CYS B 302 14.97 -25.25 17.06
C CYS B 302 13.94 -24.55 17.92
N GLY B 303 13.69 -25.09 19.12
CA GLY B 303 12.71 -24.49 20.02
C GLY B 303 11.99 -25.57 20.81
N THR B 304 11.05 -25.20 21.68
CA THR B 304 10.35 -26.24 22.44
C THR B 304 9.29 -26.91 21.58
N ALA B 305 8.06 -26.41 21.58
CA ALA B 305 7.02 -27.03 20.74
C ALA B 305 7.57 -27.28 19.35
N ALA B 306 8.49 -26.42 18.93
CA ALA B 306 9.12 -26.53 17.64
C ALA B 306 9.85 -27.87 17.49
N VAL B 307 10.93 -28.06 18.24
CA VAL B 307 11.72 -29.29 18.21
C VAL B 307 12.41 -29.37 16.87
N ILE B 308 13.70 -29.06 16.80
CA ILE B 308 14.42 -29.05 15.53
C ILE B 308 13.55 -29.29 14.29
N THR B 309 13.00 -28.20 13.71
CA THR B 309 12.17 -28.29 12.51
C THR B 309 13.08 -28.05 11.32
N PRO B 310 13.39 -29.10 10.55
CA PRO B 310 14.26 -28.92 9.39
C PRO B 310 13.79 -27.80 8.50
N ILE B 311 14.62 -27.46 7.52
CA ILE B 311 14.29 -26.43 6.58
C ILE B 311 14.69 -26.91 5.20
N GLY B 312 13.69 -27.16 4.37
CA GLY B 312 13.94 -27.61 3.02
C GLY B 312 14.58 -26.44 2.29
N GLY B 313 13.83 -25.34 2.21
CA GLY B 313 14.32 -24.15 1.53
C GLY B 313 13.78 -22.85 2.11
N ILE B 314 14.44 -21.74 1.76
CA ILE B 314 14.04 -20.41 2.21
C ILE B 314 13.74 -19.46 1.07
N GLN B 315 12.52 -18.95 1.08
CA GLN B 315 12.06 -18.02 0.06
C GLN B 315 12.42 -16.61 0.42
N HIS B 316 13.45 -16.06 -0.21
CA HIS B 316 13.84 -14.68 0.07
C HIS B 316 13.90 -13.81 -1.19
N GLY B 317 12.84 -13.06 -1.44
CA GLY B 317 12.83 -12.22 -2.63
C GLY B 317 12.24 -13.04 -3.75
N ASP B 318 12.98 -13.20 -4.84
CA ASP B 318 12.49 -13.97 -5.98
C ASP B 318 12.98 -15.41 -5.89
N ASP B 319 14.29 -15.57 -5.82
CA ASP B 319 14.90 -16.88 -5.75
C ASP B 319 14.55 -17.61 -4.44
N PHE B 320 14.44 -18.92 -4.56
CA PHE B 320 14.10 -19.81 -3.47
C PHE B 320 15.32 -20.70 -3.26
N HIS B 321 15.92 -20.64 -2.08
CA HIS B 321 17.11 -21.44 -1.82
C HIS B 321 16.80 -22.69 -1.01
N VAL B 322 17.44 -23.79 -1.38
CA VAL B 322 17.24 -25.05 -0.69
C VAL B 322 18.58 -25.68 -0.27
N PHE B 323 18.78 -25.79 1.04
CA PHE B 323 20.03 -26.33 1.58
C PHE B 323 20.25 -27.78 1.22
N TYR B 324 19.43 -28.65 1.79
CA TYR B 324 19.52 -30.08 1.54
C TYR B 324 18.43 -30.48 0.55
N SER B 325 17.17 -30.44 1.00
CA SER B 325 16.04 -30.79 0.14
C SER B 325 14.74 -30.49 0.87
N GLU B 326 13.64 -30.45 0.11
CA GLU B 326 12.36 -30.15 0.73
C GLU B 326 11.68 -31.41 1.23
N SER B 327 12.35 -32.55 1.06
CA SER B 327 11.79 -33.84 1.46
C SER B 327 12.38 -34.51 2.70
N GLU B 328 13.70 -34.46 2.90
CA GLU B 328 14.29 -35.13 4.06
C GLU B 328 15.29 -34.23 4.80
N PRO B 329 15.44 -34.43 6.12
CA PRO B 329 16.38 -33.63 6.93
C PRO B 329 17.81 -33.99 6.60
N GLY B 330 18.71 -33.00 6.72
CA GLY B 330 20.11 -33.28 6.48
C GLY B 330 20.60 -34.26 7.54
N PRO B 331 21.52 -35.15 7.18
CA PRO B 331 22.01 -36.09 8.19
C PRO B 331 22.38 -35.46 9.53
N VAL B 332 23.22 -34.41 9.51
CA VAL B 332 23.60 -33.78 10.76
C VAL B 332 22.39 -33.28 11.54
N THR B 333 21.37 -32.82 10.83
CA THR B 333 20.18 -32.33 11.49
C THR B 333 19.51 -33.49 12.20
N ARG B 334 19.49 -34.64 11.53
CA ARG B 334 18.87 -35.83 12.09
C ARG B 334 19.58 -36.20 13.38
N ARG B 335 20.90 -36.30 13.33
CA ARG B 335 21.63 -36.63 14.54
C ARG B 335 21.21 -35.71 15.68
N LEU B 336 21.36 -34.39 15.48
CA LEU B 336 20.99 -33.42 16.51
C LEU B 336 19.59 -33.68 17.02
N TYR B 337 18.70 -34.09 16.12
CA TYR B 337 17.33 -34.37 16.53
C TYR B 337 17.31 -35.51 17.53
N ASP B 338 17.75 -36.68 17.08
CA ASP B 338 17.78 -37.87 17.93
C ASP B 338 18.50 -37.65 19.25
N GLU B 339 19.71 -37.10 19.19
CA GLU B 339 20.49 -36.85 20.40
C GLU B 339 19.74 -36.04 21.46
N LEU B 340 19.01 -35.02 21.02
CA LEU B 340 18.25 -34.15 21.92
C LEU B 340 17.03 -34.84 22.48
N VAL B 341 16.23 -35.40 21.57
CA VAL B 341 15.00 -36.09 21.94
C VAL B 341 15.27 -37.30 22.84
N GLY B 342 16.33 -38.05 22.54
CA GLY B 342 16.68 -39.20 23.34
C GLY B 342 16.84 -38.75 24.77
N ILE B 343 17.57 -37.65 24.94
CA ILE B 343 17.80 -37.08 26.26
C ILE B 343 16.47 -36.69 26.87
N GLN B 344 15.51 -36.32 26.04
CA GLN B 344 14.20 -35.88 26.54
C GLN B 344 13.43 -36.99 27.22
N TYR B 345 13.32 -38.12 26.55
CA TYR B 345 12.59 -39.25 27.10
C TYR B 345 13.48 -40.23 27.86
N GLY B 346 14.75 -39.87 28.06
CA GLY B 346 15.66 -40.72 28.80
C GLY B 346 16.26 -41.94 28.14
N ASP B 347 16.02 -42.13 26.85
CA ASP B 347 16.58 -43.29 26.16
C ASP B 347 18.05 -43.04 25.87
N LYS B 348 18.56 -41.90 26.33
CA LYS B 348 19.96 -41.57 26.15
C LYS B 348 20.53 -41.22 27.50
N GLU B 349 21.22 -40.09 27.61
CA GLU B 349 21.78 -39.74 28.90
C GLU B 349 21.92 -38.25 29.12
N ALA B 350 20.92 -37.69 29.79
CA ALA B 350 20.88 -36.27 30.07
C ALA B 350 22.10 -35.77 30.82
N PRO B 351 22.65 -34.60 30.42
CA PRO B 351 23.81 -33.99 31.06
C PRO B 351 23.48 -33.52 32.50
N GLU B 352 24.40 -32.83 33.15
CA GLU B 352 24.15 -32.38 34.51
C GLU B 352 23.07 -31.30 34.62
N GLY B 353 22.27 -31.38 35.69
CA GLY B 353 21.22 -30.41 35.94
C GLY B 353 20.16 -30.28 34.87
N TRP B 354 20.46 -30.76 33.67
CA TRP B 354 19.52 -30.68 32.55
C TRP B 354 18.13 -31.18 32.84
N ILE B 355 18.03 -32.30 33.54
CA ILE B 355 16.72 -32.89 33.80
C ILE B 355 16.30 -33.11 35.25
N VAL B 356 15.02 -32.91 35.49
CA VAL B 356 14.40 -33.09 36.78
C VAL B 356 13.33 -34.17 36.69
N LYS B 357 13.29 -35.04 37.69
CA LYS B 357 12.32 -36.13 37.75
C LYS B 357 11.18 -35.70 38.65
N VAL B 358 10.01 -35.50 38.07
CA VAL B 358 8.86 -35.08 38.86
C VAL B 358 8.53 -36.14 39.92
N ILE C 24 -14.97 38.04 -26.10
CA ILE C 24 -15.40 38.81 -24.91
C ILE C 24 -16.89 38.64 -24.66
N ASP C 25 -17.51 37.64 -25.29
CA ASP C 25 -18.94 37.43 -25.12
C ASP C 25 -19.29 36.29 -24.17
N TRP C 26 -19.17 36.57 -22.88
CA TRP C 26 -19.46 35.59 -21.82
C TRP C 26 -20.82 34.95 -22.00
N SER C 27 -21.77 35.69 -22.57
CA SER C 27 -23.12 35.21 -22.81
C SER C 27 -23.07 33.78 -23.38
N THR C 28 -22.87 33.68 -24.69
CA THR C 28 -22.77 32.38 -25.35
C THR C 28 -21.34 31.89 -25.25
N LEU C 29 -21.04 31.12 -24.20
CA LEU C 29 -19.69 30.62 -24.00
C LEU C 29 -19.70 29.18 -23.46
N GLY C 30 -19.29 28.23 -24.30
CA GLY C 30 -19.29 26.84 -23.90
C GLY C 30 -17.95 26.32 -23.39
N PHE C 31 -17.53 25.15 -23.89
CA PHE C 31 -16.27 24.54 -23.46
C PHE C 31 -15.35 24.19 -24.64
N SER C 32 -14.89 25.20 -25.36
CA SER C 32 -14.00 25.04 -26.50
C SER C 32 -12.76 25.91 -26.30
N TYR C 33 -11.63 25.51 -26.87
CA TYR C 33 -10.40 26.28 -26.71
C TYR C 33 -10.52 27.76 -27.12
N ILE C 34 -9.75 28.60 -26.44
CA ILE C 34 -9.70 30.04 -26.67
C ILE C 34 -8.29 30.45 -26.25
N ARG C 35 -7.53 31.10 -27.12
CA ARG C 35 -6.17 31.46 -26.77
C ARG C 35 -6.05 32.64 -25.82
N THR C 36 -5.76 32.35 -24.56
CA THR C 36 -5.60 33.41 -23.57
C THR C 36 -4.15 33.85 -23.69
N ASP C 37 -3.89 35.10 -23.27
CA ASP C 37 -2.55 35.70 -23.37
C ASP C 37 -1.28 34.93 -22.98
N LEU C 38 -1.22 34.41 -21.76
CA LEU C 38 0.00 33.71 -21.31
C LEU C 38 -0.14 32.35 -20.64
N ARG C 39 0.91 31.54 -20.81
CA ARG C 39 1.00 30.20 -20.25
C ARG C 39 2.18 30.13 -19.30
N TYR C 40 2.08 29.26 -18.29
CA TYR C 40 3.17 29.05 -17.37
C TYR C 40 3.88 27.83 -17.96
N LEU C 41 5.21 27.84 -18.01
CA LEU C 41 5.95 26.72 -18.58
C LEU C 41 7.29 26.43 -17.91
N ALA C 42 7.49 25.20 -17.47
CA ALA C 42 8.74 24.81 -16.83
C ALA C 42 9.31 23.55 -17.49
N HIS C 43 10.60 23.26 -17.28
CA HIS C 43 11.20 22.06 -17.86
C HIS C 43 11.97 21.22 -16.83
N TRP C 44 11.72 19.91 -16.79
CA TRP C 44 12.41 19.02 -15.87
C TRP C 44 13.61 18.45 -16.59
N LYS C 45 14.80 18.85 -16.18
CA LYS C 45 16.00 18.37 -16.83
C LYS C 45 17.05 17.97 -15.79
N ASP C 46 17.73 16.86 -16.05
CA ASP C 46 18.77 16.35 -15.17
C ASP C 46 18.43 16.36 -13.69
N GLY C 47 17.34 15.70 -13.33
CA GLY C 47 16.93 15.61 -11.94
C GLY C 47 16.39 16.85 -11.26
N GLU C 48 15.71 17.73 -12.00
CA GLU C 48 15.15 18.95 -11.41
C GLU C 48 14.29 19.82 -12.34
N TRP C 49 13.33 20.51 -11.76
CA TRP C 49 12.47 21.43 -12.50
C TRP C 49 13.10 22.81 -12.38
N ASP C 50 13.06 23.61 -13.45
CA ASP C 50 13.60 24.96 -13.38
C ASP C 50 12.56 25.84 -12.68
N ALA C 51 12.91 27.11 -12.42
CA ALA C 51 12.04 28.07 -11.73
C ALA C 51 10.63 28.25 -12.28
N GLY C 52 10.55 28.45 -13.59
CA GLY C 52 9.26 28.65 -14.25
C GLY C 52 9.38 29.89 -15.10
N THR C 53 8.37 30.17 -15.90
CA THR C 53 8.39 31.35 -16.75
C THR C 53 7.12 31.43 -17.58
N LEU C 54 6.60 32.64 -17.77
CA LEU C 54 5.40 32.84 -18.56
C LEU C 54 5.77 33.05 -20.02
N THR C 55 5.04 32.40 -20.93
CA THR C 55 5.30 32.54 -22.34
C THR C 55 4.00 32.86 -22.98
N GLU C 56 4.03 33.16 -24.28
CA GLU C 56 2.82 33.47 -25.01
C GLU C 56 2.79 32.51 -26.18
N ASP C 57 3.83 31.67 -26.28
CA ASP C 57 3.95 30.73 -27.40
C ASP C 57 2.72 29.91 -27.74
N ASN C 58 2.12 29.24 -26.77
CA ASN C 58 0.91 28.46 -27.05
C ASN C 58 1.18 27.21 -27.89
N GLN C 59 2.45 26.92 -28.13
CA GLN C 59 2.89 25.76 -28.92
C GLN C 59 3.92 24.95 -28.16
N ILE C 60 3.71 23.64 -28.04
CA ILE C 60 4.69 22.80 -27.35
C ILE C 60 5.59 22.10 -28.37
N HIS C 61 6.90 22.13 -28.16
CA HIS C 61 7.87 21.49 -29.06
C HIS C 61 8.57 20.32 -28.37
N LEU C 62 8.56 19.14 -28.99
CA LEU C 62 9.20 17.96 -28.39
C LEU C 62 9.81 16.93 -29.35
N ALA C 63 10.80 16.18 -28.87
CA ALA C 63 11.45 15.16 -29.70
C ALA C 63 10.40 14.37 -30.47
N GLU C 64 10.70 14.03 -31.71
CA GLU C 64 9.74 13.28 -32.52
C GLU C 64 9.44 11.96 -31.81
N GLY C 65 10.43 11.43 -31.11
CA GLY C 65 10.25 10.18 -30.39
C GLY C 65 9.82 10.41 -28.96
N SER C 66 9.48 11.65 -28.64
CA SER C 66 9.04 11.98 -27.29
C SER C 66 8.16 10.89 -26.71
N THR C 67 8.53 10.47 -25.51
CA THR C 67 7.79 9.44 -24.79
C THR C 67 6.32 9.81 -24.65
N ALA C 68 6.01 11.10 -24.67
CA ALA C 68 4.63 11.54 -24.52
C ALA C 68 3.81 11.28 -25.78
N LEU C 69 4.43 11.43 -26.95
CA LEU C 69 3.71 11.22 -28.20
C LEU C 69 3.45 9.77 -28.53
N HIS C 70 4.33 8.89 -28.06
CA HIS C 70 4.18 7.48 -28.35
C HIS C 70 3.51 6.62 -27.27
N TYR C 71 4.14 6.47 -26.10
CA TYR C 71 3.56 5.63 -25.06
C TYR C 71 2.72 6.30 -23.98
N GLY C 72 2.01 7.36 -24.35
CA GLY C 72 1.14 8.05 -23.41
C GLY C 72 1.62 8.46 -22.03
N GLN C 73 2.90 8.76 -21.87
CA GLN C 73 3.38 9.20 -20.56
C GLN C 73 2.94 10.63 -20.42
N GLN C 74 1.77 10.83 -19.81
CA GLN C 74 1.22 12.18 -19.65
C GLN C 74 -0.03 12.26 -18.80
N CYS C 75 0.06 12.96 -17.67
CA CYS C 75 -1.11 13.13 -16.79
C CYS C 75 -1.54 14.59 -16.86
N PHE C 76 -2.59 14.94 -16.13
CA PHE C 76 -3.06 16.31 -16.14
C PHE C 76 -4.22 16.52 -15.17
N GLU C 77 -4.38 17.78 -14.77
CA GLU C 77 -5.41 18.20 -13.83
C GLU C 77 -6.34 19.21 -14.49
N GLY C 78 -7.31 19.67 -13.71
CA GLY C 78 -8.27 20.65 -14.18
C GLY C 78 -9.03 21.26 -13.02
N LEU C 79 -8.90 22.57 -12.85
CA LEU C 79 -9.57 23.33 -11.78
C LEU C 79 -9.88 24.76 -12.26
N LYS C 80 -10.92 25.36 -11.71
CA LYS C 80 -11.37 26.70 -12.12
C LYS C 80 -11.11 27.86 -11.18
N ALA C 81 -11.02 29.06 -11.75
CA ALA C 81 -10.82 30.30 -11.01
C ALA C 81 -12.13 31.08 -11.18
N TYR C 82 -12.63 31.72 -10.13
CA TYR C 82 -13.90 32.44 -10.23
C TYR C 82 -13.86 33.87 -9.70
N ARG C 83 -14.73 34.73 -10.24
CA ARG C 83 -14.80 36.09 -9.74
C ARG C 83 -16.05 36.18 -8.88
N CYS C 84 -15.86 36.54 -7.62
CA CYS C 84 -16.94 36.66 -6.64
C CYS C 84 -17.68 37.97 -6.76
N ALA C 85 -18.88 38.02 -6.21
CA ALA C 85 -19.69 39.24 -6.28
C ALA C 85 -18.93 40.42 -5.69
N ASP C 86 -18.24 40.19 -4.58
CA ASP C 86 -17.50 41.24 -3.90
C ASP C 86 -16.35 41.76 -4.73
N GLY C 87 -16.12 41.14 -5.88
CA GLY C 87 -15.05 41.58 -6.76
C GLY C 87 -13.76 40.77 -6.76
N SER C 88 -13.58 39.91 -5.77
CA SER C 88 -12.37 39.10 -5.67
C SER C 88 -12.38 37.84 -6.55
N ILE C 89 -11.25 37.12 -6.56
CA ILE C 89 -11.10 35.91 -7.36
C ILE C 89 -10.83 34.67 -6.50
N ASN C 90 -11.73 33.69 -6.58
CA ASN C 90 -11.60 32.42 -5.83
C ASN C 90 -10.92 31.29 -6.58
N LEU C 91 -10.38 30.35 -5.83
CA LEU C 91 -9.72 29.20 -6.42
C LEU C 91 -10.01 27.99 -5.56
N PHE C 92 -11.16 27.37 -5.84
CA PHE C 92 -11.69 26.21 -5.14
C PHE C 92 -10.77 25.00 -4.95
N ARG C 93 -10.34 24.77 -3.71
CA ARG C 93 -9.50 23.64 -3.33
C ARG C 93 -8.33 23.28 -4.26
N PRO C 94 -7.47 24.24 -4.59
CA PRO C 94 -6.34 23.94 -5.48
C PRO C 94 -5.39 22.86 -4.95
N ASP C 95 -5.10 22.92 -3.65
CA ASP C 95 -4.21 21.97 -3.00
C ASP C 95 -4.62 20.53 -3.25
N GLN C 96 -5.92 20.31 -3.47
CA GLN C 96 -6.43 18.98 -3.73
C GLN C 96 -6.01 18.47 -5.09
N ASN C 97 -6.02 19.36 -6.09
CA ASN C 97 -5.63 19.01 -7.44
C ASN C 97 -4.12 18.75 -7.48
N ALA C 98 -3.38 19.63 -6.81
CA ALA C 98 -1.92 19.53 -6.74
C ALA C 98 -1.51 18.13 -6.24
N ALA C 99 -2.19 17.67 -5.19
CA ALA C 99 -1.92 16.35 -4.63
C ALA C 99 -2.15 15.31 -5.71
N ARG C 100 -3.42 15.14 -6.09
CA ARG C 100 -3.82 14.21 -7.13
C ARG C 100 -2.85 14.26 -8.32
N MET C 101 -2.25 15.42 -8.56
CA MET C 101 -1.29 15.56 -9.65
C MET C 101 -0.11 14.61 -9.40
N ARG C 102 0.37 14.55 -8.16
CA ARG C 102 1.47 13.66 -7.80
C ARG C 102 0.99 12.23 -8.01
N MET C 103 -0.26 12.01 -7.64
CA MET C 103 -0.92 10.72 -7.76
C MET C 103 -0.73 10.17 -9.17
N SER C 104 -0.98 11.04 -10.16
CA SER C 104 -0.87 10.67 -11.57
C SER C 104 0.59 10.50 -11.97
N CYS C 105 1.40 11.53 -11.72
CA CYS C 105 2.82 11.50 -12.07
C CYS C 105 3.43 10.21 -11.52
N ARG C 106 3.21 9.97 -10.23
CA ARG C 106 3.75 8.78 -9.60
C ARG C 106 3.38 7.53 -10.38
N ARG C 107 2.12 7.41 -10.77
CA ARG C 107 1.67 6.24 -11.51
C ARG C 107 2.40 6.01 -12.83
N LEU C 108 3.04 7.04 -13.36
CA LEU C 108 3.75 6.93 -14.64
C LEU C 108 5.20 7.40 -14.63
N LEU C 109 5.90 7.13 -13.53
CA LEU C 109 7.31 7.52 -13.40
C LEU C 109 7.61 8.90 -13.93
N MET C 110 6.84 9.89 -13.49
CA MET C 110 7.06 11.27 -13.91
C MET C 110 7.33 12.10 -12.68
N PRO C 111 8.28 13.04 -12.78
CA PRO C 111 8.64 13.94 -11.67
C PRO C 111 7.49 14.79 -11.17
N GLU C 112 7.08 14.52 -9.93
CA GLU C 112 5.98 15.22 -9.28
C GLU C 112 6.32 16.66 -8.92
N LEU C 113 5.30 17.46 -8.64
CA LEU C 113 5.50 18.86 -8.29
C LEU C 113 4.86 19.11 -6.94
N SER C 114 5.41 20.04 -6.19
CA SER C 114 4.88 20.37 -4.87
C SER C 114 3.64 21.25 -4.97
N ASP C 115 3.11 21.64 -3.81
CA ASP C 115 1.94 22.51 -3.75
C ASP C 115 2.31 23.94 -4.11
N GLU C 116 3.44 24.41 -3.60
CA GLU C 116 3.92 25.76 -3.90
C GLU C 116 4.15 25.89 -5.41
N GLN C 117 4.80 24.91 -6.00
CA GLN C 117 5.04 24.94 -7.43
C GLN C 117 3.69 24.95 -8.16
N PHE C 118 2.94 23.85 -8.00
CA PHE C 118 1.65 23.69 -8.66
C PHE C 118 0.67 24.83 -8.46
N ILE C 119 0.62 25.38 -7.25
CA ILE C 119 -0.31 26.48 -7.00
C ILE C 119 0.27 27.80 -7.44
N ASP C 120 1.59 27.88 -7.48
CA ASP C 120 2.25 29.11 -7.89
C ASP C 120 1.94 29.36 -9.37
N ALA C 121 2.08 28.32 -10.19
CA ALA C 121 1.80 28.45 -11.61
C ALA C 121 0.34 28.79 -11.89
N CYS C 122 -0.57 28.26 -11.08
CA CYS C 122 -1.98 28.54 -11.28
C CYS C 122 -2.25 29.99 -10.94
N LEU C 123 -1.59 30.47 -9.91
CA LEU C 123 -1.75 31.83 -9.46
C LEU C 123 -1.19 32.86 -10.43
N GLN C 124 -0.22 32.46 -11.24
CA GLN C 124 0.33 33.39 -12.20
C GLN C 124 -0.59 33.46 -13.42
N VAL C 125 -0.89 32.27 -13.94
CA VAL C 125 -1.78 32.14 -15.10
C VAL C 125 -3.06 32.92 -14.90
N VAL C 126 -3.71 32.80 -13.74
CA VAL C 126 -4.96 33.54 -13.50
C VAL C 126 -4.73 35.05 -13.51
N ARG C 127 -3.66 35.51 -12.87
CA ARG C 127 -3.36 36.94 -12.83
C ARG C 127 -2.95 37.43 -14.21
N ALA C 128 -2.00 36.72 -14.82
CA ALA C 128 -1.54 37.09 -16.15
C ALA C 128 -2.67 37.14 -17.19
N ASN C 129 -3.85 36.61 -16.85
CA ASN C 129 -4.97 36.59 -17.79
C ASN C 129 -6.29 37.01 -17.15
N GLU C 130 -6.21 37.85 -16.13
CA GLU C 130 -7.41 38.32 -15.43
C GLU C 130 -8.50 38.95 -16.28
N HIS C 131 -8.16 39.43 -17.47
CA HIS C 131 -9.18 40.01 -18.31
C HIS C 131 -10.13 38.93 -18.78
N PHE C 132 -9.58 37.72 -18.97
CA PHE C 132 -10.40 36.59 -19.43
C PHE C 132 -11.34 35.99 -18.38
N LEU C 133 -11.16 36.33 -17.11
CA LEU C 133 -12.05 35.77 -16.11
C LEU C 133 -13.41 36.40 -16.33
N PRO C 134 -14.45 35.59 -16.61
CA PRO C 134 -15.83 36.04 -16.84
C PRO C 134 -16.37 36.78 -15.62
N PRO C 135 -16.93 37.98 -15.82
CA PRO C 135 -17.48 38.76 -14.71
C PRO C 135 -18.55 38.01 -13.97
N TYR C 136 -18.68 38.31 -12.69
CA TYR C 136 -19.69 37.68 -11.85
C TYR C 136 -21.05 37.84 -12.51
N GLY C 137 -21.98 36.93 -12.21
CA GLY C 137 -23.30 37.01 -12.80
C GLY C 137 -23.41 36.05 -13.96
N THR C 138 -22.31 35.93 -14.69
CA THR C 138 -22.21 35.04 -15.82
C THR C 138 -21.70 33.73 -15.23
N GLY C 139 -22.49 32.66 -15.38
CA GLY C 139 -22.09 31.38 -14.83
C GLY C 139 -20.77 30.84 -15.36
N GLY C 140 -20.08 31.67 -16.14
CA GLY C 140 -18.81 31.25 -16.70
C GLY C 140 -17.70 31.37 -15.70
N SER C 141 -16.52 30.89 -16.06
CA SER C 141 -15.38 30.96 -15.18
C SER C 141 -14.13 30.66 -15.98
N LEU C 142 -12.98 30.79 -15.34
CA LEU C 142 -11.70 30.56 -16.03
C LEU C 142 -11.16 29.17 -15.70
N TYR C 143 -11.23 28.26 -16.68
CA TYR C 143 -10.73 26.89 -16.52
C TYR C 143 -9.21 26.96 -16.54
N LEU C 144 -8.54 26.04 -15.82
CA LEU C 144 -7.08 26.00 -15.79
C LEU C 144 -6.63 24.59 -16.14
N ARG C 145 -5.78 24.47 -17.15
CA ARG C 145 -5.33 23.16 -17.55
C ARG C 145 -3.86 22.91 -17.27
N PRO C 146 -3.55 22.33 -16.13
CA PRO C 146 -2.14 22.07 -15.86
C PRO C 146 -1.87 20.65 -16.40
N PHE C 147 -0.66 20.40 -16.89
CA PHE C 147 -0.35 19.08 -17.39
C PHE C 147 1.14 18.77 -17.46
N VAL C 148 1.45 17.48 -17.50
CA VAL C 148 2.83 17.00 -17.55
C VAL C 148 3.00 15.96 -18.66
N ILE C 149 4.05 16.09 -19.45
CA ILE C 149 4.28 15.16 -20.55
C ILE C 149 5.75 14.82 -20.71
N GLY C 150 6.02 13.54 -21.02
CA GLY C 150 7.39 13.10 -21.20
C GLY C 150 7.93 13.66 -22.50
N VAL C 151 9.21 13.98 -22.53
CA VAL C 151 9.82 14.53 -23.75
C VAL C 151 11.19 13.91 -24.06
N GLY C 152 12.06 14.71 -24.68
CA GLY C 152 13.39 14.25 -25.03
C GLY C 152 13.36 13.03 -25.92
N ASP C 153 14.40 12.88 -26.72
CA ASP C 153 14.51 11.76 -27.65
C ASP C 153 14.47 10.39 -26.95
N ASN C 154 13.75 9.44 -27.56
CA ASN C 154 13.63 8.10 -26.99
C ASN C 154 12.84 7.21 -27.94
N ILE C 155 13.27 5.95 -28.09
CA ILE C 155 12.54 5.01 -28.95
C ILE C 155 11.89 3.92 -28.11
N GLY C 156 12.69 3.28 -27.26
CA GLY C 156 12.19 2.20 -26.42
C GLY C 156 11.11 2.55 -25.41
N VAL C 157 10.65 1.53 -24.68
CA VAL C 157 9.59 1.70 -23.68
C VAL C 157 10.13 1.92 -22.26
N ARG C 158 10.20 3.18 -21.87
CA ARG C 158 10.70 3.58 -20.57
C ARG C 158 10.20 5.01 -20.30
N THR C 159 10.52 5.55 -19.13
CA THR C 159 10.12 6.93 -18.82
C THR C 159 11.10 7.86 -19.52
N ALA C 160 10.60 8.90 -20.17
CA ALA C 160 11.48 9.83 -20.88
C ALA C 160 12.54 10.47 -19.98
N PRO C 161 13.66 10.91 -20.57
CA PRO C 161 14.73 11.52 -19.78
C PRO C 161 14.45 12.98 -19.46
N GLU C 162 13.40 13.54 -20.07
CA GLU C 162 13.08 14.93 -19.81
C GLU C 162 11.57 15.07 -19.71
N PHE C 163 11.12 16.11 -19.02
CA PHE C 163 9.70 16.35 -18.85
C PHE C 163 9.32 17.80 -19.03
N ILE C 164 8.03 18.05 -19.11
CA ILE C 164 7.51 19.40 -19.28
C ILE C 164 6.27 19.62 -18.42
N PHE C 165 6.24 20.73 -17.72
CA PHE C 165 5.07 21.07 -16.91
C PHE C 165 4.53 22.40 -17.44
N SER C 166 3.25 22.43 -17.76
CA SER C 166 2.68 23.65 -18.27
C SER C 166 1.27 23.84 -17.78
N VAL C 167 0.89 25.09 -17.60
CA VAL C 167 -0.45 25.42 -17.15
C VAL C 167 -0.99 26.48 -18.09
N PHE C 168 -2.23 26.30 -18.53
CA PHE C 168 -2.84 27.27 -19.41
C PHE C 168 -4.32 27.37 -19.07
N CYS C 169 -4.94 28.48 -19.44
CA CYS C 169 -6.33 28.68 -19.12
C CYS C 169 -7.17 28.93 -20.37
N VAL C 170 -8.45 29.17 -20.13
CA VAL C 170 -9.44 29.48 -21.15
C VAL C 170 -10.75 29.66 -20.41
N PRO C 171 -11.51 30.71 -20.74
CA PRO C 171 -12.79 30.94 -20.05
C PRO C 171 -13.78 29.92 -20.57
N VAL C 172 -14.56 29.34 -19.65
CA VAL C 172 -15.54 28.32 -20.01
C VAL C 172 -16.86 28.56 -19.31
N GLY C 173 -17.94 28.16 -19.98
CA GLY C 173 -19.26 28.28 -19.39
C GLY C 173 -19.54 26.91 -18.79
N PRO C 174 -20.79 26.41 -18.83
CA PRO C 174 -21.10 25.10 -18.27
C PRO C 174 -20.81 23.97 -19.28
N TYR C 175 -20.62 22.76 -18.79
CA TYR C 175 -20.36 21.63 -19.67
C TYR C 175 -21.72 21.14 -20.16
N PHE C 176 -21.88 19.84 -20.41
CA PHE C 176 -23.17 19.35 -20.87
C PHE C 176 -24.30 19.69 -19.91
N LYS C 177 -24.83 20.91 -19.98
CA LYS C 177 -25.91 21.30 -19.09
C LYS C 177 -26.39 22.73 -19.35
N GLY C 178 -26.29 23.60 -18.34
CA GLY C 178 -26.71 24.98 -18.50
C GLY C 178 -27.49 25.58 -17.35
N GLY C 179 -27.24 25.12 -16.12
CA GLY C 179 -27.95 25.65 -14.97
C GLY C 179 -29.03 24.69 -14.51
N LEU C 180 -28.60 23.57 -13.94
CA LEU C 180 -29.51 22.52 -13.46
C LEU C 180 -30.50 22.11 -14.53
N THR C 181 -29.97 21.77 -15.69
CA THR C 181 -30.77 21.31 -16.80
C THR C 181 -30.19 19.92 -17.07
N PRO C 182 -31.01 18.87 -16.89
CA PRO C 182 -30.62 17.47 -17.10
C PRO C 182 -30.24 17.07 -18.52
N THR C 183 -29.50 15.97 -18.63
CA THR C 183 -29.06 15.41 -19.91
C THR C 183 -29.14 13.92 -19.63
N ASN C 184 -28.96 13.09 -20.65
CA ASN C 184 -29.06 11.65 -20.43
C ASN C 184 -27.80 10.87 -20.71
N PHE C 185 -27.58 9.82 -19.93
CA PHE C 185 -26.41 8.97 -20.11
C PHE C 185 -26.85 7.56 -20.49
N ILE C 186 -25.97 6.84 -21.20
CA ILE C 186 -26.24 5.48 -21.66
C ILE C 186 -25.08 4.51 -21.31
N THR C 187 -25.42 3.25 -21.01
CA THR C 187 -24.43 2.23 -20.60
C THR C 187 -23.73 1.37 -21.64
N SER C 188 -22.54 1.80 -22.05
CA SER C 188 -21.73 1.11 -23.03
C SER C 188 -21.30 -0.27 -22.51
N ASP C 189 -20.65 -1.03 -23.38
CA ASP C 189 -20.15 -2.37 -23.07
C ASP C 189 -18.63 -2.27 -23.11
N TYR C 190 -18.13 -1.14 -23.61
CA TYR C 190 -16.70 -0.90 -23.70
C TYR C 190 -16.13 -0.57 -22.32
N ASP C 191 -14.82 -0.68 -22.18
CA ASP C 191 -14.17 -0.35 -20.91
C ASP C 191 -13.16 0.77 -21.19
N ARG C 192 -13.20 1.85 -20.39
CA ARG C 192 -12.24 2.93 -20.58
C ARG C 192 -11.02 2.75 -19.66
N ALA C 193 -11.18 1.90 -18.65
CA ALA C 193 -10.09 1.65 -17.72
C ALA C 193 -10.05 0.19 -17.30
N ALA C 194 -8.84 -0.33 -17.10
CA ALA C 194 -8.65 -1.73 -16.70
C ALA C 194 -9.09 -1.94 -15.26
N PRO C 195 -9.27 -3.21 -14.85
CA PRO C 195 -9.69 -3.58 -13.48
C PRO C 195 -8.68 -3.08 -12.44
N HIS C 196 -7.40 -3.32 -12.68
CA HIS C 196 -6.33 -2.89 -11.79
C HIS C 196 -5.31 -2.18 -12.67
N GLY C 197 -5.61 -0.95 -13.05
CA GLY C 197 -4.70 -0.22 -13.91
C GLY C 197 -4.61 1.26 -13.57
N THR C 198 -4.61 2.09 -14.61
CA THR C 198 -4.52 3.54 -14.45
C THR C 198 -5.89 4.22 -14.47
N GLY C 199 -6.90 3.54 -13.96
CA GLY C 199 -8.22 4.13 -13.95
C GLY C 199 -8.35 5.26 -12.94
N ALA C 200 -7.70 5.11 -11.79
CA ALA C 200 -7.76 6.11 -10.73
C ALA C 200 -6.95 7.38 -10.96
N ALA C 201 -5.93 7.31 -11.79
CA ALA C 201 -5.12 8.49 -12.08
C ALA C 201 -5.80 9.32 -13.14
N LYS C 202 -5.24 10.48 -13.44
CA LYS C 202 -5.83 11.33 -14.47
C LYS C 202 -4.89 11.41 -15.66
N VAL C 203 -4.67 10.26 -16.30
CA VAL C 203 -3.79 10.17 -17.45
C VAL C 203 -4.57 10.17 -18.76
N GLY C 204 -3.85 10.37 -19.86
CA GLY C 204 -4.46 10.45 -21.18
C GLY C 204 -5.09 9.17 -21.69
N GLY C 205 -4.40 8.05 -21.53
CA GLY C 205 -4.92 6.77 -22.01
C GLY C 205 -6.37 6.50 -21.69
N ASN C 206 -6.74 6.69 -20.43
CA ASN C 206 -8.11 6.45 -19.97
C ASN C 206 -9.14 7.10 -20.87
N TYR C 207 -8.77 8.20 -21.52
CA TYR C 207 -9.69 8.90 -22.42
C TYR C 207 -9.61 8.35 -23.83
N ALA C 208 -8.39 8.13 -24.31
CA ALA C 208 -8.19 7.57 -25.64
C ALA C 208 -9.16 6.39 -25.72
N ALA C 209 -9.40 5.80 -24.56
CA ALA C 209 -10.27 4.66 -24.41
C ALA C 209 -11.76 4.99 -24.47
N SER C 210 -12.16 6.14 -23.93
CA SER C 210 -13.57 6.51 -23.92
C SER C 210 -14.06 7.29 -25.14
N LEU C 211 -13.17 7.55 -26.09
CA LEU C 211 -13.52 8.28 -27.30
C LEU C 211 -14.55 7.48 -28.04
N LEU C 212 -14.10 6.37 -28.62
CA LEU C 212 -14.96 5.47 -29.37
C LEU C 212 -16.34 5.31 -28.71
N PRO C 213 -16.41 4.70 -27.53
CA PRO C 213 -17.70 4.53 -26.86
C PRO C 213 -18.44 5.84 -26.55
N GLY C 214 -17.74 6.96 -26.77
CA GLY C 214 -18.32 8.27 -26.52
C GLY C 214 -19.00 8.85 -27.74
N TYR C 215 -18.35 8.74 -28.90
CA TYR C 215 -18.90 9.24 -30.16
C TYR C 215 -20.22 8.51 -30.45
N GLU C 216 -20.26 7.22 -30.14
CA GLU C 216 -21.47 6.41 -30.35
C GLU C 216 -22.56 6.92 -29.42
N ALA C 217 -22.19 7.13 -28.16
CA ALA C 217 -23.15 7.63 -27.18
C ALA C 217 -23.74 9.00 -27.59
N LYS C 218 -23.00 9.75 -28.39
CA LYS C 218 -23.42 11.08 -28.88
C LYS C 218 -24.34 11.02 -30.10
N LYS C 219 -24.06 10.12 -31.03
CA LYS C 219 -24.87 9.95 -32.23
C LYS C 219 -26.26 9.47 -31.81
N ARG C 220 -26.29 8.66 -30.75
CA ARG C 220 -27.52 8.14 -30.18
C ARG C 220 -28.20 9.27 -29.45
N ASP C 221 -27.50 10.40 -29.36
CA ASP C 221 -28.00 11.59 -28.68
C ASP C 221 -28.01 11.61 -27.12
N PHE C 222 -27.04 10.94 -26.50
CA PHE C 222 -26.92 10.97 -25.05
C PHE C 222 -25.77 11.92 -24.72
N ALA C 223 -25.74 12.44 -23.49
CA ALA C 223 -24.69 13.39 -23.08
C ALA C 223 -23.30 12.74 -23.09
N ASP C 224 -23.26 11.48 -22.70
CA ASP C 224 -22.02 10.72 -22.69
C ASP C 224 -22.41 9.36 -22.16
N VAL C 225 -21.44 8.48 -22.07
CA VAL C 225 -21.71 7.14 -21.57
C VAL C 225 -21.35 7.02 -20.09
N ILE C 226 -22.02 6.09 -19.40
CA ILE C 226 -21.77 5.79 -18.00
C ILE C 226 -21.12 4.42 -18.06
N TYR C 227 -19.92 4.29 -17.52
CA TYR C 227 -19.22 3.01 -17.56
C TYR C 227 -19.58 2.16 -16.37
N LEU C 228 -19.56 0.83 -16.54
CA LEU C 228 -19.94 -0.06 -15.46
C LEU C 228 -18.83 -0.63 -14.58
N ASP C 229 -17.86 -1.28 -15.17
CA ASP C 229 -16.71 -1.85 -14.43
C ASP C 229 -16.08 -3.02 -15.16
N PRO C 230 -14.79 -2.87 -15.49
CA PRO C 230 -13.99 -3.87 -16.20
C PRO C 230 -14.50 -5.31 -16.05
N ALA C 231 -14.53 -5.81 -14.82
CA ALA C 231 -14.99 -7.17 -14.55
C ALA C 231 -16.38 -7.41 -15.14
N THR C 232 -17.32 -7.86 -14.31
CA THR C 232 -18.65 -8.10 -14.82
C THR C 232 -19.43 -6.80 -14.70
N HIS C 233 -19.72 -6.19 -15.85
CA HIS C 233 -20.45 -4.93 -15.89
C HIS C 233 -21.75 -5.03 -15.10
N THR C 234 -21.66 -4.86 -13.79
CA THR C 234 -22.84 -4.94 -12.91
C THR C 234 -23.12 -3.68 -12.10
N THR C 235 -22.05 -3.04 -11.66
CA THR C 235 -22.13 -1.83 -10.86
C THR C 235 -21.75 -0.59 -11.67
N ILE C 236 -22.03 0.59 -11.11
CA ILE C 236 -21.75 1.85 -11.76
C ILE C 236 -20.37 2.37 -11.40
N GLU C 237 -19.73 3.07 -12.35
CA GLU C 237 -18.40 3.65 -12.15
C GLU C 237 -18.44 5.17 -12.24
N GLU C 238 -18.18 5.69 -13.43
CA GLU C 238 -18.17 7.12 -13.66
C GLU C 238 -18.71 7.39 -15.04
N ALA C 239 -18.70 8.65 -15.44
CA ALA C 239 -19.22 9.08 -16.72
C ALA C 239 -18.18 9.75 -17.60
N GLY C 240 -17.10 9.03 -17.90
CA GLY C 240 -16.06 9.56 -18.77
C GLY C 240 -15.43 10.88 -18.40
N ALA C 241 -16.18 11.78 -17.78
CA ALA C 241 -15.67 13.08 -17.38
C ALA C 241 -16.29 13.55 -16.07
N ALA C 242 -16.78 12.60 -15.26
CA ALA C 242 -17.39 12.94 -13.98
C ALA C 242 -17.88 11.73 -13.22
N ASN C 243 -17.67 11.72 -11.91
CA ASN C 243 -18.13 10.62 -11.08
C ASN C 243 -19.66 10.60 -11.21
N PHE C 244 -20.32 9.67 -10.52
CA PHE C 244 -21.78 9.55 -10.53
C PHE C 244 -22.30 9.42 -9.11
N PHE C 245 -23.48 9.99 -8.85
CA PHE C 245 -24.06 9.90 -7.51
C PHE C 245 -25.59 9.90 -7.58
N ALA C 246 -26.24 9.55 -6.47
CA ALA C 246 -27.69 9.51 -6.41
C ALA C 246 -28.22 9.65 -4.99
N ILE C 247 -29.49 9.99 -4.89
CA ILE C 247 -30.15 10.17 -3.61
C ILE C 247 -31.24 9.14 -3.37
N THR C 248 -31.06 8.33 -2.34
CA THR C 248 -32.04 7.29 -2.01
C THR C 248 -33.48 7.80 -2.07
N GLN C 249 -34.40 6.88 -2.35
CA GLN C 249 -35.82 7.20 -2.51
C GLN C 249 -36.50 8.02 -1.42
N ASP C 250 -35.92 8.10 -0.23
CA ASP C 250 -36.54 8.90 0.82
C ASP C 250 -35.88 10.29 0.86
N GLY C 251 -35.02 10.53 -0.13
CA GLY C 251 -34.34 11.80 -0.24
C GLY C 251 -33.47 12.12 0.95
N GLN C 252 -33.15 11.11 1.76
CA GLN C 252 -32.34 11.30 2.96
C GLN C 252 -30.87 10.86 2.90
N LYS C 253 -30.47 10.14 1.86
CA LYS C 253 -29.10 9.65 1.78
C LYS C 253 -28.41 9.89 0.44
N PHE C 254 -27.10 10.10 0.51
CA PHE C 254 -26.26 10.38 -0.64
C PHE C 254 -25.39 9.16 -0.89
N VAL C 255 -25.42 8.65 -2.10
CA VAL C 255 -24.65 7.46 -2.42
C VAL C 255 -23.85 7.66 -3.70
N THR C 256 -22.61 7.17 -3.71
CA THR C 256 -21.73 7.30 -4.88
C THR C 256 -20.85 6.05 -5.01
N PRO C 257 -20.68 5.53 -6.24
CA PRO C 257 -19.86 4.35 -6.47
C PRO C 257 -18.45 4.45 -5.93
N GLN C 258 -17.92 3.32 -5.47
CA GLN C 258 -16.55 3.27 -4.94
C GLN C 258 -15.83 2.12 -5.61
N SER C 259 -14.64 2.38 -6.13
CA SER C 259 -13.85 1.34 -6.80
C SER C 259 -12.43 1.79 -7.17
N PRO C 260 -11.51 0.83 -7.32
CA PRO C 260 -10.13 1.18 -7.67
C PRO C 260 -10.01 1.66 -9.10
N SER C 261 -11.14 2.05 -9.69
CA SER C 261 -11.16 2.54 -11.07
C SER C 261 -11.54 4.01 -11.17
N ILE C 262 -12.79 4.33 -10.81
CA ILE C 262 -13.28 5.71 -10.88
C ILE C 262 -12.23 6.70 -10.42
N LEU C 263 -12.09 7.82 -11.13
CA LEU C 263 -11.13 8.82 -10.70
C LEU C 263 -11.66 9.47 -9.44
N PRO C 264 -10.80 9.65 -8.42
CA PRO C 264 -11.20 10.28 -7.16
C PRO C 264 -11.48 11.77 -7.35
N SER C 265 -12.75 12.08 -7.60
CA SER C 265 -13.22 13.43 -7.84
C SER C 265 -13.30 14.37 -6.65
N ILE C 266 -12.64 15.51 -6.78
CA ILE C 266 -12.62 16.54 -5.74
C ILE C 266 -14.04 17.02 -5.48
N THR C 267 -14.80 17.24 -6.56
CA THR C 267 -16.19 17.70 -6.46
C THR C 267 -17.01 16.62 -5.77
N LYS C 268 -16.74 15.37 -6.13
CA LYS C 268 -17.41 14.21 -5.57
C LYS C 268 -17.15 14.26 -4.06
N TYR C 269 -15.87 14.28 -3.71
CA TYR C 269 -15.50 14.34 -2.32
C TYR C 269 -16.09 15.57 -1.64
N SER C 270 -15.86 16.74 -2.21
CA SER C 270 -16.37 17.96 -1.63
C SER C 270 -17.86 17.86 -1.37
N LEU C 271 -18.59 17.28 -2.32
CA LEU C 271 -20.03 17.11 -2.19
C LEU C 271 -20.38 16.11 -1.10
N LEU C 272 -19.63 15.02 -1.08
CA LEU C 272 -19.83 13.97 -0.08
C LEU C 272 -19.81 14.65 1.29
N TRP C 273 -18.87 15.59 1.43
CA TRP C 273 -18.67 16.34 2.67
C TRP C 273 -19.79 17.35 2.91
N LEU C 274 -20.24 18.00 1.84
CA LEU C 274 -21.30 19.00 2.00
C LEU C 274 -22.62 18.41 2.44
N ALA C 275 -23.07 17.35 1.78
CA ALA C 275 -24.35 16.72 2.12
C ALA C 275 -24.33 16.07 3.51
N GLU C 276 -23.14 15.75 3.99
CA GLU C 276 -22.94 15.13 5.30
C GLU C 276 -22.89 16.16 6.43
N HIS C 277 -22.10 17.22 6.23
CA HIS C 277 -21.93 18.27 7.24
C HIS C 277 -22.65 19.61 7.02
N ARG C 278 -23.38 19.75 5.93
CA ARG C 278 -24.08 21.00 5.66
C ARG C 278 -25.52 20.82 5.19
N LEU C 279 -25.85 19.64 4.65
CA LEU C 279 -27.23 19.38 4.19
C LEU C 279 -28.01 18.37 5.04
N GLY C 280 -27.33 17.75 6.00
CA GLY C 280 -27.98 16.79 6.89
C GLY C 280 -28.14 15.35 6.45
N LEU C 281 -27.84 15.07 5.19
CA LEU C 281 -28.01 13.73 4.63
C LEU C 281 -27.04 12.67 5.13
N GLU C 282 -27.50 11.41 5.04
CA GLU C 282 -26.70 10.24 5.40
C GLU C 282 -25.82 10.09 4.19
N VAL C 283 -24.64 9.55 4.35
CA VAL C 283 -23.75 9.44 3.21
C VAL C 283 -23.22 8.03 3.02
N GLU C 284 -23.10 7.60 1.77
CA GLU C 284 -22.59 6.26 1.50
C GLU C 284 -21.71 6.15 0.25
N GLU C 285 -20.68 5.32 0.34
CA GLU C 285 -19.75 5.06 -0.76
C GLU C 285 -19.77 3.56 -1.03
N GLY C 286 -20.93 3.03 -1.40
CA GLY C 286 -21.04 1.60 -1.64
C GLY C 286 -21.06 1.21 -3.10
N ASP C 287 -21.88 0.20 -3.42
CA ASP C 287 -22.03 -0.27 -4.80
C ASP C 287 -23.40 0.09 -5.36
N ILE C 288 -23.44 0.60 -6.60
CA ILE C 288 -24.71 0.94 -7.24
C ILE C 288 -24.89 0.02 -8.45
N ARG C 289 -25.83 -0.89 -8.39
CA ARG C 289 -26.07 -1.82 -9.49
C ARG C 289 -27.08 -1.23 -10.47
N ILE C 290 -26.86 -1.45 -11.77
CA ILE C 290 -27.77 -0.94 -12.78
C ILE C 290 -29.13 -1.60 -12.57
N ASP C 291 -29.13 -2.69 -11.79
CA ASP C 291 -30.34 -3.45 -11.48
C ASP C 291 -31.18 -2.77 -10.42
N GLU C 292 -30.67 -1.68 -9.84
CA GLU C 292 -31.41 -0.99 -8.78
C GLU C 292 -31.54 0.54 -8.83
N LEU C 293 -31.84 1.10 -10.00
CA LEU C 293 -32.01 2.54 -10.14
C LEU C 293 -33.23 3.06 -9.39
N GLY C 294 -34.31 2.26 -9.40
CA GLY C 294 -35.52 2.66 -8.72
C GLY C 294 -35.38 2.75 -7.20
N LYS C 295 -34.16 2.58 -6.71
CA LYS C 295 -33.91 2.67 -5.28
C LYS C 295 -33.49 4.08 -4.94
N PHE C 296 -33.39 4.92 -5.98
CA PHE C 296 -32.99 6.32 -5.83
C PHE C 296 -34.02 7.28 -6.40
N SER C 297 -34.21 8.40 -5.74
CA SER C 297 -35.17 9.38 -6.23
C SER C 297 -34.49 10.37 -7.19
N GLU C 298 -33.22 10.69 -6.98
CA GLU C 298 -32.52 11.63 -7.85
C GLU C 298 -31.14 11.12 -8.22
N ALA C 299 -30.57 11.65 -9.29
CA ALA C 299 -29.23 11.24 -9.72
C ALA C 299 -28.56 12.35 -10.52
N GLY C 300 -27.23 12.31 -10.58
CA GLY C 300 -26.52 13.33 -11.33
C GLY C 300 -25.02 13.11 -11.40
N ALA C 301 -24.37 13.79 -12.34
CA ALA C 301 -22.93 13.67 -12.49
C ALA C 301 -22.32 14.84 -11.74
N CYS C 302 -21.00 14.85 -11.60
CA CYS C 302 -20.34 15.94 -10.89
C CYS C 302 -18.87 16.00 -11.23
N GLY C 303 -18.33 17.22 -11.24
CA GLY C 303 -16.91 17.42 -11.55
C GLY C 303 -16.60 18.90 -11.76
N THR C 304 -15.32 19.24 -11.84
CA THR C 304 -14.91 20.63 -12.04
C THR C 304 -15.72 21.24 -13.17
N ALA C 305 -15.67 20.60 -14.33
CA ALA C 305 -16.39 21.04 -15.51
C ALA C 305 -17.85 20.72 -15.35
N ALA C 306 -18.15 19.44 -15.08
CA ALA C 306 -19.52 18.99 -14.91
C ALA C 306 -20.23 19.89 -13.88
N VAL C 307 -19.85 19.76 -12.62
CA VAL C 307 -20.44 20.58 -11.55
C VAL C 307 -21.87 20.16 -11.28
N ILE C 308 -22.06 18.93 -10.82
CA ILE C 308 -23.42 18.44 -10.57
C ILE C 308 -24.33 18.67 -11.79
N THR C 309 -24.41 17.65 -12.66
CA THR C 309 -25.24 17.72 -13.86
C THR C 309 -26.35 16.70 -13.73
N PRO C 310 -27.58 17.15 -13.44
CA PRO C 310 -28.74 16.26 -13.29
C PRO C 310 -28.85 15.21 -14.40
N ILE C 311 -29.17 13.99 -14.01
CA ILE C 311 -29.34 12.90 -14.97
C ILE C 311 -30.82 12.61 -15.18
N GLY C 312 -31.36 13.05 -16.31
CA GLY C 312 -32.76 12.84 -16.58
C GLY C 312 -33.11 11.36 -16.58
N GLY C 313 -32.26 10.56 -17.22
CA GLY C 313 -32.48 9.13 -17.29
C GLY C 313 -31.28 8.37 -17.80
N ILE C 314 -31.13 7.12 -17.37
CA ILE C 314 -30.01 6.33 -17.83
C ILE C 314 -30.53 5.20 -18.71
N GLN C 315 -29.84 4.93 -19.82
CA GLN C 315 -30.27 3.90 -20.74
C GLN C 315 -29.43 2.62 -20.71
N HIS C 316 -29.92 1.60 -20.01
CA HIS C 316 -29.18 0.35 -19.96
C HIS C 316 -29.85 -0.74 -20.77
N GLY C 317 -29.20 -1.16 -21.84
CA GLY C 317 -29.80 -2.18 -22.68
C GLY C 317 -30.99 -1.52 -23.35
N ASP C 318 -32.19 -2.05 -23.11
CA ASP C 318 -33.39 -1.48 -23.71
C ASP C 318 -34.34 -0.78 -22.74
N ASP C 319 -33.87 -0.45 -21.53
CA ASP C 319 -34.72 0.26 -20.58
C ASP C 319 -34.15 1.65 -20.28
N PHE C 320 -35.02 2.65 -20.37
CA PHE C 320 -34.64 4.04 -20.11
C PHE C 320 -35.25 4.41 -18.77
N HIS C 321 -34.42 4.39 -17.73
CA HIS C 321 -34.87 4.69 -16.37
C HIS C 321 -34.79 6.19 -16.06
N VAL C 322 -35.88 6.74 -15.55
CA VAL C 322 -35.97 8.18 -15.24
C VAL C 322 -36.21 8.40 -13.76
N PHE C 323 -35.16 8.74 -13.01
CA PHE C 323 -35.26 8.95 -11.57
C PHE C 323 -36.29 9.98 -11.14
N TYR C 324 -36.05 11.26 -11.42
CA TYR C 324 -36.96 12.32 -11.01
C TYR C 324 -37.75 12.90 -12.17
N SER C 325 -37.03 13.40 -13.16
CA SER C 325 -37.65 13.99 -14.31
C SER C 325 -36.58 14.10 -15.36
N GLU C 326 -36.95 14.62 -16.51
CA GLU C 326 -35.99 14.76 -17.59
C GLU C 326 -35.79 16.22 -17.93
N SER C 327 -36.53 17.10 -17.25
CA SER C 327 -36.44 18.53 -17.50
C SER C 327 -36.10 19.38 -16.27
N GLU C 328 -36.47 18.90 -15.09
CA GLU C 328 -36.17 19.62 -13.87
C GLU C 328 -35.29 18.77 -12.97
N PRO C 329 -34.43 19.42 -12.17
CA PRO C 329 -33.53 18.73 -11.24
C PRO C 329 -34.27 18.26 -10.00
N GLY C 330 -33.62 17.43 -9.19
CA GLY C 330 -34.26 16.97 -7.98
C GLY C 330 -33.98 17.95 -6.85
N PRO C 331 -34.93 18.18 -5.94
CA PRO C 331 -34.69 19.13 -4.83
C PRO C 331 -33.32 18.97 -4.17
N VAL C 332 -33.01 17.74 -3.76
CA VAL C 332 -31.74 17.43 -3.12
C VAL C 332 -30.61 17.82 -4.07
N THR C 333 -30.80 17.54 -5.36
CA THR C 333 -29.76 17.88 -6.32
C THR C 333 -29.64 19.40 -6.35
N ARG C 334 -30.75 20.09 -6.13
CA ARG C 334 -30.78 21.54 -6.16
C ARG C 334 -30.09 22.16 -4.96
N ARG C 335 -30.30 21.60 -3.77
CA ARG C 335 -29.66 22.12 -2.57
C ARG C 335 -28.14 21.91 -2.60
N LEU C 336 -27.69 20.83 -3.25
CA LEU C 336 -26.27 20.50 -3.34
C LEU C 336 -25.55 21.44 -4.30
N TYR C 337 -26.21 21.77 -5.39
CA TYR C 337 -25.65 22.68 -6.39
C TYR C 337 -25.50 24.07 -5.77
N ASP C 338 -26.63 24.66 -5.38
CA ASP C 338 -26.63 25.98 -4.78
C ASP C 338 -25.59 26.11 -3.68
N GLU C 339 -25.30 25.00 -3.00
CA GLU C 339 -24.31 25.02 -1.95
C GLU C 339 -22.92 24.97 -2.62
N LEU C 340 -22.60 23.82 -3.22
CA LEU C 340 -21.32 23.63 -3.90
C LEU C 340 -20.92 24.83 -4.76
N VAL C 341 -21.88 25.36 -5.54
CA VAL C 341 -21.62 26.50 -6.41
C VAL C 341 -21.46 27.81 -5.66
N GLY C 342 -22.34 28.06 -4.70
CA GLY C 342 -22.24 29.29 -3.94
C GLY C 342 -20.86 29.44 -3.33
N ILE C 343 -20.33 28.36 -2.78
CA ILE C 343 -19.01 28.39 -2.15
C ILE C 343 -17.95 28.89 -3.13
N GLN C 344 -18.06 28.50 -4.39
CA GLN C 344 -17.10 28.89 -5.42
C GLN C 344 -17.32 30.32 -5.92
N TYR C 345 -18.38 30.97 -5.48
CA TYR C 345 -18.66 32.32 -5.94
C TYR C 345 -18.79 33.31 -4.79
N GLY C 346 -18.29 32.88 -3.64
CA GLY C 346 -18.34 33.73 -2.47
C GLY C 346 -19.75 34.04 -2.00
N ASP C 347 -20.73 33.35 -2.53
CA ASP C 347 -22.11 33.60 -2.11
C ASP C 347 -22.35 32.99 -0.72
N LYS C 348 -21.97 31.73 -0.55
CA LYS C 348 -22.14 31.03 0.72
C LYS C 348 -20.79 30.92 1.40
N GLU C 349 -20.76 30.98 2.73
CA GLU C 349 -19.50 30.89 3.49
C GLU C 349 -18.69 29.65 3.10
N ALA C 350 -17.41 29.85 2.79
CA ALA C 350 -16.55 28.75 2.40
C ALA C 350 -16.00 28.01 3.59
N PRO C 351 -15.87 26.68 3.47
CA PRO C 351 -15.34 25.81 4.52
C PRO C 351 -13.87 26.14 4.80
N GLU C 352 -13.54 26.36 6.08
CA GLU C 352 -12.17 26.68 6.47
C GLU C 352 -11.17 25.80 5.77
N GLY C 353 -10.40 26.38 4.85
CA GLY C 353 -9.41 25.57 4.17
C GLY C 353 -9.54 25.62 2.66
N TRP C 354 -10.77 25.46 2.17
CA TRP C 354 -11.05 25.50 0.73
C TRP C 354 -10.96 26.95 0.33
N ILE C 355 -10.91 27.20 -0.96
CA ILE C 355 -10.82 28.58 -1.48
C ILE C 355 -9.45 29.19 -1.23
N VAL C 356 -8.94 29.88 -2.25
CA VAL C 356 -7.64 30.51 -2.17
C VAL C 356 -7.66 31.81 -2.97
N LYS C 357 -8.05 32.89 -2.32
CA LYS C 357 -8.11 34.19 -2.97
C LYS C 357 -6.91 34.47 -3.87
N VAL C 358 -7.16 34.75 -5.14
CA VAL C 358 -6.09 35.03 -6.08
C VAL C 358 -5.55 36.46 -5.90
N ILE D 24 27.33 4.79 -37.10
CA ILE D 24 28.60 4.34 -37.74
C ILE D 24 29.44 3.40 -36.84
N ASP D 25 28.76 2.52 -36.10
CA ASP D 25 29.44 1.57 -35.20
C ASP D 25 28.60 0.29 -35.00
N TRP D 26 28.12 -0.25 -36.11
CA TRP D 26 27.28 -1.46 -36.14
C TRP D 26 27.54 -2.44 -35.01
N SER D 27 28.81 -2.78 -34.81
CA SER D 27 29.23 -3.72 -33.77
C SER D 27 28.37 -3.61 -32.50
N THR D 28 28.33 -2.42 -31.92
CA THR D 28 27.56 -2.20 -30.70
C THR D 28 26.28 -1.39 -30.94
N LEU D 29 25.33 -2.00 -31.64
CA LEU D 29 24.05 -1.34 -31.92
C LEU D 29 23.00 -1.95 -30.98
N GLY D 30 22.19 -1.11 -30.36
CA GLY D 30 21.19 -1.63 -29.45
C GLY D 30 19.73 -1.28 -29.72
N PHE D 31 19.31 -0.13 -29.20
CA PHE D 31 17.94 0.32 -29.37
C PHE D 31 17.72 1.63 -28.65
N SER D 32 18.49 2.64 -29.05
CA SER D 32 18.42 3.98 -28.48
C SER D 32 18.16 4.92 -29.65
N TYR D 33 17.22 5.84 -29.49
CA TYR D 33 16.92 6.76 -30.57
C TYR D 33 18.21 7.36 -31.11
N ILE D 34 18.27 7.48 -32.43
CA ILE D 34 19.42 8.05 -33.12
C ILE D 34 18.87 9.00 -34.18
N ARG D 35 19.30 10.25 -34.11
CA ARG D 35 18.87 11.26 -35.06
C ARG D 35 19.29 10.81 -36.45
N THR D 36 18.41 11.00 -37.43
CA THR D 36 18.73 10.63 -38.80
C THR D 36 18.32 11.78 -39.72
N ASP D 37 18.90 11.84 -40.90
CA ASP D 37 18.64 12.92 -41.84
C ASP D 37 17.20 13.30 -42.09
N LEU D 38 16.37 12.34 -42.48
CA LEU D 38 15.00 12.67 -42.84
C LEU D 38 13.91 11.77 -42.33
N ARG D 39 12.73 12.38 -42.16
CA ARG D 39 11.52 11.69 -41.71
C ARG D 39 10.39 12.10 -42.65
N TYR D 40 9.34 11.29 -42.71
CA TYR D 40 8.17 11.56 -43.54
C TYR D 40 7.27 12.44 -42.71
N LEU D 41 6.30 13.09 -43.33
CA LEU D 41 5.38 13.95 -42.58
C LEU D 41 4.25 14.55 -43.41
N ALA D 42 3.02 14.25 -42.99
CA ALA D 42 1.83 14.73 -43.65
C ALA D 42 0.83 15.20 -42.61
N HIS D 43 -0.01 16.16 -42.97
CA HIS D 43 -0.99 16.69 -42.04
C HIS D 43 -2.36 16.28 -42.51
N TRP D 44 -3.30 16.19 -41.57
CA TRP D 44 -4.66 15.86 -41.91
C TRP D 44 -5.50 17.03 -41.46
N LYS D 45 -6.18 17.64 -42.43
CA LYS D 45 -7.01 18.78 -42.15
C LYS D 45 -8.23 18.78 -43.07
N ASP D 46 -9.33 19.31 -42.57
CA ASP D 46 -10.58 19.39 -43.34
C ASP D 46 -10.91 18.18 -44.21
N GLY D 47 -10.90 17.01 -43.59
CA GLY D 47 -11.26 15.76 -44.26
C GLY D 47 -10.25 15.04 -45.13
N GLU D 48 -9.00 15.48 -45.15
CA GLU D 48 -8.05 14.79 -46.01
C GLU D 48 -6.58 15.02 -45.70
N TRP D 49 -5.79 13.97 -45.98
CA TRP D 49 -4.33 13.95 -45.79
C TRP D 49 -3.59 14.73 -46.88
N ASP D 50 -2.68 15.62 -46.50
CA ASP D 50 -1.95 16.36 -47.52
C ASP D 50 -0.91 15.47 -48.22
N ALA D 51 -0.21 16.06 -49.19
CA ALA D 51 0.80 15.35 -49.97
C ALA D 51 1.84 14.63 -49.12
N GLY D 52 2.51 15.38 -48.25
CA GLY D 52 3.56 14.82 -47.42
C GLY D 52 4.80 15.67 -47.56
N THR D 53 5.97 15.05 -47.42
CA THR D 53 7.27 15.72 -47.52
C THR D 53 8.24 15.14 -46.51
N LEU D 54 9.53 15.29 -46.78
CA LEU D 54 10.56 14.82 -45.86
C LEU D 54 11.19 16.07 -45.23
N THR D 55 11.73 15.94 -44.03
CA THR D 55 12.34 17.08 -43.37
C THR D 55 13.46 16.65 -42.49
N GLU D 56 13.84 17.53 -41.58
CA GLU D 56 14.92 17.24 -40.66
C GLU D 56 14.52 17.61 -39.25
N ASP D 57 13.52 18.49 -39.10
CA ASP D 57 13.09 18.97 -37.79
C ASP D 57 13.11 17.95 -36.66
N ASN D 58 12.88 16.68 -36.97
CA ASN D 58 12.87 15.61 -35.97
C ASN D 58 12.24 16.00 -34.65
N GLN D 59 11.67 17.20 -34.62
CA GLN D 59 11.01 17.73 -33.44
C GLN D 59 9.59 18.21 -33.83
N ILE D 60 8.57 17.65 -33.20
CA ILE D 60 7.20 18.01 -33.53
C ILE D 60 6.66 19.23 -32.79
N HIS D 61 5.85 20.01 -33.51
CA HIS D 61 5.26 21.24 -32.99
C HIS D 61 3.75 21.23 -33.08
N LEU D 62 3.09 21.24 -31.91
CA LEU D 62 1.63 21.23 -31.86
C LEU D 62 1.02 22.13 -30.79
N ALA D 63 -0.31 22.14 -30.75
CA ALA D 63 -1.08 22.96 -29.83
C ALA D 63 -0.99 22.55 -28.36
N GLU D 64 -0.87 23.54 -27.48
CA GLU D 64 -0.78 23.26 -26.06
C GLU D 64 -2.04 22.53 -25.65
N GLY D 65 -2.98 22.42 -26.58
CA GLY D 65 -4.23 21.75 -26.27
C GLY D 65 -4.40 20.50 -27.09
N SER D 66 -3.38 20.17 -27.86
CA SER D 66 -3.41 18.99 -28.71
C SER D 66 -4.03 17.79 -27.99
N THR D 67 -4.95 17.14 -28.67
CA THR D 67 -5.65 15.99 -28.15
C THR D 67 -4.69 14.85 -27.76
N ALA D 68 -3.54 14.79 -28.43
CA ALA D 68 -2.54 13.75 -28.21
C ALA D 68 -1.74 13.93 -26.92
N LEU D 69 -1.73 15.15 -26.40
CA LEU D 69 -1.00 15.46 -25.18
C LEU D 69 -1.89 15.50 -23.95
N HIS D 70 -3.20 15.53 -24.14
CA HIS D 70 -4.11 15.57 -22.99
C HIS D 70 -5.01 14.38 -22.87
N TYR D 71 -5.38 13.80 -24.00
CA TYR D 71 -6.28 12.66 -23.96
C TYR D 71 -5.74 11.45 -24.70
N GLY D 72 -4.41 11.34 -24.68
CA GLY D 72 -3.75 10.22 -25.33
C GLY D 72 -4.30 9.72 -26.65
N GLN D 73 -4.63 10.63 -27.57
CA GLN D 73 -5.12 10.22 -28.88
C GLN D 73 -3.91 10.11 -29.77
N GLN D 74 -3.34 8.91 -29.82
CA GLN D 74 -2.15 8.58 -30.61
C GLN D 74 -2.15 7.08 -30.86
N CYS D 75 -1.21 6.61 -31.67
CA CYS D 75 -1.07 5.19 -32.00
C CYS D 75 0.17 5.08 -32.88
N PHE D 76 0.77 3.89 -32.92
CA PHE D 76 1.98 3.71 -33.71
C PHE D 76 2.25 2.29 -34.17
N GLU D 77 3.28 2.16 -35.01
CA GLU D 77 3.71 0.90 -35.58
C GLU D 77 5.18 0.65 -35.42
N GLY D 78 5.63 -0.51 -35.89
CA GLY D 78 7.03 -0.88 -35.81
C GLY D 78 7.36 -1.96 -36.82
N LEU D 79 8.43 -1.74 -37.57
CA LEU D 79 8.90 -2.67 -38.59
C LEU D 79 10.31 -2.26 -39.03
N LYS D 80 11.06 -3.22 -39.57
CA LYS D 80 12.43 -2.95 -39.99
C LYS D 80 12.81 -3.42 -41.38
N ALA D 81 13.97 -2.95 -41.82
CA ALA D 81 14.52 -3.29 -43.12
C ALA D 81 15.90 -3.88 -42.87
N TYR D 82 16.30 -4.84 -43.71
CA TYR D 82 17.58 -5.50 -43.51
C TYR D 82 18.33 -5.61 -44.83
N ARG D 83 19.65 -5.43 -44.78
CA ARG D 83 20.46 -5.56 -45.99
C ARG D 83 20.71 -7.02 -46.20
N CYS D 84 20.53 -7.50 -47.42
CA CYS D 84 20.73 -8.92 -47.72
C CYS D 84 22.11 -9.24 -48.27
N ALA D 85 22.33 -10.53 -48.51
CA ALA D 85 23.60 -10.97 -49.06
C ALA D 85 23.73 -10.33 -50.43
N ASP D 86 22.68 -10.50 -51.24
CA ASP D 86 22.65 -9.95 -52.59
C ASP D 86 22.44 -8.44 -52.65
N GLY D 87 23.06 -7.72 -51.71
CA GLY D 87 22.97 -6.27 -51.67
C GLY D 87 21.60 -5.59 -51.61
N SER D 88 20.54 -6.30 -51.98
CA SER D 88 19.22 -5.71 -51.96
C SER D 88 18.77 -5.43 -50.54
N ILE D 89 17.67 -4.69 -50.42
CA ILE D 89 17.10 -4.35 -49.13
C ILE D 89 15.70 -4.93 -49.01
N ASN D 90 15.40 -5.48 -47.85
CA ASN D 90 14.09 -6.06 -47.60
C ASN D 90 13.30 -5.12 -46.68
N LEU D 91 11.99 -5.24 -46.71
CA LEU D 91 11.13 -4.43 -45.87
C LEU D 91 10.04 -5.40 -45.46
N PHE D 92 10.25 -6.06 -44.33
CA PHE D 92 9.35 -7.09 -43.83
C PHE D 92 7.86 -6.76 -43.72
N ARG D 93 7.06 -7.67 -44.27
CA ARG D 93 5.59 -7.59 -44.27
C ARG D 93 4.92 -6.26 -43.93
N PRO D 94 5.33 -5.16 -44.58
CA PRO D 94 4.75 -3.84 -44.30
C PRO D 94 3.24 -3.79 -44.43
N ASP D 95 2.71 -4.42 -45.47
CA ASP D 95 1.27 -4.42 -45.70
C ASP D 95 0.51 -4.74 -44.41
N GLN D 96 1.09 -5.61 -43.60
CA GLN D 96 0.47 -6.01 -42.35
C GLN D 96 0.35 -4.89 -41.34
N ASN D 97 1.46 -4.21 -41.07
CA ASN D 97 1.46 -3.10 -40.13
C ASN D 97 0.41 -2.10 -40.63
N ALA D 98 0.46 -1.83 -41.93
CA ALA D 98 -0.46 -0.91 -42.59
C ALA D 98 -1.93 -1.19 -42.24
N ALA D 99 -2.29 -2.46 -42.22
CA ALA D 99 -3.65 -2.86 -41.91
C ALA D 99 -3.92 -2.76 -40.42
N ARG D 100 -2.86 -2.93 -39.62
CA ARG D 100 -3.01 -2.85 -38.18
C ARG D 100 -3.12 -1.40 -37.75
N MET D 101 -2.21 -0.55 -38.25
CA MET D 101 -2.23 0.87 -37.91
C MET D 101 -3.64 1.41 -38.21
N ARG D 102 -4.34 0.73 -39.10
CA ARG D 102 -5.68 1.09 -39.50
C ARG D 102 -6.63 0.71 -38.37
N MET D 103 -6.39 -0.47 -37.79
CA MET D 103 -7.21 -0.99 -36.69
C MET D 103 -7.09 -0.16 -35.42
N SER D 104 -5.94 0.45 -35.25
CA SER D 104 -5.65 1.29 -34.09
C SER D 104 -6.37 2.62 -34.27
N CYS D 105 -6.01 3.34 -35.33
CA CYS D 105 -6.61 4.63 -35.67
C CYS D 105 -8.10 4.63 -35.41
N ARG D 106 -8.79 3.73 -36.09
CA ARG D 106 -10.24 3.60 -35.95
C ARG D 106 -10.64 3.56 -34.48
N ARG D 107 -10.17 2.55 -33.75
CA ARG D 107 -10.49 2.41 -32.33
C ARG D 107 -10.31 3.72 -31.55
N LEU D 108 -9.56 4.67 -32.09
CA LEU D 108 -9.35 5.95 -31.43
C LEU D 108 -9.96 7.13 -32.18
N LEU D 109 -10.81 6.85 -33.16
CA LEU D 109 -11.44 7.92 -33.95
C LEU D 109 -10.45 8.77 -34.77
N MET D 110 -9.35 8.17 -35.24
CA MET D 110 -8.39 8.92 -36.03
C MET D 110 -8.45 8.43 -37.47
N PRO D 111 -8.29 9.32 -38.45
CA PRO D 111 -8.35 8.91 -39.85
C PRO D 111 -7.38 7.78 -40.19
N GLU D 112 -7.75 6.97 -41.17
CA GLU D 112 -6.91 5.85 -41.59
C GLU D 112 -5.95 6.28 -42.71
N LEU D 113 -5.05 5.37 -43.09
CA LEU D 113 -4.08 5.59 -44.16
C LEU D 113 -4.12 4.37 -45.04
N SER D 114 -4.16 4.58 -46.34
CA SER D 114 -4.17 3.47 -47.29
C SER D 114 -2.83 2.75 -47.22
N ASP D 115 -2.78 1.50 -47.74
CA ASP D 115 -1.53 0.76 -47.75
C ASP D 115 -0.56 1.54 -48.61
N GLU D 116 -1.11 2.19 -49.62
CA GLU D 116 -0.32 3.00 -50.53
C GLU D 116 0.45 4.03 -49.74
N GLN D 117 -0.28 4.94 -49.10
CA GLN D 117 0.34 6.01 -48.31
C GLN D 117 1.37 5.47 -47.31
N PHE D 118 0.95 4.47 -46.53
CA PHE D 118 1.79 3.85 -45.54
C PHE D 118 3.12 3.30 -46.10
N ILE D 119 3.04 2.30 -46.98
CA ILE D 119 4.26 1.74 -47.54
C ILE D 119 5.11 2.84 -48.16
N ASP D 120 4.48 3.71 -48.93
CA ASP D 120 5.20 4.81 -49.57
C ASP D 120 5.99 5.61 -48.55
N ALA D 121 5.28 6.11 -47.53
CA ALA D 121 5.90 6.92 -46.48
C ALA D 121 7.19 6.29 -45.99
N CYS D 122 7.12 5.04 -45.56
CA CYS D 122 8.30 4.33 -45.07
C CYS D 122 9.35 4.30 -46.16
N LEU D 123 9.02 3.63 -47.26
CA LEU D 123 9.91 3.52 -48.42
C LEU D 123 10.69 4.81 -48.68
N GLN D 124 9.99 5.93 -48.61
CA GLN D 124 10.59 7.23 -48.84
C GLN D 124 11.64 7.52 -47.75
N VAL D 125 11.33 7.13 -46.51
CA VAL D 125 12.25 7.34 -45.39
C VAL D 125 13.40 6.34 -45.44
N VAL D 126 13.09 5.07 -45.72
CA VAL D 126 14.14 4.06 -45.80
C VAL D 126 15.20 4.57 -46.78
N ARG D 127 14.84 4.66 -48.06
CA ARG D 127 15.76 5.15 -49.09
C ARG D 127 16.59 6.32 -48.61
N ALA D 128 15.91 7.41 -48.25
CA ALA D 128 16.55 8.62 -47.77
C ALA D 128 17.73 8.39 -46.84
N ASN D 129 17.65 7.36 -46.01
CA ASN D 129 18.71 7.11 -45.04
C ASN D 129 19.47 5.82 -45.21
N GLU D 130 19.88 5.49 -46.42
CA GLU D 130 20.58 4.22 -46.64
C GLU D 130 21.92 4.11 -45.90
N HIS D 131 22.66 5.21 -45.80
CA HIS D 131 23.95 5.18 -45.11
C HIS D 131 23.77 4.90 -43.63
N PHE D 132 22.51 4.82 -43.22
CA PHE D 132 22.12 4.57 -41.83
C PHE D 132 21.54 3.17 -41.66
N LEU D 133 21.66 2.34 -42.69
CA LEU D 133 21.13 0.99 -42.62
C LEU D 133 22.26 0.00 -42.47
N PRO D 134 22.31 -0.69 -41.32
CA PRO D 134 23.33 -1.69 -41.04
C PRO D 134 23.50 -2.63 -42.23
N PRO D 135 24.74 -2.99 -42.56
CA PRO D 135 25.03 -3.89 -43.68
C PRO D 135 24.79 -5.36 -43.33
N TYR D 136 24.88 -6.23 -44.34
CA TYR D 136 24.68 -7.66 -44.11
C TYR D 136 25.80 -8.20 -43.25
N GLY D 137 25.50 -9.20 -42.44
CA GLY D 137 26.49 -9.78 -41.56
C GLY D 137 26.18 -9.21 -40.20
N THR D 138 26.38 -7.91 -40.06
CA THR D 138 26.08 -7.22 -38.81
C THR D 138 24.60 -7.47 -38.58
N GLY D 139 24.26 -8.06 -37.44
CA GLY D 139 22.86 -8.35 -37.15
C GLY D 139 21.95 -7.14 -37.05
N GLY D 140 22.45 -5.99 -37.49
CA GLY D 140 21.66 -4.78 -37.44
C GLY D 140 20.50 -4.67 -38.40
N SER D 141 19.80 -3.54 -38.32
CA SER D 141 18.65 -3.26 -39.15
C SER D 141 18.26 -1.80 -38.99
N LEU D 142 17.14 -1.44 -39.58
CA LEU D 142 16.65 -0.07 -39.49
C LEU D 142 15.22 -0.09 -38.99
N TYR D 143 15.01 0.46 -37.79
CA TYR D 143 13.69 0.50 -37.17
C TYR D 143 12.96 1.75 -37.65
N LEU D 144 11.74 1.57 -38.12
CA LEU D 144 10.94 2.71 -38.56
C LEU D 144 9.75 2.89 -37.63
N ARG D 145 9.64 4.09 -37.08
CA ARG D 145 8.53 4.39 -36.17
C ARG D 145 7.57 5.30 -36.89
N PRO D 146 6.36 4.80 -37.19
CA PRO D 146 5.32 5.55 -37.87
C PRO D 146 4.24 5.89 -36.86
N PHE D 147 3.75 7.13 -36.86
CA PHE D 147 2.73 7.47 -35.88
C PHE D 147 1.71 8.51 -36.31
N VAL D 148 0.59 8.51 -35.60
CA VAL D 148 -0.49 9.45 -35.88
C VAL D 148 -0.94 10.09 -34.56
N ILE D 149 -0.73 11.40 -34.43
CA ILE D 149 -1.15 12.11 -33.22
C ILE D 149 -2.21 13.15 -33.58
N GLY D 150 -3.15 13.35 -32.65
CA GLY D 150 -4.21 14.30 -32.89
C GLY D 150 -3.78 15.67 -32.45
N VAL D 151 -3.66 16.59 -33.41
CA VAL D 151 -3.24 17.95 -33.10
C VAL D 151 -4.40 18.95 -33.15
N GLY D 152 -4.07 20.23 -33.02
CA GLY D 152 -5.08 21.28 -33.06
C GLY D 152 -5.66 21.72 -31.73
N ASP D 153 -5.99 23.00 -31.62
CA ASP D 153 -6.56 23.56 -30.41
C ASP D 153 -7.79 22.77 -30.01
N ASN D 154 -7.94 22.54 -28.70
CA ASN D 154 -9.08 21.78 -28.16
C ASN D 154 -8.86 21.53 -26.66
N ILE D 155 -9.94 21.53 -25.87
CA ILE D 155 -9.80 21.27 -24.44
C ILE D 155 -10.79 20.28 -23.91
N GLY D 156 -11.94 20.15 -24.57
CA GLY D 156 -12.93 19.20 -24.11
C GLY D 156 -12.56 17.84 -24.65
N VAL D 157 -13.26 16.79 -24.21
CA VAL D 157 -12.96 15.45 -24.70
C VAL D 157 -13.71 15.15 -25.98
N ARG D 158 -12.97 15.02 -27.07
CA ARG D 158 -13.53 14.74 -28.39
C ARG D 158 -12.33 14.47 -29.31
N THR D 159 -12.51 13.69 -30.36
CA THR D 159 -11.37 13.46 -31.25
C THR D 159 -10.83 14.81 -31.72
N ALA D 160 -9.51 14.91 -31.87
CA ALA D 160 -8.89 16.15 -32.32
C ALA D 160 -9.47 16.59 -33.67
N PRO D 161 -9.24 17.85 -34.05
CA PRO D 161 -9.74 18.39 -35.32
C PRO D 161 -8.75 18.17 -36.47
N GLU D 162 -7.47 18.03 -36.13
CA GLU D 162 -6.45 17.81 -37.15
C GLU D 162 -5.49 16.70 -36.71
N PHE D 163 -4.78 16.11 -37.68
CA PHE D 163 -3.86 15.03 -37.36
C PHE D 163 -2.50 15.07 -38.06
N ILE D 164 -1.47 14.65 -37.35
CA ILE D 164 -0.14 14.58 -37.93
C ILE D 164 0.18 13.09 -38.02
N PHE D 165 0.85 12.72 -39.10
CA PHE D 165 1.24 11.35 -39.33
C PHE D 165 2.67 11.38 -39.81
N SER D 166 3.59 10.92 -38.96
CA SER D 166 4.99 10.93 -39.34
C SER D 166 5.57 9.53 -39.30
N VAL D 167 6.72 9.38 -39.93
CA VAL D 167 7.41 8.10 -39.98
C VAL D 167 8.88 8.37 -40.01
N PHE D 168 9.57 8.10 -38.91
CA PHE D 168 11.01 8.31 -38.91
C PHE D 168 11.71 6.97 -38.76
N CYS D 169 13.03 6.98 -38.85
CA CYS D 169 13.79 5.75 -38.74
C CYS D 169 15.03 5.90 -37.86
N VAL D 170 15.53 4.77 -37.38
CA VAL D 170 16.70 4.75 -36.55
C VAL D 170 17.29 3.34 -36.55
N PRO D 171 18.60 3.23 -36.82
CA PRO D 171 19.31 1.96 -36.86
C PRO D 171 19.29 1.29 -35.49
N VAL D 172 19.26 -0.04 -35.48
CA VAL D 172 19.22 -0.76 -34.22
C VAL D 172 19.91 -2.11 -34.27
N GLY D 173 20.26 -2.62 -33.10
CA GLY D 173 20.91 -3.91 -32.99
C GLY D 173 20.00 -4.88 -32.25
N PRO D 174 20.53 -6.01 -31.77
CA PRO D 174 19.81 -7.06 -31.03
C PRO D 174 19.15 -6.65 -29.71
N TYR D 175 17.86 -6.31 -29.76
CA TYR D 175 17.10 -5.90 -28.57
C TYR D 175 16.96 -7.13 -27.69
N PHE D 176 15.74 -7.42 -27.22
CA PHE D 176 15.50 -8.60 -26.40
C PHE D 176 16.04 -9.83 -27.16
N LYS D 177 17.23 -10.30 -26.78
CA LYS D 177 17.88 -11.46 -27.41
C LYS D 177 19.41 -11.38 -27.26
N GLY D 178 20.06 -10.77 -28.24
CA GLY D 178 21.51 -10.63 -28.19
C GLY D 178 22.22 -11.97 -28.15
N GLY D 179 22.19 -12.69 -29.28
CA GLY D 179 22.84 -13.99 -29.34
C GLY D 179 21.84 -15.10 -29.05
N LEU D 180 20.57 -14.73 -29.06
CA LEU D 180 19.48 -15.66 -28.80
C LEU D 180 19.66 -16.34 -27.44
N THR D 181 19.91 -15.54 -26.41
CA THR D 181 20.07 -16.05 -25.05
C THR D 181 18.81 -15.74 -24.25
N PRO D 182 18.35 -16.71 -23.45
CA PRO D 182 17.15 -16.49 -22.65
C PRO D 182 17.24 -15.39 -21.60
N THR D 183 16.15 -15.19 -20.88
CA THR D 183 16.06 -14.19 -19.83
C THR D 183 14.99 -14.61 -18.82
N ASN D 184 14.31 -13.65 -18.20
CA ASN D 184 13.29 -13.98 -17.21
C ASN D 184 12.15 -12.97 -17.14
N PHE D 185 10.92 -13.47 -17.06
CA PHE D 185 9.75 -12.61 -16.99
C PHE D 185 8.93 -12.85 -15.73
N ILE D 186 8.44 -11.76 -15.13
CA ILE D 186 7.62 -11.85 -13.92
C ILE D 186 6.18 -11.53 -14.28
N THR D 187 5.26 -11.92 -13.41
CA THR D 187 3.85 -11.65 -13.64
C THR D 187 3.48 -10.44 -12.81
N SER D 188 2.20 -10.08 -12.79
CA SER D 188 1.76 -8.93 -12.02
C SER D 188 0.25 -8.92 -11.78
N ASP D 189 -0.17 -8.07 -10.86
CA ASP D 189 -1.58 -7.91 -10.54
C ASP D 189 -2.09 -6.75 -11.39
N TYR D 190 -1.16 -5.94 -11.87
CA TYR D 190 -1.51 -4.81 -12.71
C TYR D 190 -1.92 -5.29 -14.09
N ASP D 191 -2.73 -4.48 -14.76
CA ASP D 191 -3.18 -4.79 -16.10
C ASP D 191 -2.71 -3.63 -16.95
N ARG D 192 -2.39 -3.89 -18.21
CA ARG D 192 -1.93 -2.83 -19.10
C ARG D 192 -3.06 -2.39 -20.03
N ALA D 193 -4.17 -3.12 -19.97
CA ALA D 193 -5.33 -2.82 -20.79
C ALA D 193 -6.56 -3.49 -20.17
N ALA D 194 -7.73 -2.94 -20.43
CA ALA D 194 -8.98 -3.48 -19.88
C ALA D 194 -9.45 -4.66 -20.71
N PRO D 195 -10.37 -5.49 -20.15
CA PRO D 195 -10.92 -6.67 -20.83
C PRO D 195 -11.52 -6.22 -22.14
N HIS D 196 -12.46 -5.28 -22.02
CA HIS D 196 -13.15 -4.72 -23.17
C HIS D 196 -12.48 -3.35 -23.46
N GLY D 197 -11.16 -3.30 -23.28
CA GLY D 197 -10.41 -2.07 -23.47
C GLY D 197 -9.83 -1.77 -24.85
N THR D 198 -8.52 -1.62 -24.93
CA THR D 198 -7.85 -1.30 -26.20
C THR D 198 -6.60 -2.13 -26.43
N GLY D 199 -6.40 -3.16 -25.62
CA GLY D 199 -5.22 -3.99 -25.78
C GLY D 199 -4.99 -4.42 -27.21
N ALA D 200 -6.10 -4.65 -27.93
CA ALA D 200 -6.04 -5.05 -29.32
C ALA D 200 -5.25 -4.06 -30.17
N ALA D 201 -5.50 -2.77 -29.95
CA ALA D 201 -4.80 -1.74 -30.71
C ALA D 201 -3.42 -1.46 -30.15
N LYS D 202 -2.62 -0.74 -30.93
CA LYS D 202 -1.28 -0.41 -30.54
C LYS D 202 -1.23 1.09 -30.30
N VAL D 203 -1.88 1.53 -29.22
CA VAL D 203 -1.92 2.95 -28.89
C VAL D 203 -1.17 3.24 -27.59
N GLY D 204 -0.60 4.42 -27.50
CA GLY D 204 0.18 4.78 -26.33
C GLY D 204 -0.46 4.69 -24.95
N GLY D 205 -1.75 5.02 -24.86
CA GLY D 205 -2.43 4.98 -23.58
C GLY D 205 -2.18 3.69 -22.83
N ASN D 206 -2.02 2.61 -23.58
CA ASN D 206 -1.81 1.27 -23.03
C ASN D 206 -0.41 0.98 -22.50
N TYR D 207 0.58 1.72 -23.00
CA TYR D 207 1.95 1.53 -22.56
C TYR D 207 2.30 2.33 -21.31
N ALA D 208 1.41 3.23 -20.91
CA ALA D 208 1.66 3.99 -19.71
C ALA D 208 1.30 3.04 -18.57
N ALA D 209 0.13 2.41 -18.69
CA ALA D 209 -0.34 1.48 -17.68
C ALA D 209 0.56 0.25 -17.58
N SER D 210 1.60 0.23 -18.39
CA SER D 210 2.56 -0.88 -18.38
C SER D 210 3.96 -0.28 -18.28
N LEU D 211 4.06 0.78 -17.49
CA LEU D 211 5.31 1.49 -17.32
C LEU D 211 5.86 1.22 -15.93
N LEU D 212 5.03 1.50 -14.93
CA LEU D 212 5.42 1.27 -13.55
C LEU D 212 5.62 -0.23 -13.37
N PRO D 213 4.55 -1.05 -13.52
CA PRO D 213 4.71 -2.49 -13.36
C PRO D 213 5.97 -2.95 -14.09
N GLY D 214 6.17 -2.40 -15.28
CA GLY D 214 7.34 -2.74 -16.05
C GLY D 214 8.60 -2.37 -15.30
N TYR D 215 8.60 -1.21 -14.66
CA TYR D 215 9.78 -0.78 -13.91
C TYR D 215 10.09 -1.79 -12.82
N GLU D 216 9.12 -2.01 -11.94
CA GLU D 216 9.26 -2.97 -10.85
C GLU D 216 10.03 -4.19 -11.31
N ALA D 217 9.43 -4.94 -12.23
CA ALA D 217 10.07 -6.13 -12.75
C ALA D 217 11.55 -5.84 -13.05
N LYS D 218 11.83 -4.98 -14.01
CA LYS D 218 13.21 -4.66 -14.36
C LYS D 218 14.02 -4.66 -13.09
N LYS D 219 13.60 -3.86 -12.11
CA LYS D 219 14.27 -3.75 -10.82
C LYS D 219 14.72 -5.06 -10.18
N ARG D 220 13.80 -6.00 -10.04
CA ARG D 220 14.07 -7.30 -9.44
C ARG D 220 14.79 -8.28 -10.37
N ASP D 221 15.71 -7.75 -11.18
CA ASP D 221 16.50 -8.54 -12.11
C ASP D 221 15.73 -9.37 -13.15
N PHE D 222 14.51 -8.93 -13.47
CA PHE D 222 13.66 -9.61 -14.47
C PHE D 222 13.62 -8.81 -15.78
N ALA D 223 13.82 -9.48 -16.91
CA ALA D 223 13.81 -8.80 -18.21
C ALA D 223 12.58 -7.92 -18.49
N ASP D 224 11.41 -8.34 -18.00
CA ASP D 224 10.15 -7.60 -18.19
C ASP D 224 9.03 -8.32 -17.43
N VAL D 225 7.78 -8.01 -17.75
CA VAL D 225 6.64 -8.65 -17.10
C VAL D 225 5.77 -9.32 -18.15
N ILE D 226 4.94 -10.27 -17.71
CA ILE D 226 4.03 -10.99 -18.60
C ILE D 226 2.62 -10.82 -18.05
N TYR D 227 1.91 -9.83 -18.57
CA TYR D 227 0.56 -9.56 -18.10
C TYR D 227 -0.35 -10.77 -18.26
N LEU D 228 -1.30 -10.93 -17.33
CA LEU D 228 -2.19 -12.09 -17.33
C LEU D 228 -3.53 -11.98 -18.02
N ASP D 229 -4.44 -11.15 -17.51
CA ASP D 229 -5.75 -10.96 -18.14
C ASP D 229 -6.75 -10.22 -17.27
N PRO D 230 -6.80 -8.90 -17.45
CA PRO D 230 -7.67 -7.96 -16.75
C PRO D 230 -8.73 -8.60 -15.87
N ALA D 231 -9.72 -9.21 -16.52
CA ALA D 231 -10.83 -9.87 -15.84
C ALA D 231 -10.37 -10.63 -14.61
N THR D 232 -10.02 -11.89 -14.81
CA THR D 232 -9.56 -12.74 -13.72
C THR D 232 -8.23 -13.37 -14.07
N HIS D 233 -7.15 -12.77 -13.58
CA HIS D 233 -5.81 -13.28 -13.85
C HIS D 233 -5.77 -14.78 -13.59
N THR D 234 -5.56 -15.55 -14.64
CA THR D 234 -5.51 -17.01 -14.57
C THR D 234 -4.75 -17.59 -15.75
N THR D 235 -4.87 -16.93 -16.91
CA THR D 235 -4.19 -17.34 -18.13
C THR D 235 -3.11 -16.31 -18.45
N ILE D 236 -2.58 -16.35 -19.68
CA ILE D 236 -1.56 -15.40 -20.07
C ILE D 236 -2.11 -14.49 -21.17
N GLU D 237 -1.37 -13.43 -21.48
CA GLU D 237 -1.75 -12.48 -22.52
C GLU D 237 -0.49 -12.22 -23.36
N GLU D 238 0.43 -11.42 -22.80
CA GLU D 238 1.66 -11.09 -23.48
C GLU D 238 2.58 -10.22 -22.63
N ALA D 239 3.77 -9.96 -23.18
CA ALA D 239 4.79 -9.14 -22.53
C ALA D 239 4.47 -7.70 -22.80
N GLY D 240 5.05 -6.80 -22.01
CA GLY D 240 4.79 -5.39 -22.23
C GLY D 240 5.12 -4.91 -23.63
N ALA D 241 5.80 -5.76 -24.41
CA ALA D 241 6.18 -5.40 -25.78
C ALA D 241 6.58 -6.62 -26.61
N ALA D 242 5.67 -7.58 -26.67
CA ALA D 242 5.88 -8.83 -27.41
C ALA D 242 4.69 -9.73 -27.13
N ASN D 243 4.60 -10.83 -27.89
CA ASN D 243 3.51 -11.78 -27.73
C ASN D 243 4.08 -13.10 -27.23
N PHE D 244 3.24 -13.90 -26.57
CA PHE D 244 3.70 -15.17 -26.01
C PHE D 244 3.57 -16.38 -26.91
N PHE D 245 4.46 -17.35 -26.70
CA PHE D 245 4.44 -18.61 -27.43
C PHE D 245 5.30 -19.67 -26.74
N ALA D 246 4.71 -20.84 -26.51
CA ALA D 246 5.42 -21.95 -25.86
C ALA D 246 5.24 -23.24 -26.67
N ILE D 247 6.28 -24.07 -26.70
CA ILE D 247 6.22 -25.33 -27.44
C ILE D 247 6.11 -26.52 -26.49
N THR D 248 4.91 -27.10 -26.42
CA THR D 248 4.60 -28.24 -25.58
C THR D 248 5.78 -29.17 -25.37
N GLN D 249 5.77 -29.89 -24.25
CA GLN D 249 6.86 -30.81 -23.94
C GLN D 249 7.19 -31.76 -25.10
N ASP D 250 6.18 -32.41 -25.68
CA ASP D 250 6.46 -33.34 -26.78
C ASP D 250 6.97 -32.65 -28.05
N GLY D 251 7.58 -31.48 -27.88
CA GLY D 251 8.13 -30.71 -28.99
C GLY D 251 7.37 -30.70 -30.30
N GLN D 252 6.12 -31.14 -30.29
CA GLN D 252 5.31 -31.20 -31.50
C GLN D 252 4.08 -30.30 -31.57
N LYS D 253 4.02 -29.26 -30.74
CA LYS D 253 2.88 -28.33 -30.78
C LYS D 253 3.24 -26.89 -30.42
N PHE D 254 2.76 -25.96 -31.26
CA PHE D 254 3.01 -24.54 -31.10
C PHE D 254 1.74 -23.83 -30.63
N VAL D 255 1.77 -23.28 -29.43
CA VAL D 255 0.60 -22.58 -28.89
C VAL D 255 0.88 -21.19 -28.34
N THR D 256 -0.08 -20.29 -28.53
CA THR D 256 -0.02 -18.91 -28.07
C THR D 256 -1.44 -18.56 -27.62
N PRO D 257 -1.59 -17.52 -26.78
CA PRO D 257 -2.95 -17.18 -26.35
C PRO D 257 -3.75 -16.46 -27.43
N GLN D 258 -5.08 -16.48 -27.29
CA GLN D 258 -5.98 -15.82 -28.22
C GLN D 258 -7.03 -15.01 -27.46
N SER D 259 -6.69 -13.77 -27.11
CA SER D 259 -7.60 -12.90 -26.39
C SER D 259 -7.78 -11.58 -27.14
N PRO D 260 -8.90 -10.89 -26.91
CA PRO D 260 -9.18 -9.61 -27.56
C PRO D 260 -8.54 -8.51 -26.73
N SER D 261 -7.63 -8.93 -25.85
CA SER D 261 -6.93 -8.01 -24.99
C SER D 261 -5.49 -7.83 -25.50
N ILE D 262 -4.94 -8.88 -26.10
CA ILE D 262 -3.57 -8.82 -26.63
C ILE D 262 -3.43 -8.27 -28.04
N LEU D 263 -2.27 -7.67 -28.30
CA LEU D 263 -2.00 -7.09 -29.60
C LEU D 263 -1.69 -8.17 -30.61
N PRO D 264 -2.46 -8.20 -31.70
CA PRO D 264 -2.26 -9.20 -32.77
C PRO D 264 -0.90 -8.98 -33.39
N SER D 265 0.12 -9.63 -32.84
CA SER D 265 1.49 -9.48 -33.34
C SER D 265 1.71 -9.98 -34.77
N ILE D 266 2.38 -9.16 -35.57
CA ILE D 266 2.69 -9.50 -36.95
C ILE D 266 3.79 -10.56 -36.93
N THR D 267 4.45 -10.72 -35.79
CA THR D 267 5.49 -11.72 -35.64
C THR D 267 4.77 -13.00 -35.25
N LYS D 268 3.93 -12.91 -34.24
CA LYS D 268 3.18 -14.06 -33.77
C LYS D 268 2.60 -14.85 -34.94
N TYR D 269 1.81 -14.20 -35.79
CA TYR D 269 1.21 -14.88 -36.93
C TYR D 269 2.21 -15.56 -37.84
N SER D 270 3.23 -14.81 -38.26
CA SER D 270 4.25 -15.37 -39.12
C SER D 270 4.69 -16.73 -38.60
N LEU D 271 4.82 -16.85 -37.28
CA LEU D 271 5.23 -18.12 -36.67
C LEU D 271 4.09 -19.15 -36.79
N LEU D 272 2.87 -18.70 -36.56
CA LEU D 272 1.71 -19.58 -36.68
C LEU D 272 1.65 -20.16 -38.11
N TRP D 273 2.48 -19.63 -39.00
CA TRP D 273 2.52 -20.08 -40.37
C TRP D 273 3.83 -20.81 -40.63
N LEU D 274 4.93 -20.08 -40.48
CA LEU D 274 6.25 -20.67 -40.66
C LEU D 274 6.20 -22.00 -39.93
N ALA D 275 5.85 -21.94 -38.64
CA ALA D 275 5.78 -23.15 -37.80
C ALA D 275 4.86 -24.26 -38.31
N GLU D 276 3.84 -23.90 -39.07
CA GLU D 276 2.89 -24.88 -39.60
C GLU D 276 3.33 -25.52 -40.90
N HIS D 277 3.49 -24.71 -41.93
CA HIS D 277 3.88 -25.22 -43.23
C HIS D 277 5.39 -25.21 -43.50
N ARG D 278 6.20 -25.31 -42.46
CA ARG D 278 7.65 -25.32 -42.66
C ARG D 278 8.36 -26.26 -41.68
N LEU D 279 7.62 -26.84 -40.75
CA LEU D 279 8.23 -27.76 -39.78
C LEU D 279 7.29 -28.87 -39.33
N GLY D 280 6.33 -29.21 -40.19
CA GLY D 280 5.40 -30.28 -39.85
C GLY D 280 5.04 -30.20 -38.39
N LEU D 281 4.87 -28.97 -37.91
CA LEU D 281 4.52 -28.71 -36.52
C LEU D 281 3.03 -28.41 -36.41
N GLU D 282 2.49 -28.45 -35.20
CA GLU D 282 1.07 -28.18 -35.01
C GLU D 282 0.82 -26.80 -34.42
N VAL D 283 -0.26 -26.16 -34.88
CA VAL D 283 -0.62 -24.82 -34.41
C VAL D 283 -1.79 -24.93 -33.44
N GLU D 284 -1.96 -23.91 -32.60
CA GLU D 284 -3.03 -23.89 -31.62
C GLU D 284 -3.18 -22.51 -30.95
N GLU D 285 -4.39 -21.96 -30.97
CA GLU D 285 -4.64 -20.66 -30.34
C GLU D 285 -5.74 -20.80 -29.29
N GLY D 286 -5.33 -21.22 -28.10
CA GLY D 286 -6.25 -21.39 -26.99
C GLY D 286 -5.63 -20.84 -25.72
N ASP D 287 -6.39 -20.82 -24.63
CA ASP D 287 -5.89 -20.27 -23.37
C ASP D 287 -4.69 -21.01 -22.78
N ILE D 288 -3.92 -20.34 -21.94
CA ILE D 288 -2.76 -20.96 -21.29
C ILE D 288 -2.69 -20.65 -19.81
N ARG D 289 -3.48 -21.37 -19.03
CA ARG D 289 -3.52 -21.21 -17.58
C ARG D 289 -2.09 -21.19 -17.05
N ILE D 290 -1.75 -20.24 -16.18
CA ILE D 290 -0.38 -20.16 -15.65
C ILE D 290 -0.08 -21.38 -14.79
N ASP D 291 -1.11 -22.16 -14.50
CA ASP D 291 -0.93 -23.37 -13.70
C ASP D 291 -0.08 -24.34 -14.50
N GLU D 292 -0.73 -25.00 -15.46
CA GLU D 292 -0.06 -25.97 -16.31
C GLU D 292 1.02 -25.36 -17.21
N LEU D 293 2.19 -25.04 -16.66
CA LEU D 293 3.26 -24.49 -17.46
C LEU D 293 4.30 -25.53 -17.86
N GLY D 294 4.45 -26.57 -17.05
CA GLY D 294 5.41 -27.60 -17.35
C GLY D 294 5.01 -28.38 -18.59
N LYS D 295 3.71 -28.31 -18.91
CA LYS D 295 3.15 -28.99 -20.07
C LYS D 295 3.89 -28.64 -21.36
N PHE D 296 4.82 -27.68 -21.26
CA PHE D 296 5.57 -27.24 -22.43
C PHE D 296 7.06 -27.50 -22.28
N SER D 297 7.71 -27.83 -23.40
CA SER D 297 9.14 -28.12 -23.42
C SER D 297 9.97 -26.84 -23.50
N GLU D 298 9.35 -25.74 -23.88
CA GLU D 298 10.04 -24.46 -24.01
C GLU D 298 9.09 -23.31 -24.36
N ALA D 299 9.42 -22.11 -23.87
CA ALA D 299 8.60 -20.94 -24.11
C ALA D 299 9.41 -19.82 -24.74
N GLY D 300 8.70 -18.78 -25.19
CA GLY D 300 9.35 -17.63 -25.80
C GLY D 300 8.43 -16.43 -25.99
N ALA D 301 9.04 -15.27 -26.18
CA ALA D 301 8.32 -14.00 -26.39
C ALA D 301 8.78 -13.38 -27.71
N CYS D 302 7.83 -13.13 -28.61
CA CYS D 302 8.15 -12.56 -29.93
C CYS D 302 7.67 -11.14 -30.19
N GLY D 303 8.24 -10.53 -31.23
CA GLY D 303 7.89 -9.17 -31.62
C GLY D 303 8.95 -8.63 -32.54
N THR D 304 8.62 -7.60 -33.32
CA THR D 304 9.60 -6.99 -34.24
C THR D 304 10.86 -6.71 -33.44
N ALA D 305 10.67 -6.08 -32.28
CA ALA D 305 11.76 -5.79 -31.38
C ALA D 305 11.77 -7.03 -30.51
N ALA D 306 12.77 -7.87 -30.75
CA ALA D 306 12.97 -9.14 -30.06
C ALA D 306 13.15 -10.20 -31.14
N VAL D 307 12.12 -10.37 -31.95
CA VAL D 307 12.15 -11.36 -33.01
C VAL D 307 12.44 -12.66 -32.29
N ILE D 308 11.59 -12.95 -31.30
CA ILE D 308 11.70 -14.15 -30.48
C ILE D 308 12.79 -14.03 -29.42
N THR D 309 12.35 -13.76 -28.19
CA THR D 309 13.22 -13.63 -27.03
C THR D 309 13.03 -14.91 -26.25
N PRO D 310 14.05 -15.76 -26.18
CA PRO D 310 13.93 -17.02 -25.44
C PRO D 310 13.48 -16.78 -23.99
N ILE D 311 12.60 -17.62 -23.46
CA ILE D 311 12.14 -17.46 -22.08
C ILE D 311 12.82 -18.46 -21.16
N GLY D 312 13.81 -17.98 -20.41
CA GLY D 312 14.51 -18.86 -19.50
C GLY D 312 13.52 -19.44 -18.51
N GLY D 313 12.97 -18.57 -17.67
CA GLY D 313 12.00 -18.99 -16.67
C GLY D 313 11.01 -17.91 -16.29
N ILE D 314 9.74 -18.28 -16.26
CA ILE D 314 8.66 -17.37 -15.91
C ILE D 314 8.36 -17.51 -14.44
N GLN D 315 8.46 -16.41 -13.70
CA GLN D 315 8.15 -16.48 -12.28
C GLN D 315 6.79 -15.90 -11.95
N HIS D 316 6.00 -16.69 -11.24
CA HIS D 316 4.67 -16.26 -10.84
C HIS D 316 4.47 -16.58 -9.37
N GLY D 317 4.41 -15.55 -8.54
CA GLY D 317 4.22 -15.75 -7.11
C GLY D 317 5.47 -16.31 -6.47
N ASP D 318 5.29 -17.32 -5.62
CA ASP D 318 6.40 -17.97 -4.93
C ASP D 318 7.17 -18.91 -5.86
N ASP D 319 6.45 -19.54 -6.78
CA ASP D 319 7.05 -20.48 -7.71
C ASP D 319 7.77 -19.79 -8.88
N PHE D 320 8.88 -20.39 -9.30
CA PHE D 320 9.72 -19.91 -10.40
C PHE D 320 9.76 -21.08 -11.39
N HIS D 321 9.05 -20.96 -12.51
CA HIS D 321 8.98 -22.02 -13.51
C HIS D 321 9.97 -21.90 -14.67
N VAL D 322 10.51 -23.04 -15.09
CA VAL D 322 11.46 -23.13 -16.19
C VAL D 322 11.07 -24.27 -17.14
N PHE D 323 11.11 -24.01 -18.43
CA PHE D 323 10.71 -25.03 -19.40
C PHE D 323 11.86 -25.75 -20.06
N TYR D 324 13.02 -25.11 -20.13
CA TYR D 324 14.16 -25.73 -20.79
C TYR D 324 15.50 -25.34 -20.21
N SER D 325 15.73 -24.04 -20.08
CA SER D 325 17.01 -23.54 -19.58
C SER D 325 17.01 -22.03 -19.37
N GLU D 326 17.88 -21.58 -18.48
CA GLU D 326 18.03 -20.15 -18.19
C GLU D 326 19.17 -19.62 -19.03
N SER D 327 19.74 -20.47 -19.87
CA SER D 327 20.86 -20.07 -20.70
C SER D 327 20.78 -20.50 -22.16
N GLU D 328 20.11 -21.63 -22.43
CA GLU D 328 20.00 -22.11 -23.79
C GLU D 328 18.56 -22.16 -24.30
N PRO D 329 18.34 -21.71 -25.54
CA PRO D 329 17.01 -21.69 -26.17
C PRO D 329 16.60 -23.12 -26.48
N GLY D 330 15.30 -23.40 -26.39
CA GLY D 330 14.84 -24.74 -26.70
C GLY D 330 15.03 -25.05 -28.18
N PRO D 331 15.39 -26.28 -28.56
CA PRO D 331 15.59 -26.62 -29.97
C PRO D 331 14.51 -26.11 -30.92
N VAL D 332 13.25 -26.33 -30.56
CA VAL D 332 12.14 -25.85 -31.38
C VAL D 332 12.37 -24.38 -31.64
N THR D 333 12.46 -23.59 -30.58
CA THR D 333 12.70 -22.16 -30.66
C THR D 333 13.81 -21.82 -31.66
N ARG D 334 14.99 -22.38 -31.45
CA ARG D 334 16.14 -22.13 -32.31
C ARG D 334 15.78 -22.21 -33.80
N ARG D 335 14.98 -23.19 -34.18
CA ARG D 335 14.58 -23.33 -35.58
C ARG D 335 13.63 -22.21 -35.97
N LEU D 336 12.56 -22.06 -35.18
CA LEU D 336 11.59 -20.99 -35.42
C LEU D 336 12.29 -19.65 -35.59
N TYR D 337 13.48 -19.55 -35.01
CA TYR D 337 14.27 -18.33 -35.12
C TYR D 337 14.96 -18.28 -36.48
N ASP D 338 15.92 -19.18 -36.70
CA ASP D 338 16.66 -19.24 -37.97
C ASP D 338 15.73 -18.92 -39.14
N GLU D 339 14.66 -19.70 -39.23
CA GLU D 339 13.64 -19.58 -40.27
C GLU D 339 13.27 -18.12 -40.59
N LEU D 340 12.39 -17.56 -39.76
CA LEU D 340 11.93 -16.19 -39.93
C LEU D 340 13.09 -15.23 -40.10
N VAL D 341 14.00 -15.27 -39.13
CA VAL D 341 15.19 -14.42 -39.14
C VAL D 341 15.79 -14.39 -40.54
N GLY D 342 15.98 -15.56 -41.14
CA GLY D 342 16.55 -15.65 -42.47
C GLY D 342 15.72 -14.93 -43.53
N ILE D 343 14.43 -15.23 -43.59
CA ILE D 343 13.53 -14.60 -44.55
C ILE D 343 13.76 -13.10 -44.53
N GLN D 344 14.15 -12.62 -43.34
CA GLN D 344 14.38 -11.20 -43.10
C GLN D 344 15.68 -10.63 -43.66
N TYR D 345 16.55 -11.49 -44.19
CA TYR D 345 17.80 -11.00 -44.76
C TYR D 345 18.00 -11.64 -46.13
N GLY D 346 16.95 -12.31 -46.62
CA GLY D 346 16.99 -12.97 -47.90
C GLY D 346 17.85 -14.21 -47.93
N ASP D 347 17.85 -14.95 -46.82
CA ASP D 347 18.65 -16.16 -46.76
C ASP D 347 17.85 -17.42 -47.07
N LYS D 348 16.57 -17.44 -46.70
CA LYS D 348 15.73 -18.59 -46.99
C LYS D 348 14.52 -18.14 -47.81
N GLU D 349 14.05 -19.00 -48.72
CA GLU D 349 12.90 -18.66 -49.55
C GLU D 349 11.77 -18.01 -48.74
N ALA D 350 11.61 -16.70 -48.94
CA ALA D 350 10.58 -15.92 -48.23
C ALA D 350 9.18 -16.16 -48.82
N PRO D 351 8.20 -16.49 -47.96
CA PRO D 351 6.81 -16.72 -48.41
C PRO D 351 6.34 -15.69 -49.44
N GLU D 352 5.27 -16.01 -50.15
CA GLU D 352 4.73 -15.08 -51.14
C GLU D 352 3.89 -14.02 -50.44
N GLY D 353 4.14 -12.76 -50.78
CA GLY D 353 3.39 -11.67 -50.18
C GLY D 353 4.09 -11.01 -49.00
N TRP D 354 5.20 -11.60 -48.57
CA TRP D 354 5.98 -11.06 -47.47
C TRP D 354 7.11 -10.31 -48.11
N ILE D 355 7.95 -9.68 -47.29
CA ILE D 355 9.11 -8.94 -47.78
C ILE D 355 8.96 -8.18 -49.11
N VAL D 356 9.00 -6.86 -49.02
CA VAL D 356 8.90 -5.96 -50.17
C VAL D 356 10.27 -5.36 -50.47
N LYS D 357 10.84 -5.71 -51.62
CA LYS D 357 12.16 -5.21 -51.99
C LYS D 357 12.21 -3.69 -52.12
N VAL D 358 12.85 -3.04 -51.16
CA VAL D 358 12.98 -1.59 -51.18
C VAL D 358 14.04 -1.25 -52.21
N1 PLP E . 1.53 9.01 20.82
C2 PLP E . 1.22 8.09 21.80
C2A PLP E . 2.24 6.98 22.11
C3 PLP E . -0.02 8.20 22.46
O3 PLP E . -0.33 7.32 23.43
C4 PLP E . -0.91 9.26 22.11
C4A PLP E . -2.24 9.35 22.84
C5 PLP E . -0.54 10.19 21.08
C6 PLP E . 0.68 10.06 20.45
C5A PLP E . -1.40 11.34 20.62
O4P PLP E . -2.54 10.95 19.94
P PLP E . -3.95 11.58 20.23
O1P PLP E . -4.39 11.35 21.59
O2P PLP E . -4.82 10.82 19.22
O3P PLP E . -3.91 12.98 19.76
C1 COI F . -2.72 7.06 25.61
O1 COI F . -2.06 5.89 25.49
O2 COI F . -3.48 7.46 24.73
C2 COI F . -2.49 7.82 26.82
O3 COI F . -1.65 7.36 27.79
C3 COI F . -3.16 9.08 26.99
C4 COI F . -3.24 10.06 25.77
C5 COI F . -2.36 11.32 25.88
C6 COI F . -4.69 10.42 25.48
N1 PLP G . 12.24 -18.07 19.49
C2 PLP G . 11.04 -17.42 19.75
C2A PLP G . 10.83 -16.05 19.12
C3 PLP G . 10.10 -18.04 20.56
O3 PLP G . 8.94 -17.40 20.80
C4 PLP G . 10.37 -19.34 21.13
C4A PLP G . 9.27 -19.96 22.02
C5 PLP G . 11.64 -19.98 20.83
C6 PLP G . 12.55 -19.33 20.02
C5A PLP G . 12.09 -21.33 21.34
O4P PLP G . 12.88 -21.30 22.48
P PLP G . 12.74 -22.39 23.60
O1P PLP G . 11.41 -22.41 24.19
O2P PLP G . 13.80 -21.91 24.59
O3P PLP G . 13.27 -23.65 23.05
C1 COI H . 5.30 -20.44 21.44
O1 COI H . 4.54 -19.58 20.75
O2 COI H . 6.12 -20.05 22.27
C2 COI H . 5.09 -21.86 21.16
O3 COI H . 4.16 -22.25 20.24
C3 COI H . 5.85 -22.85 21.85
C4 COI H . 7.39 -22.70 21.94
C5 COI H . 8.16 -23.41 20.82
C6 COI H . 7.91 -23.15 23.31
N1 PLP I . -14.05 11.56 -13.32
C2 PLP I . -13.33 11.40 -14.48
C2A PLP I . -13.13 10.00 -15.04
C3 PLP I . -12.80 12.54 -15.10
O3 PLP I . -12.09 12.39 -16.23
C4 PLP I . -13.01 13.84 -14.53
C4A PLP I . -12.38 15.02 -15.29
C5 PLP I . -13.79 13.95 -13.29
C6 PLP I . -14.30 12.79 -12.72
C5A PLP I . -14.11 15.21 -12.53
O4P PLP I . -13.50 15.29 -11.28
P PLP I . -12.96 16.63 -10.65
O1P PLP I . -11.94 17.26 -11.48
O2P PLP I . -12.37 16.14 -9.32
O3P PLP I . -14.13 17.45 -10.27
C1 COI J . -12.17 16.83 -18.50
O1 COI J . -12.70 16.09 -19.50
O2 COI J . -11.09 16.59 -18.02
C2 COI J . -12.97 17.95 -18.06
O3 COI J . -14.18 18.20 -18.62
C3 COI J . -12.45 18.79 -17.01
C4 COI J . -12.34 18.24 -15.57
C5 COI J . -13.68 18.25 -14.82
C6 COI J . -11.30 19.02 -14.75
N1 PLP K . 2.52 -7.24 -28.07
C2 PLP K . 2.72 -5.96 -27.60
C2A PLP K . 2.06 -5.55 -26.28
C3 PLP K . 3.49 -5.09 -28.37
O3 PLP K . 3.68 -3.82 -27.94
C4 PLP K . 4.07 -5.53 -29.60
C4A PLP K . 4.89 -4.51 -30.37
C5 PLP K . 3.83 -6.90 -30.04
C6 PLP K . 3.06 -7.73 -29.24
C5A PLP K . 4.37 -7.56 -31.30
O4P PLP K . 4.88 -6.72 -32.28
P PLP K . 4.96 -7.14 -33.80
O1P PLP K . 5.79 -8.30 -34.00
O2P PLP K . 5.59 -5.88 -34.39
O3P PLP K . 3.58 -7.19 -34.35
C1 COI L . 6.78 -1.92 -29.15
O1 COI L . 6.58 -1.93 -27.82
O2 COI L . 5.90 -1.60 -29.92
C2 COI L . 8.10 -2.30 -29.60
O3 COI L . 9.08 -2.64 -28.74
C3 COI L . 8.34 -2.28 -30.99
C4 COI L . 7.62 -3.34 -31.86
C5 COI L . 8.14 -4.78 -31.58
C6 COI L . 7.71 -3.02 -33.35
#